data_2RTX
#
_entry.id   2RTX
#
_entity_poly.entity_id   1
_entity_poly.type   'polypeptide(L)'
_entity_poly.pdbx_seq_one_letter_code
;MIVISRHVAIPDGELEITAIRAQGAGGQHVNKTSTAIHLRFDIRASSLPEYYKERLLAASHHLISSDGVIVIKAQEYRSQ
ELNREAALARLVAMIKELTTEKKARRPTRSGPSSGENLYFQ
;
_entity_poly.pdbx_strand_id   A
#
# COMPACT_ATOMS: atom_id res chain seq x y z
N MET A 1 -0.46 -12.05 7.94
CA MET A 1 1.01 -12.18 7.87
C MET A 1 1.68 -11.32 6.81
N ILE A 2 0.98 -10.65 5.87
CA ILE A 2 1.58 -9.78 4.84
C ILE A 2 2.91 -10.36 4.30
N VAL A 3 2.90 -11.65 3.94
CA VAL A 3 4.08 -12.35 3.42
C VAL A 3 4.44 -11.78 2.06
N ILE A 4 5.51 -10.98 2.01
CA ILE A 4 5.99 -10.38 0.79
C ILE A 4 6.99 -11.32 0.09
N SER A 5 7.83 -12.00 0.88
CA SER A 5 8.87 -12.90 0.38
C SER A 5 9.10 -14.07 1.34
N ARG A 6 10.00 -14.98 0.95
CA ARG A 6 10.38 -16.18 1.69
C ARG A 6 10.83 -15.91 3.12
N HIS A 7 11.35 -14.72 3.43
CA HIS A 7 11.81 -14.33 4.76
C HIS A 7 11.26 -12.95 5.15
N VAL A 8 10.16 -12.50 4.53
CA VAL A 8 9.54 -11.20 4.81
C VAL A 8 8.04 -11.39 4.94
N ALA A 9 7.47 -11.15 6.13
CA ALA A 9 6.04 -11.29 6.44
C ALA A 9 5.72 -10.54 7.74
N ILE A 10 5.03 -9.40 7.65
CA ILE A 10 4.66 -8.61 8.83
C ILE A 10 3.52 -9.32 9.58
N PRO A 11 3.60 -9.51 10.91
CA PRO A 11 2.55 -10.19 11.66
C PRO A 11 1.27 -9.33 11.85
N ASP A 12 1.10 -8.24 11.08
CA ASP A 12 -0.03 -7.30 11.08
C ASP A 12 -0.15 -6.48 12.38
N GLY A 13 0.87 -6.55 13.25
CA GLY A 13 0.91 -5.85 14.52
C GLY A 13 1.95 -4.74 14.54
N GLU A 14 2.86 -4.67 13.55
CA GLU A 14 3.89 -3.64 13.48
C GLU A 14 3.44 -2.40 12.70
N LEU A 15 2.15 -2.26 12.37
CA LEU A 15 1.63 -1.11 11.63
C LEU A 15 0.87 -0.16 12.57
N GLU A 16 0.52 1.03 12.08
CA GLU A 16 -0.24 2.04 12.81
C GLU A 16 -1.52 2.20 12.00
N ILE A 17 -2.58 1.51 12.43
CA ILE A 17 -3.88 1.53 11.77
C ILE A 17 -4.71 2.55 12.54
N THR A 18 -5.39 3.44 11.80
CA THR A 18 -6.20 4.48 12.39
C THR A 18 -7.48 4.70 11.58
N ALA A 19 -8.54 5.18 12.23
CA ALA A 19 -9.80 5.46 11.57
C ALA A 19 -9.76 6.87 11.00
N ILE A 20 -10.54 7.10 9.94
CA ILE A 20 -10.66 8.38 9.27
C ILE A 20 -12.11 8.60 8.89
N ARG A 21 -12.62 9.76 9.27
CA ARG A 21 -13.97 10.22 9.03
C ARG A 21 -13.95 11.70 8.70
N ALA A 22 -15.04 12.20 8.13
CA ALA A 22 -15.26 13.57 7.73
C ALA A 22 -16.66 13.99 8.22
N GLN A 23 -16.94 15.29 8.23
CA GLN A 23 -18.25 15.80 8.63
C GLN A 23 -19.20 15.67 7.43
N GLY A 24 -20.50 15.93 7.60
CA GLY A 24 -21.46 15.85 6.51
C GLY A 24 -21.31 17.10 5.63
N ALA A 25 -21.30 18.27 6.26
CA ALA A 25 -21.16 19.58 5.63
C ALA A 25 -19.86 19.69 4.81
N GLY A 26 -19.99 19.68 3.49
CA GLY A 26 -18.89 19.78 2.55
C GLY A 26 -19.11 20.98 1.62
N GLY A 27 -18.03 21.53 1.05
CA GLY A 27 -18.11 22.68 0.15
C GLY A 27 -18.21 22.29 -1.32
N GLN A 28 -18.38 21.01 -1.62
CA GLN A 28 -18.48 20.44 -2.96
C GLN A 28 -19.68 19.48 -3.01
N HIS A 29 -19.86 18.76 -4.12
CA HIS A 29 -20.95 17.80 -4.26
C HIS A 29 -20.58 16.58 -3.43
N VAL A 30 -21.08 16.49 -2.20
CA VAL A 30 -20.81 15.38 -1.31
C VAL A 30 -22.05 15.14 -0.44
N ASN A 31 -22.38 13.88 -0.21
CA ASN A 31 -23.51 13.47 0.61
C ASN A 31 -23.35 12.07 1.21
N LYS A 32 -22.41 11.26 0.71
CA LYS A 32 -22.17 9.92 1.24
C LYS A 32 -21.35 10.01 2.52
N THR A 33 -21.35 8.95 3.32
CA THR A 33 -20.60 8.88 4.56
C THR A 33 -19.11 8.64 4.23
N SER A 34 -18.23 8.72 5.23
CA SER A 34 -16.80 8.53 5.11
C SER A 34 -16.49 7.11 5.58
N THR A 35 -16.42 6.90 6.89
CA THR A 35 -16.16 5.61 7.53
C THR A 35 -14.96 4.84 6.92
N ALA A 36 -13.85 5.51 6.60
CA ALA A 36 -12.68 4.90 5.97
C ALA A 36 -11.58 4.51 6.98
N ILE A 37 -10.49 3.91 6.48
CA ILE A 37 -9.34 3.48 7.29
C ILE A 37 -8.06 4.05 6.68
N HIS A 38 -7.17 4.47 7.57
CA HIS A 38 -5.86 5.03 7.32
C HIS A 38 -4.88 3.96 7.77
N LEU A 39 -4.04 3.48 6.85
CA LEU A 39 -3.04 2.45 7.10
C LEU A 39 -1.70 3.16 6.92
N ARG A 40 -0.97 3.35 8.03
CA ARG A 40 0.33 3.98 8.08
C ARG A 40 1.33 2.89 8.49
N PHE A 41 2.38 2.68 7.70
CA PHE A 41 3.40 1.69 8.00
C PHE A 41 4.77 2.38 7.98
N ASP A 42 5.40 2.44 9.15
CA ASP A 42 6.71 3.03 9.39
C ASP A 42 7.74 1.96 9.06
N ILE A 43 8.34 2.00 7.88
CA ILE A 43 9.34 1.00 7.51
C ILE A 43 10.50 1.04 8.51
N ARG A 44 10.96 2.24 8.90
CA ARG A 44 12.06 2.38 9.84
C ARG A 44 11.81 1.62 11.14
N ALA A 45 10.55 1.53 11.56
CA ALA A 45 10.10 0.89 12.78
C ALA A 45 9.66 -0.55 12.59
N SER A 46 9.87 -1.15 11.42
CA SER A 46 9.43 -2.51 11.16
C SER A 46 10.58 -3.52 11.21
N SER A 47 10.24 -4.80 11.30
CA SER A 47 11.19 -5.92 11.33
C SER A 47 11.75 -6.18 9.92
N LEU A 48 11.42 -5.36 8.93
CA LEU A 48 11.90 -5.54 7.56
C LEU A 48 13.42 -5.57 7.44
N PRO A 49 13.95 -6.35 6.47
CA PRO A 49 15.38 -6.45 6.25
C PRO A 49 15.90 -5.10 5.76
N GLU A 50 17.18 -4.82 6.01
CA GLU A 50 17.83 -3.58 5.60
C GLU A 50 17.67 -3.36 4.09
N TYR A 51 17.77 -4.42 3.29
CA TYR A 51 17.62 -4.33 1.84
C TYR A 51 16.25 -3.74 1.50
N TYR A 52 15.18 -4.19 2.17
CA TYR A 52 13.84 -3.67 1.94
C TYR A 52 13.76 -2.26 2.50
N LYS A 53 14.34 -2.00 3.69
CA LYS A 53 14.30 -0.66 4.29
C LYS A 53 14.83 0.36 3.29
N GLU A 54 15.98 0.10 2.68
CA GLU A 54 16.58 0.98 1.68
C GLU A 54 15.71 1.06 0.42
N ARG A 55 15.18 -0.06 -0.04
CA ARG A 55 14.35 -0.09 -1.26
C ARG A 55 13.12 0.77 -1.11
N LEU A 56 12.43 0.67 0.02
CA LEU A 56 11.23 1.41 0.32
C LEU A 56 11.57 2.88 0.57
N LEU A 57 12.63 3.19 1.30
CA LEU A 57 13.03 4.57 1.59
C LEU A 57 13.50 5.32 0.35
N ALA A 58 14.28 4.66 -0.50
CA ALA A 58 14.83 5.28 -1.70
C ALA A 58 13.79 5.39 -2.80
N ALA A 59 12.61 4.80 -2.61
CA ALA A 59 11.57 4.85 -3.61
C ALA A 59 11.02 6.27 -3.77
N SER A 60 10.17 6.47 -4.77
CA SER A 60 9.56 7.74 -5.08
C SER A 60 8.08 7.46 -5.37
N HIS A 61 7.21 7.66 -4.38
CA HIS A 61 5.78 7.43 -4.54
C HIS A 61 5.02 8.59 -3.93
N HIS A 62 3.97 9.01 -4.61
CA HIS A 62 3.07 10.08 -4.20
C HIS A 62 2.29 9.74 -2.91
N LEU A 63 2.47 8.54 -2.34
CA LEU A 63 1.83 8.03 -1.13
C LEU A 63 2.84 7.78 0.00
N ILE A 64 4.15 7.92 -0.24
CA ILE A 64 5.19 7.68 0.76
C ILE A 64 5.84 9.00 1.16
N SER A 65 6.46 9.03 2.34
CA SER A 65 7.19 10.14 2.91
C SER A 65 8.65 9.68 2.98
N SER A 66 9.58 10.57 2.61
CA SER A 66 11.03 10.37 2.63
C SER A 66 11.53 9.95 4.03
N ASP A 67 10.73 10.25 5.04
CA ASP A 67 10.95 9.98 6.46
C ASP A 67 11.12 8.47 6.69
N GLY A 68 10.35 7.67 5.94
CA GLY A 68 10.34 6.23 5.99
C GLY A 68 8.96 5.70 6.36
N VAL A 69 7.89 6.33 5.85
CA VAL A 69 6.52 5.97 6.15
C VAL A 69 5.69 5.93 4.86
N ILE A 70 4.86 4.89 4.71
CA ILE A 70 3.94 4.66 3.59
C ILE A 70 2.55 4.94 4.17
N VAL A 71 1.67 5.62 3.43
CA VAL A 71 0.31 5.94 3.85
C VAL A 71 -0.68 5.42 2.80
N ILE A 72 -1.72 4.71 3.23
CA ILE A 72 -2.77 4.14 2.39
C ILE A 72 -4.11 4.54 3.00
N LYS A 73 -5.13 4.74 2.16
CA LYS A 73 -6.46 5.14 2.57
C LYS A 73 -7.47 4.26 1.85
N ALA A 74 -7.95 3.20 2.51
CA ALA A 74 -8.93 2.30 1.91
C ALA A 74 -10.31 2.82 2.27
N GLN A 75 -11.16 2.92 1.25
CA GLN A 75 -12.53 3.39 1.36
C GLN A 75 -13.30 2.78 0.20
N GLU A 76 -14.26 1.91 0.54
CA GLU A 76 -15.09 1.19 -0.42
C GLU A 76 -16.36 0.67 0.28
N TYR A 77 -16.17 0.01 1.41
CA TYR A 77 -17.26 -0.60 2.17
C TYR A 77 -17.97 0.41 3.06
N ARG A 78 -19.16 0.10 3.56
CA ARG A 78 -19.92 1.01 4.41
C ARG A 78 -19.51 0.95 5.89
N SER A 79 -18.62 0.03 6.29
CA SER A 79 -18.17 -0.13 7.66
C SER A 79 -16.76 0.45 7.81
N GLN A 80 -16.12 0.31 8.99
CA GLN A 80 -14.76 0.78 9.28
C GLN A 80 -13.92 -0.43 9.71
N GLU A 81 -14.32 -1.62 9.28
CA GLU A 81 -13.73 -2.91 9.57
C GLU A 81 -13.29 -3.67 8.33
N LEU A 82 -13.94 -3.42 7.21
CA LEU A 82 -13.64 -4.08 5.95
C LEU A 82 -12.56 -3.29 5.20
N ASN A 83 -12.42 -1.99 5.48
CA ASN A 83 -11.44 -1.18 4.81
C ASN A 83 -10.05 -1.45 5.40
N ARG A 84 -9.96 -1.92 6.66
CA ARG A 84 -8.65 -2.21 7.27
C ARG A 84 -8.00 -3.36 6.51
N GLU A 85 -8.79 -4.31 6.00
CA GLU A 85 -8.25 -5.41 5.22
C GLU A 85 -8.09 -4.96 3.77
N ALA A 86 -8.96 -4.10 3.21
CA ALA A 86 -8.77 -3.66 1.82
C ALA A 86 -7.49 -2.82 1.66
N ALA A 87 -6.97 -2.27 2.76
CA ALA A 87 -5.77 -1.45 2.77
C ALA A 87 -4.50 -2.32 2.67
N LEU A 88 -4.45 -3.50 3.33
CA LEU A 88 -3.29 -4.37 3.29
C LEU A 88 -2.95 -4.81 1.87
N ALA A 89 -3.97 -5.03 1.02
CA ALA A 89 -3.77 -5.45 -0.35
C ALA A 89 -2.94 -4.42 -1.10
N ARG A 90 -3.20 -3.14 -0.84
CA ARG A 90 -2.51 -2.03 -1.47
C ARG A 90 -1.07 -1.96 -0.97
N LEU A 91 -0.84 -2.22 0.34
CA LEU A 91 0.48 -2.18 0.94
C LEU A 91 1.38 -3.24 0.30
N VAL A 92 0.93 -4.49 0.34
CA VAL A 92 1.67 -5.62 -0.25
C VAL A 92 2.06 -5.35 -1.70
N ALA A 93 1.18 -4.70 -2.45
CA ALA A 93 1.37 -4.42 -3.85
C ALA A 93 2.45 -3.38 -4.09
N MET A 94 2.30 -2.21 -3.47
CA MET A 94 3.28 -1.14 -3.64
C MET A 94 4.63 -1.64 -3.14
N ILE A 95 4.70 -2.37 -2.03
CA ILE A 95 5.97 -2.88 -1.52
C ILE A 95 6.62 -3.72 -2.62
N LYS A 96 5.89 -4.67 -3.23
CA LYS A 96 6.43 -5.55 -4.26
C LYS A 96 6.90 -4.80 -5.50
N GLU A 97 6.35 -3.62 -5.78
CA GLU A 97 6.70 -2.81 -6.93
C GLU A 97 7.95 -1.99 -6.62
N LEU A 98 7.98 -1.32 -5.47
CA LEU A 98 9.10 -0.47 -5.06
C LEU A 98 10.37 -1.28 -4.76
N THR A 99 10.22 -2.52 -4.32
CA THR A 99 11.37 -3.40 -4.02
C THR A 99 11.94 -4.03 -5.29
N THR A 100 11.20 -4.04 -6.40
CA THR A 100 11.63 -4.62 -7.67
C THR A 100 12.02 -3.49 -8.63
N GLU A 101 12.04 -3.80 -9.91
CA GLU A 101 12.40 -2.96 -11.03
C GLU A 101 11.51 -3.28 -12.24
N LYS A 102 11.38 -4.56 -12.62
CA LYS A 102 10.60 -5.02 -13.77
C LYS A 102 10.32 -6.52 -13.64
N LYS A 103 9.11 -6.99 -13.96
CA LYS A 103 8.75 -8.42 -13.88
C LYS A 103 7.42 -8.65 -14.59
N ALA A 104 7.18 -9.86 -15.08
CA ALA A 104 5.94 -10.27 -15.76
C ALA A 104 5.51 -11.70 -15.35
N ARG A 105 6.34 -12.43 -14.59
CA ARG A 105 6.06 -13.81 -14.15
C ARG A 105 4.87 -13.86 -13.18
N ARG A 106 4.70 -12.83 -12.36
CA ARG A 106 3.60 -12.69 -11.41
C ARG A 106 2.58 -11.76 -12.09
N PRO A 107 1.32 -11.71 -11.69
CA PRO A 107 0.38 -10.80 -12.30
C PRO A 107 0.87 -9.39 -11.93
N THR A 108 0.94 -8.50 -12.90
CA THR A 108 1.37 -7.12 -12.80
C THR A 108 0.59 -6.38 -13.88
N ARG A 109 -0.12 -5.30 -13.54
CA ARG A 109 -0.89 -4.54 -14.50
C ARG A 109 -1.00 -3.12 -13.96
N SER A 110 -0.27 -2.18 -14.54
CA SER A 110 -0.31 -0.77 -14.13
C SER A 110 -1.66 -0.19 -14.57
N GLY A 111 -1.93 1.07 -14.25
CA GLY A 111 -3.18 1.73 -14.64
C GLY A 111 -3.11 3.20 -14.26
N PRO A 112 -4.21 3.95 -14.42
CA PRO A 112 -4.24 5.36 -14.07
C PRO A 112 -4.13 5.50 -12.54
N SER A 113 -4.07 6.74 -12.04
CA SER A 113 -3.95 6.99 -10.62
C SER A 113 -4.70 8.28 -10.28
N SER A 114 -5.45 8.30 -9.18
CA SER A 114 -6.22 9.43 -8.70
C SER A 114 -5.83 9.65 -7.23
N GLY A 115 -5.03 10.67 -6.91
CA GLY A 115 -4.64 10.91 -5.53
C GLY A 115 -3.69 12.08 -5.41
N GLU A 116 -3.65 12.65 -4.21
CA GLU A 116 -2.81 13.77 -3.80
C GLU A 116 -2.38 13.48 -2.35
N ASN A 117 -1.52 14.31 -1.77
CA ASN A 117 -1.02 14.14 -0.41
C ASN A 117 -1.14 15.49 0.30
N LEU A 118 -1.12 15.48 1.63
CA LEU A 118 -1.23 16.67 2.45
C LEU A 118 0.00 16.79 3.31
N TYR A 119 0.91 17.63 2.86
CA TYR A 119 2.15 17.91 3.55
C TYR A 119 1.79 18.86 4.70
N PHE A 120 2.35 18.67 5.89
CA PHE A 120 2.10 19.49 7.05
C PHE A 120 3.31 20.40 7.22
N GLN A 121 2.98 21.62 7.63
CA GLN A 121 3.85 22.76 7.90
C GLN A 121 3.30 23.47 9.14
N MET A 1 -0.26 -12.02 8.06
CA MET A 1 1.18 -12.30 7.94
C MET A 1 1.87 -11.50 6.85
N ILE A 2 1.17 -10.86 5.91
CA ILE A 2 1.75 -10.01 4.85
C ILE A 2 3.08 -10.62 4.33
N VAL A 3 3.08 -11.91 4.01
CA VAL A 3 4.29 -12.58 3.52
C VAL A 3 4.60 -12.07 2.12
N ILE A 4 5.56 -11.15 2.03
CA ILE A 4 6.01 -10.55 0.79
C ILE A 4 7.04 -11.44 0.11
N SER A 5 7.99 -11.96 0.89
CA SER A 5 9.09 -12.80 0.45
C SER A 5 9.33 -13.90 1.50
N ARG A 6 10.19 -14.87 1.17
CA ARG A 6 10.53 -16.01 2.03
C ARG A 6 10.90 -15.63 3.46
N HIS A 7 11.56 -14.48 3.64
CA HIS A 7 12.00 -13.99 4.95
C HIS A 7 11.38 -12.63 5.30
N VAL A 8 10.25 -12.27 4.67
CA VAL A 8 9.57 -10.99 4.89
C VAL A 8 8.08 -11.27 5.06
N ALA A 9 7.55 -11.17 6.28
CA ALA A 9 6.15 -11.40 6.61
C ALA A 9 5.75 -10.68 7.90
N ILE A 10 5.05 -9.56 7.79
CA ILE A 10 4.58 -8.75 8.92
C ILE A 10 3.37 -9.42 9.58
N PRO A 11 3.33 -9.63 10.91
CA PRO A 11 2.22 -10.29 11.60
C PRO A 11 0.91 -9.49 11.69
N ASP A 12 0.75 -8.38 10.94
CA ASP A 12 -0.44 -7.52 10.93
C ASP A 12 -0.64 -6.75 12.24
N GLY A 13 0.36 -6.76 13.13
CA GLY A 13 0.34 -6.06 14.42
C GLY A 13 1.45 -5.02 14.53
N GLU A 14 2.37 -4.95 13.55
CA GLU A 14 3.49 -4.01 13.54
C GLU A 14 3.18 -2.69 12.80
N LEU A 15 2.02 -2.56 12.14
CA LEU A 15 1.64 -1.36 11.40
C LEU A 15 0.86 -0.42 12.32
N GLU A 16 0.60 0.81 11.87
CA GLU A 16 -0.13 1.81 12.61
C GLU A 16 -1.40 2.14 11.81
N ILE A 17 -2.51 1.53 12.18
CA ILE A 17 -3.79 1.74 11.51
C ILE A 17 -4.54 2.83 12.29
N THR A 18 -5.33 3.63 11.61
CA THR A 18 -6.11 4.71 12.18
C THR A 18 -7.45 4.86 11.45
N ALA A 19 -8.44 5.49 12.10
CA ALA A 19 -9.76 5.69 11.52
C ALA A 19 -9.87 7.08 10.90
N ILE A 20 -10.63 7.18 9.81
CA ILE A 20 -10.87 8.42 9.09
C ILE A 20 -12.30 8.48 8.56
N ARG A 21 -12.85 9.68 8.46
CA ARG A 21 -14.20 9.93 7.95
C ARG A 21 -14.21 11.19 7.12
N ALA A 22 -15.23 11.41 6.30
CA ALA A 22 -15.34 12.60 5.48
C ALA A 22 -16.47 13.42 6.09
N GLN A 23 -16.15 14.48 6.83
CA GLN A 23 -17.12 15.37 7.47
C GLN A 23 -16.34 16.54 8.03
N GLY A 24 -16.64 17.73 7.53
CA GLY A 24 -16.00 18.99 7.92
C GLY A 24 -14.69 19.15 7.18
N ALA A 25 -14.18 20.38 7.15
CA ALA A 25 -12.94 20.75 6.47
C ALA A 25 -11.75 19.90 6.94
N GLY A 26 -11.23 19.07 6.04
CA GLY A 26 -10.10 18.20 6.25
C GLY A 26 -9.30 18.22 4.96
N GLY A 27 -8.32 19.12 4.90
CA GLY A 27 -7.43 19.37 3.77
C GLY A 27 -8.22 19.26 2.46
N GLN A 28 -7.86 18.28 1.63
CA GLN A 28 -8.51 18.02 0.35
C GLN A 28 -9.03 16.57 0.31
N HIS A 29 -8.73 15.77 1.34
CA HIS A 29 -9.16 14.37 1.43
C HIS A 29 -10.64 14.26 1.81
N VAL A 30 -11.25 15.34 2.28
CA VAL A 30 -12.65 15.45 2.69
C VAL A 30 -13.65 14.96 1.61
N ASN A 31 -13.32 15.06 0.32
CA ASN A 31 -14.20 14.61 -0.78
C ASN A 31 -14.37 13.08 -0.82
N LYS A 32 -13.49 12.31 -0.17
CA LYS A 32 -13.62 10.85 -0.20
C LYS A 32 -14.79 10.38 0.67
N THR A 33 -14.97 9.06 0.86
CA THR A 33 -16.06 8.51 1.66
C THR A 33 -15.75 8.54 3.16
N SER A 34 -16.72 8.14 3.99
CA SER A 34 -16.65 8.11 5.44
C SER A 34 -16.52 6.67 5.95
N THR A 35 -16.30 6.52 7.26
CA THR A 35 -16.14 5.24 7.94
C THR A 35 -15.02 4.44 7.26
N ALA A 36 -13.95 5.15 6.89
CA ALA A 36 -12.79 4.65 6.19
C ALA A 36 -11.63 4.34 7.13
N ILE A 37 -10.56 3.79 6.58
CA ILE A 37 -9.36 3.43 7.32
C ILE A 37 -8.13 4.03 6.64
N HIS A 38 -7.20 4.39 7.50
CA HIS A 38 -5.91 4.97 7.25
C HIS A 38 -4.90 3.92 7.73
N LEU A 39 -3.93 3.55 6.91
CA LEU A 39 -2.89 2.58 7.25
C LEU A 39 -1.59 3.33 7.08
N ARG A 40 -0.71 3.23 8.08
CA ARG A 40 0.59 3.86 8.09
C ARG A 40 1.59 2.79 8.49
N PHE A 41 2.68 2.68 7.74
CA PHE A 41 3.75 1.73 7.97
C PHE A 41 5.08 2.48 7.89
N ASP A 42 5.84 2.51 8.98
CA ASP A 42 7.14 3.19 9.08
C ASP A 42 8.26 2.18 8.94
N ILE A 43 9.05 2.28 7.87
CA ILE A 43 10.17 1.37 7.62
C ILE A 43 11.18 1.43 8.77
N ARG A 44 11.46 2.63 9.30
CA ARG A 44 12.40 2.81 10.40
C ARG A 44 11.91 2.17 11.70
N ALA A 45 10.63 1.80 11.77
CA ALA A 45 10.01 1.14 12.92
C ALA A 45 9.63 -0.30 12.58
N SER A 46 10.25 -0.93 11.56
CA SER A 46 9.93 -2.29 11.16
C SER A 46 11.07 -3.31 11.14
N SER A 47 10.70 -4.58 11.20
CA SER A 47 11.55 -5.77 11.18
C SER A 47 11.96 -6.10 9.73
N LEU A 48 11.68 -5.22 8.74
CA LEU A 48 12.01 -5.48 7.35
C LEU A 48 13.52 -5.54 7.14
N PRO A 49 13.98 -6.37 6.18
CA PRO A 49 15.39 -6.52 5.89
C PRO A 49 16.00 -5.24 5.32
N GLU A 50 17.32 -5.13 5.42
CA GLU A 50 18.09 -3.99 4.94
C GLU A 50 17.82 -3.67 3.46
N TYR A 51 17.67 -4.69 2.61
CA TYR A 51 17.42 -4.52 1.19
C TYR A 51 16.11 -3.76 1.05
N TYR A 52 15.06 -4.26 1.72
CA TYR A 52 13.77 -3.61 1.66
C TYR A 52 13.85 -2.23 2.31
N LYS A 53 14.69 -2.02 3.34
CA LYS A 53 14.77 -0.71 3.97
C LYS A 53 15.20 0.32 2.94
N GLU A 54 16.34 0.09 2.29
CA GLU A 54 16.81 1.03 1.29
C GLU A 54 15.80 1.21 0.17
N ARG A 55 15.22 0.11 -0.31
CA ARG A 55 14.27 0.13 -1.42
C ARG A 55 13.06 1.00 -1.12
N LEU A 56 12.43 0.79 0.03
CA LEU A 56 11.25 1.56 0.40
C LEU A 56 11.61 2.99 0.81
N LEU A 57 12.80 3.24 1.39
CA LEU A 57 13.20 4.59 1.77
C LEU A 57 13.55 5.40 0.52
N ALA A 58 14.07 4.74 -0.51
CA ALA A 58 14.45 5.32 -1.79
C ALA A 58 13.28 5.30 -2.80
N ALA A 59 12.13 4.76 -2.40
CA ALA A 59 10.94 4.65 -3.22
C ALA A 59 10.38 6.01 -3.61
N SER A 60 10.13 6.21 -4.90
CA SER A 60 9.60 7.45 -5.42
C SER A 60 8.10 7.22 -5.68
N HIS A 61 7.28 7.42 -4.64
CA HIS A 61 5.84 7.27 -4.67
C HIS A 61 5.15 8.44 -3.98
N HIS A 62 4.12 9.01 -4.60
CA HIS A 62 3.33 10.12 -4.04
C HIS A 62 2.54 9.71 -2.78
N LEU A 63 2.66 8.44 -2.34
CA LEU A 63 1.99 7.89 -1.17
C LEU A 63 2.97 7.60 -0.03
N ILE A 64 4.28 7.74 -0.23
CA ILE A 64 5.28 7.52 0.80
C ILE A 64 5.83 8.89 1.17
N SER A 65 5.99 9.12 2.46
CA SER A 65 6.52 10.38 2.99
C SER A 65 8.03 10.23 3.05
N SER A 66 8.78 11.32 2.89
CA SER A 66 10.25 11.34 2.89
C SER A 66 10.93 10.75 4.13
N ASP A 67 10.21 10.48 5.21
CA ASP A 67 10.76 9.88 6.42
C ASP A 67 10.77 8.34 6.28
N GLY A 68 10.31 7.80 5.14
CA GLY A 68 10.22 6.38 4.83
C GLY A 68 8.92 5.79 5.37
N VAL A 69 7.88 6.60 5.55
CA VAL A 69 6.61 6.13 6.09
C VAL A 69 5.59 6.00 4.95
N ILE A 70 5.15 4.79 4.67
CA ILE A 70 4.16 4.45 3.64
C ILE A 70 2.79 4.72 4.26
N VAL A 71 1.90 5.39 3.52
CA VAL A 71 0.55 5.72 3.97
C VAL A 71 -0.43 5.22 2.90
N ILE A 72 -1.56 4.61 3.29
CA ILE A 72 -2.61 4.09 2.42
C ILE A 72 -3.94 4.54 3.02
N LYS A 73 -4.90 4.87 2.17
CA LYS A 73 -6.23 5.30 2.59
C LYS A 73 -7.17 4.39 1.80
N ALA A 74 -7.63 3.33 2.43
CA ALA A 74 -8.52 2.35 1.82
C ALA A 74 -9.94 2.69 2.21
N GLN A 75 -10.79 2.94 1.22
CA GLN A 75 -12.17 3.27 1.47
C GLN A 75 -12.99 2.76 0.29
N GLU A 76 -13.84 1.77 0.55
CA GLU A 76 -14.72 1.11 -0.43
C GLU A 76 -15.95 0.58 0.30
N TYR A 77 -15.78 0.11 1.54
CA TYR A 77 -16.84 -0.44 2.38
C TYR A 77 -17.42 0.67 3.26
N ARG A 78 -18.52 0.40 3.97
CA ARG A 78 -19.20 1.33 4.86
C ARG A 78 -18.95 1.01 6.34
N SER A 79 -18.21 -0.06 6.63
CA SER A 79 -17.89 -0.49 7.97
C SER A 79 -16.37 -0.44 8.12
N GLN A 80 -15.93 0.29 9.15
CA GLN A 80 -14.57 0.59 9.57
C GLN A 80 -13.78 -0.65 10.04
N GLU A 81 -14.20 -1.83 9.62
CA GLU A 81 -13.67 -3.14 9.90
C GLU A 81 -13.25 -3.83 8.60
N LEU A 82 -13.85 -3.48 7.47
CA LEU A 82 -13.54 -4.07 6.17
C LEU A 82 -12.54 -3.18 5.44
N ASN A 83 -12.63 -1.86 5.64
CA ASN A 83 -11.72 -0.93 5.00
C ASN A 83 -10.26 -1.18 5.42
N ARG A 84 -10.04 -1.77 6.61
CA ARG A 84 -8.71 -2.08 7.11
C ARG A 84 -8.11 -3.25 6.35
N GLU A 85 -8.88 -4.32 6.11
CA GLU A 85 -8.37 -5.48 5.38
C GLU A 85 -8.14 -5.18 3.90
N ALA A 86 -8.65 -4.05 3.41
CA ALA A 86 -8.47 -3.62 2.04
C ALA A 86 -7.17 -2.80 1.91
N ALA A 87 -6.69 -2.20 3.01
CA ALA A 87 -5.48 -1.40 3.02
C ALA A 87 -4.23 -2.29 2.94
N LEU A 88 -4.23 -3.40 3.68
CA LEU A 88 -3.10 -4.33 3.69
C LEU A 88 -2.75 -4.80 2.28
N ALA A 89 -3.76 -5.07 1.45
CA ALA A 89 -3.58 -5.54 0.08
C ALA A 89 -2.71 -4.58 -0.72
N ARG A 90 -3.03 -3.29 -0.65
CA ARG A 90 -2.33 -2.22 -1.36
C ARG A 90 -0.89 -2.08 -0.90
N LEU A 91 -0.63 -2.27 0.39
CA LEU A 91 0.72 -2.16 0.95
C LEU A 91 1.61 -3.23 0.33
N VAL A 92 1.13 -4.47 0.39
CA VAL A 92 1.86 -5.61 -0.17
C VAL A 92 2.23 -5.35 -1.65
N ALA A 93 1.27 -4.83 -2.41
CA ALA A 93 1.39 -4.56 -3.85
C ALA A 93 2.44 -3.51 -4.18
N MET A 94 2.35 -2.31 -3.63
CA MET A 94 3.33 -1.26 -3.89
C MET A 94 4.70 -1.75 -3.45
N ILE A 95 4.80 -2.54 -2.36
CA ILE A 95 6.09 -3.04 -1.94
C ILE A 95 6.65 -3.92 -3.07
N LYS A 96 5.83 -4.83 -3.62
CA LYS A 96 6.18 -5.73 -4.73
C LYS A 96 6.41 -5.00 -6.06
N GLU A 97 6.55 -3.67 -6.06
CA GLU A 97 6.80 -2.83 -7.21
C GLU A 97 8.02 -1.94 -6.93
N LEU A 98 8.18 -1.50 -5.69
CA LEU A 98 9.30 -0.65 -5.26
C LEU A 98 10.55 -1.49 -5.01
N THR A 99 10.41 -2.79 -4.68
CA THR A 99 11.54 -3.68 -4.41
C THR A 99 11.80 -4.66 -5.56
N THR A 100 10.83 -4.90 -6.46
CA THR A 100 10.97 -5.83 -7.56
C THR A 100 10.06 -5.43 -8.73
N GLU A 101 10.12 -6.19 -9.83
CA GLU A 101 9.31 -5.94 -11.02
C GLU A 101 8.01 -6.76 -10.87
N LYS A 102 6.96 -6.45 -11.64
CA LYS A 102 5.68 -7.14 -11.59
C LYS A 102 5.53 -8.20 -12.68
N LYS A 103 4.94 -9.37 -12.38
CA LYS A 103 4.71 -10.44 -13.37
C LYS A 103 3.50 -11.27 -12.99
N ALA A 104 2.97 -12.03 -13.95
CA ALA A 104 1.80 -12.89 -13.82
C ALA A 104 0.66 -12.12 -13.14
N ARG A 105 0.33 -10.95 -13.69
CA ARG A 105 -0.73 -10.09 -13.16
C ARG A 105 -2.12 -10.58 -13.59
N ARG A 106 -3.14 -9.79 -13.24
CA ARG A 106 -4.54 -10.05 -13.56
C ARG A 106 -4.76 -10.02 -15.08
N PRO A 107 -5.85 -10.62 -15.59
CA PRO A 107 -6.14 -10.65 -17.01
C PRO A 107 -6.50 -9.25 -17.50
N THR A 108 -5.61 -8.61 -18.23
CA THR A 108 -5.77 -7.27 -18.81
C THR A 108 -6.66 -7.28 -20.07
N ARG A 109 -7.55 -8.27 -20.18
CA ARG A 109 -8.47 -8.44 -21.31
C ARG A 109 -9.91 -8.76 -20.88
N SER A 110 -10.22 -8.75 -19.58
CA SER A 110 -11.58 -9.02 -19.11
C SER A 110 -12.45 -7.85 -19.55
N GLY A 111 -13.55 -8.14 -20.26
CA GLY A 111 -14.51 -7.16 -20.75
C GLY A 111 -14.52 -7.15 -22.29
N PRO A 112 -13.66 -6.37 -22.96
CA PRO A 112 -13.62 -6.29 -24.41
C PRO A 112 -13.16 -7.60 -25.07
N SER A 113 -13.33 -7.68 -26.39
CA SER A 113 -12.97 -8.82 -27.23
C SER A 113 -13.69 -10.13 -26.83
N SER A 114 -14.72 -10.07 -25.99
CA SER A 114 -15.50 -11.23 -25.56
C SER A 114 -16.51 -11.62 -26.64
N GLY A 115 -16.87 -10.69 -27.54
CA GLY A 115 -17.81 -10.93 -28.61
C GLY A 115 -19.24 -10.96 -28.08
N GLU A 116 -20.15 -11.40 -28.93
CA GLU A 116 -21.58 -11.53 -28.67
C GLU A 116 -21.97 -12.97 -29.07
N ASN A 117 -23.25 -13.35 -28.96
CA ASN A 117 -23.72 -14.68 -29.32
C ASN A 117 -24.97 -14.51 -30.16
N LEU A 118 -24.77 -14.19 -31.44
CA LEU A 118 -25.84 -14.01 -32.40
C LEU A 118 -26.20 -15.40 -32.90
N TYR A 119 -27.19 -16.01 -32.27
CA TYR A 119 -27.65 -17.33 -32.62
C TYR A 119 -28.63 -17.22 -33.79
N PHE A 120 -28.72 -18.30 -34.55
CA PHE A 120 -29.59 -18.46 -35.69
C PHE A 120 -30.00 -19.93 -35.59
N GLN A 121 -31.15 -20.15 -34.94
CA GLN A 121 -31.79 -21.42 -34.68
C GLN A 121 -33.27 -21.11 -34.52
N MET A 1 -0.35 -11.75 8.13
CA MET A 1 1.10 -11.98 8.04
C MET A 1 1.77 -11.20 6.91
N ILE A 2 1.06 -10.59 5.95
CA ILE A 2 1.63 -9.78 4.88
C ILE A 2 2.92 -10.40 4.33
N VAL A 3 2.86 -11.68 3.96
CA VAL A 3 4.02 -12.39 3.44
C VAL A 3 4.34 -11.83 2.06
N ILE A 4 5.43 -11.10 1.98
CA ILE A 4 5.92 -10.49 0.74
C ILE A 4 6.93 -11.46 0.12
N SER A 5 7.72 -12.15 0.94
CA SER A 5 8.73 -13.09 0.51
C SER A 5 9.08 -14.05 1.66
N ARG A 6 10.00 -14.98 1.41
CA ARG A 6 10.48 -16.00 2.33
C ARG A 6 10.74 -15.44 3.73
N HIS A 7 11.55 -14.39 3.85
CA HIS A 7 11.92 -13.77 5.11
C HIS A 7 11.28 -12.39 5.29
N VAL A 8 10.17 -12.09 4.61
CA VAL A 8 9.50 -10.82 4.70
C VAL A 8 8.01 -11.08 4.93
N ALA A 9 7.55 -10.86 6.16
CA ALA A 9 6.15 -11.07 6.57
C ALA A 9 5.84 -10.18 7.78
N ILE A 10 4.97 -9.18 7.62
CA ILE A 10 4.56 -8.26 8.69
C ILE A 10 3.28 -8.86 9.32
N PRO A 11 3.22 -9.16 10.63
CA PRO A 11 2.02 -9.76 11.21
C PRO A 11 0.71 -8.97 11.05
N ASP A 12 0.79 -7.66 10.80
CA ASP A 12 -0.25 -6.62 10.61
C ASP A 12 -0.56 -5.89 11.93
N GLY A 13 0.20 -6.19 12.99
CA GLY A 13 0.06 -5.60 14.32
C GLY A 13 1.07 -4.48 14.55
N GLU A 14 2.27 -4.59 13.97
CA GLU A 14 3.36 -3.61 14.07
C GLU A 14 3.06 -2.31 13.32
N LEU A 15 1.97 -2.30 12.56
CA LEU A 15 1.51 -1.21 11.74
C LEU A 15 0.56 -0.30 12.50
N GLU A 16 0.57 0.98 12.15
CA GLU A 16 -0.24 2.00 12.80
C GLU A 16 -1.52 2.18 11.99
N ILE A 17 -2.56 1.48 12.42
CA ILE A 17 -3.89 1.45 11.82
C ILE A 17 -4.79 2.37 12.61
N THR A 18 -5.52 3.25 11.92
CA THR A 18 -6.42 4.19 12.55
C THR A 18 -7.73 4.37 11.80
N ALA A 19 -8.76 4.74 12.56
CA ALA A 19 -10.08 5.00 12.02
C ALA A 19 -10.16 6.46 11.61
N ILE A 20 -10.74 6.69 10.44
CA ILE A 20 -10.93 8.01 9.85
C ILE A 20 -12.37 8.06 9.32
N ARG A 21 -13.02 9.20 9.48
CA ARG A 21 -14.40 9.42 9.05
C ARG A 21 -14.48 10.82 8.49
N ALA A 22 -14.47 10.96 7.17
CA ALA A 22 -14.53 12.23 6.50
C ALA A 22 -15.51 12.15 5.35
N GLN A 23 -16.53 13.01 5.32
CA GLN A 23 -17.53 13.01 4.26
C GLN A 23 -16.87 13.29 2.91
N GLY A 24 -17.56 13.01 1.80
CA GLY A 24 -17.00 13.24 0.48
C GLY A 24 -18.08 13.42 -0.58
N ALA A 25 -17.79 14.24 -1.58
CA ALA A 25 -18.68 14.55 -2.69
C ALA A 25 -18.84 13.30 -3.56
N GLY A 26 -20.06 13.05 -4.07
CA GLY A 26 -20.38 11.93 -4.94
C GLY A 26 -21.35 12.41 -6.00
N GLY A 27 -20.81 12.81 -7.16
CA GLY A 27 -21.57 13.32 -8.30
C GLY A 27 -22.50 14.46 -7.88
N GLN A 28 -23.80 14.17 -7.87
CA GLN A 28 -24.91 15.06 -7.51
C GLN A 28 -24.81 15.53 -6.06
N HIS A 29 -25.69 16.45 -5.66
CA HIS A 29 -25.74 16.96 -4.30
C HIS A 29 -26.22 15.82 -3.38
N VAL A 30 -25.30 15.27 -2.61
CA VAL A 30 -25.53 14.17 -1.68
C VAL A 30 -24.77 14.42 -0.37
N ASN A 31 -25.18 13.75 0.70
CA ASN A 31 -24.52 13.85 2.00
C ASN A 31 -24.85 12.60 2.81
N LYS A 32 -23.80 11.93 3.28
CA LYS A 32 -23.82 10.72 4.09
C LYS A 32 -22.55 10.73 4.94
N THR A 33 -22.53 9.88 5.95
CA THR A 33 -21.40 9.71 6.86
C THR A 33 -20.28 9.00 6.09
N SER A 34 -19.17 8.68 6.74
CA SER A 34 -18.05 7.99 6.11
C SER A 34 -17.41 7.07 7.14
N THR A 35 -16.86 5.97 6.65
CA THR A 35 -16.22 4.93 7.43
C THR A 35 -15.01 4.47 6.61
N ALA A 36 -13.81 4.92 6.97
CA ALA A 36 -12.58 4.58 6.27
C ALA A 36 -11.48 4.20 7.25
N ILE A 37 -10.36 3.73 6.71
CA ILE A 37 -9.20 3.32 7.51
C ILE A 37 -7.96 3.97 6.92
N HIS A 38 -7.09 4.35 7.83
CA HIS A 38 -5.80 4.97 7.63
C HIS A 38 -4.80 3.88 7.98
N LEU A 39 -3.96 3.48 7.03
CA LEU A 39 -2.94 2.47 7.19
C LEU A 39 -1.61 3.21 7.06
N ARG A 40 -0.72 3.08 8.04
CA ARG A 40 0.59 3.70 8.08
C ARG A 40 1.62 2.66 8.52
N PHE A 41 2.62 2.41 7.68
CA PHE A 41 3.71 1.47 7.93
C PHE A 41 5.01 2.26 8.00
N ASP A 42 5.74 2.12 9.11
CA ASP A 42 7.02 2.79 9.39
C ASP A 42 8.14 1.79 9.14
N ILE A 43 8.81 1.93 7.99
CA ILE A 43 9.89 1.04 7.60
C ILE A 43 11.11 1.15 8.52
N ARG A 44 11.50 2.35 8.97
CA ARG A 44 12.67 2.47 9.85
C ARG A 44 12.46 1.61 11.09
N ALA A 45 11.22 1.62 11.58
CA ALA A 45 10.72 0.91 12.75
C ALA A 45 10.27 -0.50 12.41
N SER A 46 10.63 -1.05 11.25
CA SER A 46 10.19 -2.37 10.86
C SER A 46 11.27 -3.43 11.04
N SER A 47 10.84 -4.70 10.98
CA SER A 47 11.67 -5.88 11.09
C SER A 47 12.20 -6.28 9.70
N LEU A 48 11.90 -5.48 8.67
CA LEU A 48 12.32 -5.71 7.29
C LEU A 48 13.83 -5.78 7.11
N PRO A 49 14.29 -6.46 6.03
CA PRO A 49 15.72 -6.57 5.72
C PRO A 49 16.24 -5.22 5.21
N GLU A 50 17.55 -4.98 5.31
CA GLU A 50 18.18 -3.73 4.87
C GLU A 50 17.89 -3.42 3.41
N TYR A 51 17.85 -4.44 2.55
CA TYR A 51 17.57 -4.30 1.13
C TYR A 51 16.22 -3.62 0.98
N TYR A 52 15.19 -4.16 1.64
CA TYR A 52 13.86 -3.59 1.58
C TYR A 52 13.87 -2.23 2.27
N LYS A 53 14.57 -2.04 3.40
CA LYS A 53 14.59 -0.75 4.07
C LYS A 53 15.09 0.34 3.12
N GLU A 54 16.24 0.14 2.47
CA GLU A 54 16.76 1.15 1.56
C GLU A 54 15.88 1.26 0.32
N ARG A 55 15.32 0.15 -0.18
CA ARG A 55 14.46 0.15 -1.36
C ARG A 55 13.28 1.04 -1.13
N LEU A 56 12.55 0.79 -0.04
CA LEU A 56 11.38 1.53 0.31
C LEU A 56 11.76 2.97 0.62
N LEU A 57 12.83 3.22 1.38
CA LEU A 57 13.25 4.58 1.72
C LEU A 57 13.55 5.41 0.47
N ALA A 58 14.27 4.81 -0.50
CA ALA A 58 14.66 5.46 -1.73
C ALA A 58 13.52 5.54 -2.74
N ALA A 59 12.41 4.86 -2.46
CA ALA A 59 11.26 4.79 -3.31
C ALA A 59 10.51 6.11 -3.36
N SER A 60 10.63 6.75 -4.51
CA SER A 60 10.00 8.01 -4.79
C SER A 60 8.55 7.70 -5.15
N HIS A 61 7.64 7.75 -4.18
CA HIS A 61 6.21 7.52 -4.36
C HIS A 61 5.48 8.62 -3.60
N HIS A 62 4.43 9.22 -4.17
CA HIS A 62 3.67 10.26 -3.48
C HIS A 62 3.03 9.71 -2.19
N LEU A 63 2.76 8.39 -2.15
CA LEU A 63 2.16 7.73 -1.00
C LEU A 63 3.19 7.48 0.10
N ILE A 64 4.48 7.73 -0.13
CA ILE A 64 5.55 7.51 0.84
C ILE A 64 6.29 8.79 1.24
N SER A 65 6.60 8.92 2.51
CA SER A 65 7.32 10.04 3.11
C SER A 65 8.82 9.72 3.04
N SER A 66 9.68 10.73 2.92
CA SER A 66 11.14 10.60 2.87
C SER A 66 11.66 9.94 4.17
N ASP A 67 10.87 10.01 5.25
CA ASP A 67 11.15 9.45 6.57
C ASP A 67 11.03 7.93 6.56
N GLY A 68 10.55 7.35 5.47
CA GLY A 68 10.37 5.92 5.31
C GLY A 68 9.06 5.50 5.91
N VAL A 69 7.96 6.11 5.47
CA VAL A 69 6.63 5.80 5.97
C VAL A 69 5.67 5.73 4.78
N ILE A 70 4.95 4.63 4.63
CA ILE A 70 3.98 4.42 3.54
C ILE A 70 2.61 4.77 4.16
N VAL A 71 1.74 5.49 3.46
CA VAL A 71 0.41 5.91 3.93
C VAL A 71 -0.67 5.59 2.89
N ILE A 72 -1.59 4.68 3.21
CA ILE A 72 -2.70 4.19 2.36
C ILE A 72 -4.04 4.40 3.07
N LYS A 73 -5.01 4.97 2.35
CA LYS A 73 -6.34 5.25 2.87
C LYS A 73 -7.34 4.39 2.11
N ALA A 74 -7.77 3.28 2.72
CA ALA A 74 -8.72 2.35 2.12
C ALA A 74 -10.13 2.78 2.52
N GLN A 75 -10.99 2.93 1.53
CA GLN A 75 -12.37 3.35 1.74
C GLN A 75 -13.25 2.87 0.60
N GLU A 76 -14.21 1.99 0.86
CA GLU A 76 -15.16 1.44 -0.12
C GLU A 76 -16.35 0.86 0.62
N TYR A 77 -16.13 0.23 1.78
CA TYR A 77 -17.18 -0.37 2.57
C TYR A 77 -17.82 0.60 3.55
N ARG A 78 -19.04 0.26 3.95
CA ARG A 78 -19.84 1.01 4.92
C ARG A 78 -19.34 0.80 6.34
N SER A 79 -18.50 -0.21 6.59
CA SER A 79 -17.96 -0.53 7.90
C SER A 79 -16.54 0.05 8.01
N GLN A 80 -15.82 -0.27 9.09
CA GLN A 80 -14.45 0.18 9.31
C GLN A 80 -13.49 -1.02 9.41
N GLU A 81 -14.04 -2.22 9.59
CA GLU A 81 -13.35 -3.50 9.74
C GLU A 81 -13.04 -4.20 8.42
N LEU A 82 -13.63 -3.72 7.32
CA LEU A 82 -13.45 -4.30 5.99
C LEU A 82 -12.43 -3.53 5.15
N ASN A 83 -12.29 -2.24 5.44
CA ASN A 83 -11.40 -1.31 4.78
C ASN A 83 -9.97 -1.64 5.20
N ARG A 84 -9.75 -1.99 6.46
CA ARG A 84 -8.44 -2.35 6.99
C ARG A 84 -7.83 -3.50 6.19
N GLU A 85 -8.59 -4.56 5.92
CA GLU A 85 -8.03 -5.66 5.14
C GLU A 85 -7.87 -5.26 3.65
N ALA A 86 -8.63 -4.27 3.16
CA ALA A 86 -8.48 -3.82 1.78
C ALA A 86 -7.17 -3.02 1.68
N ALA A 87 -6.84 -2.31 2.74
CA ALA A 87 -5.64 -1.50 2.87
C ALA A 87 -4.43 -2.43 2.82
N LEU A 88 -4.47 -3.58 3.53
CA LEU A 88 -3.38 -4.53 3.54
C LEU A 88 -3.04 -4.95 2.10
N ALA A 89 -4.05 -5.19 1.25
CA ALA A 89 -3.81 -5.60 -0.13
C ALA A 89 -3.03 -4.55 -0.92
N ARG A 90 -3.40 -3.27 -0.74
CA ARG A 90 -2.76 -2.13 -1.40
C ARG A 90 -1.32 -2.01 -0.92
N LEU A 91 -1.06 -2.24 0.37
CA LEU A 91 0.27 -2.14 0.93
C LEU A 91 1.16 -3.19 0.27
N VAL A 92 0.75 -4.46 0.31
CA VAL A 92 1.49 -5.58 -0.28
C VAL A 92 1.87 -5.29 -1.74
N ALA A 93 0.95 -4.71 -2.51
CA ALA A 93 1.15 -4.42 -3.92
C ALA A 93 2.29 -3.43 -4.13
N MET A 94 2.14 -2.21 -3.63
CA MET A 94 3.17 -1.19 -3.80
C MET A 94 4.49 -1.69 -3.22
N ILE A 95 4.48 -2.39 -2.08
CA ILE A 95 5.67 -2.95 -1.43
C ILE A 95 6.46 -3.78 -2.43
N LYS A 96 5.80 -4.64 -3.22
CA LYS A 96 6.47 -5.49 -4.19
C LYS A 96 6.92 -4.71 -5.41
N GLU A 97 6.23 -3.62 -5.75
CA GLU A 97 6.60 -2.81 -6.89
C GLU A 97 7.86 -2.03 -6.57
N LEU A 98 7.87 -1.28 -5.48
CA LEU A 98 8.99 -0.43 -5.02
C LEU A 98 10.30 -1.19 -4.82
N THR A 99 10.23 -2.51 -4.65
CA THR A 99 11.42 -3.35 -4.49
C THR A 99 11.86 -3.95 -5.83
N THR A 100 11.01 -3.94 -6.86
CA THR A 100 11.33 -4.45 -8.20
C THR A 100 11.24 -3.35 -9.26
N GLU A 101 11.36 -3.72 -10.54
CA GLU A 101 11.31 -2.81 -11.66
C GLU A 101 9.92 -2.70 -12.30
N LYS A 102 9.78 -1.73 -13.19
CA LYS A 102 8.57 -1.47 -13.96
C LYS A 102 8.58 -2.46 -15.14
N LYS A 103 7.49 -2.51 -15.89
CA LYS A 103 7.34 -3.41 -17.04
C LYS A 103 7.75 -2.68 -18.31
N ALA A 104 8.10 -3.43 -19.36
CA ALA A 104 8.48 -2.91 -20.65
C ALA A 104 7.15 -2.61 -21.35
N ARG A 105 6.92 -1.37 -21.78
CA ARG A 105 5.66 -1.02 -22.41
C ARG A 105 5.81 0.07 -23.46
N ARG A 106 4.80 0.18 -24.33
CA ARG A 106 4.78 1.18 -25.40
C ARG A 106 4.87 2.59 -24.83
N PRO A 107 5.61 3.51 -25.47
CA PRO A 107 5.71 4.88 -25.01
C PRO A 107 4.36 5.58 -25.24
N THR A 108 4.13 6.74 -24.64
CA THR A 108 2.87 7.48 -24.78
C THR A 108 3.14 8.99 -24.68
N ARG A 109 2.13 9.82 -24.94
CA ARG A 109 2.20 11.28 -24.87
C ARG A 109 1.00 11.86 -24.13
N SER A 110 -0.16 11.20 -24.15
CA SER A 110 -1.35 11.69 -23.49
C SER A 110 -1.18 11.77 -21.99
N GLY A 111 -1.22 12.99 -21.46
CA GLY A 111 -1.09 13.25 -20.04
C GLY A 111 -2.39 12.88 -19.32
N PRO A 112 -2.42 12.90 -17.98
CA PRO A 112 -3.63 12.57 -17.22
C PRO A 112 -4.64 13.72 -17.34
N SER A 113 -4.16 14.96 -17.57
CA SER A 113 -4.92 16.19 -17.74
C SER A 113 -5.38 16.79 -16.40
N SER A 114 -4.98 16.23 -15.26
CA SER A 114 -5.34 16.67 -13.92
C SER A 114 -4.80 18.06 -13.57
N GLY A 115 -3.71 18.50 -14.20
CA GLY A 115 -3.08 19.79 -13.96
C GLY A 115 -1.61 19.54 -13.81
N GLU A 116 -0.93 19.43 -14.94
CA GLU A 116 0.50 19.17 -15.04
C GLU A 116 1.20 20.44 -15.55
N ASN A 117 2.46 20.27 -15.93
CA ASN A 117 3.36 21.27 -16.48
C ASN A 117 4.34 20.49 -17.35
N LEU A 118 5.19 21.17 -18.12
CA LEU A 118 6.18 20.52 -18.96
C LEU A 118 7.30 20.11 -18.01
N TYR A 119 7.09 19.00 -17.32
CA TYR A 119 8.01 18.40 -16.38
C TYR A 119 9.23 18.01 -17.21
N PHE A 120 10.38 18.61 -16.89
CA PHE A 120 11.64 18.40 -17.57
C PHE A 120 12.63 17.72 -16.63
N GLN A 121 12.71 16.39 -16.71
CA GLN A 121 13.57 15.55 -15.91
C GLN A 121 13.91 14.34 -16.75
N MET A 1 -0.39 -11.47 8.19
CA MET A 1 1.02 -11.84 7.94
C MET A 1 1.66 -10.98 6.85
N ILE A 2 0.92 -10.31 5.95
CA ILE A 2 1.48 -9.45 4.89
C ILE A 2 2.76 -10.09 4.32
N VAL A 3 2.67 -11.38 3.98
CA VAL A 3 3.79 -12.15 3.45
C VAL A 3 4.14 -11.63 2.06
N ILE A 4 5.21 -10.84 2.03
CA ILE A 4 5.73 -10.26 0.81
C ILE A 4 6.56 -11.33 0.09
N SER A 5 7.45 -12.02 0.83
CA SER A 5 8.34 -13.04 0.31
C SER A 5 8.66 -14.10 1.37
N ARG A 6 9.47 -15.10 1.00
CA ARG A 6 9.91 -16.23 1.85
C ARG A 6 10.43 -15.76 3.20
N HIS A 7 11.20 -14.67 3.21
CA HIS A 7 11.80 -14.10 4.41
C HIS A 7 11.14 -12.79 4.87
N VAL A 8 10.04 -12.36 4.25
CA VAL A 8 9.39 -11.10 4.59
C VAL A 8 7.89 -11.25 4.86
N ALA A 9 7.47 -11.01 6.10
CA ALA A 9 6.09 -11.07 6.57
C ALA A 9 5.96 -10.16 7.78
N ILE A 10 4.91 -9.34 7.80
CA ILE A 10 4.59 -8.42 8.90
C ILE A 10 3.50 -9.13 9.69
N PRO A 11 3.61 -9.32 11.03
CA PRO A 11 2.61 -10.07 11.79
C PRO A 11 1.21 -9.46 11.91
N ASP A 12 0.96 -8.28 11.35
CA ASP A 12 -0.32 -7.55 11.37
C ASP A 12 -0.46 -6.75 12.67
N GLY A 13 0.63 -6.60 13.44
CA GLY A 13 0.70 -5.84 14.69
C GLY A 13 1.73 -4.69 14.64
N GLU A 14 2.53 -4.56 13.58
CA GLU A 14 3.55 -3.50 13.42
C GLU A 14 3.06 -2.22 12.73
N LEU A 15 1.82 -2.16 12.24
CA LEU A 15 1.29 -0.98 11.55
C LEU A 15 0.53 -0.09 12.52
N GLU A 16 0.16 1.12 12.09
CA GLU A 16 -0.63 2.07 12.86
C GLU A 16 -1.87 2.24 11.99
N ILE A 17 -2.94 1.53 12.34
CA ILE A 17 -4.19 1.58 11.61
C ILE A 17 -5.07 2.51 12.43
N THR A 18 -5.71 3.46 11.77
CA THR A 18 -6.55 4.47 12.41
C THR A 18 -7.83 4.64 11.60
N ALA A 19 -8.88 5.15 12.21
CA ALA A 19 -10.15 5.37 11.55
C ALA A 19 -10.29 6.82 11.08
N ILE A 20 -10.96 6.99 9.94
CA ILE A 20 -11.22 8.27 9.32
C ILE A 20 -12.66 8.28 8.81
N ARG A 21 -13.44 9.32 9.13
CA ARG A 21 -14.83 9.48 8.70
C ARG A 21 -14.92 10.89 8.15
N ALA A 22 -15.23 11.04 6.87
CA ALA A 22 -15.31 12.37 6.27
C ALA A 22 -16.60 13.05 6.71
N GLN A 23 -16.57 14.38 6.80
CA GLN A 23 -17.69 15.22 7.21
C GLN A 23 -17.77 16.54 6.42
N GLY A 24 -16.68 16.97 5.77
CA GLY A 24 -16.67 18.18 4.97
C GLY A 24 -17.39 17.95 3.64
N ALA A 25 -17.48 18.98 2.80
CA ALA A 25 -18.13 18.88 1.50
C ALA A 25 -17.30 18.02 0.54
N GLY A 26 -17.95 17.58 -0.54
CA GLY A 26 -17.33 16.77 -1.58
C GLY A 26 -16.89 17.69 -2.72
N GLY A 27 -15.90 17.21 -3.47
CA GLY A 27 -15.33 17.87 -4.64
C GLY A 27 -15.58 16.94 -5.83
N GLN A 28 -15.33 17.40 -7.05
CA GLN A 28 -15.55 16.58 -8.25
C GLN A 28 -14.70 15.30 -8.31
N HIS A 29 -13.66 15.22 -7.48
CA HIS A 29 -12.74 14.08 -7.43
C HIS A 29 -13.24 12.95 -6.52
N VAL A 30 -14.39 13.11 -5.85
CA VAL A 30 -14.98 12.14 -4.93
C VAL A 30 -16.49 12.04 -5.16
N ASN A 31 -17.07 10.89 -4.79
CA ASN A 31 -18.49 10.60 -4.89
C ASN A 31 -19.09 10.78 -3.49
N LYS A 32 -19.80 9.78 -2.95
CA LYS A 32 -20.41 9.84 -1.62
C LYS A 32 -19.90 8.67 -0.80
N THR A 33 -19.10 8.95 0.23
CA THR A 33 -18.51 7.98 1.13
C THR A 33 -17.96 8.75 2.35
N SER A 34 -17.80 8.07 3.49
CA SER A 34 -17.28 8.68 4.70
C SER A 34 -16.46 7.66 5.49
N THR A 35 -17.11 6.58 5.94
CA THR A 35 -16.53 5.51 6.72
C THR A 35 -15.33 4.88 5.99
N ALA A 36 -14.13 5.24 6.43
CA ALA A 36 -12.89 4.76 5.85
C ALA A 36 -11.83 4.47 6.93
N ILE A 37 -10.67 3.94 6.53
CA ILE A 37 -9.55 3.62 7.41
C ILE A 37 -8.30 4.24 6.81
N HIS A 38 -7.34 4.51 7.68
CA HIS A 38 -6.05 5.08 7.40
C HIS A 38 -5.05 4.02 7.86
N LEU A 39 -4.22 3.51 6.94
CA LEU A 39 -3.21 2.50 7.22
C LEU A 39 -1.87 3.18 7.08
N ARG A 40 -1.02 3.11 8.09
CA ARG A 40 0.29 3.72 8.11
C ARG A 40 1.31 2.64 8.48
N PHE A 41 2.38 2.53 7.70
CA PHE A 41 3.46 1.58 7.92
C PHE A 41 4.82 2.29 7.87
N ASP A 42 5.57 2.29 8.96
CA ASP A 42 6.88 2.90 9.13
C ASP A 42 7.97 1.86 8.92
N ILE A 43 8.67 1.97 7.79
CA ILE A 43 9.78 1.08 7.45
C ILE A 43 10.83 1.17 8.55
N ARG A 44 11.11 2.39 9.02
CA ARG A 44 12.09 2.68 10.07
C ARG A 44 11.75 2.06 11.42
N ALA A 45 10.57 1.45 11.56
CA ALA A 45 10.11 0.80 12.78
C ALA A 45 9.79 -0.69 12.57
N SER A 46 10.11 -1.25 11.40
CA SER A 46 9.80 -2.64 11.08
C SER A 46 10.98 -3.61 11.18
N SER A 47 10.69 -4.90 11.02
CA SER A 47 11.65 -5.99 11.05
C SER A 47 12.08 -6.37 9.62
N LEU A 48 11.66 -5.61 8.60
CA LEU A 48 12.00 -5.86 7.21
C LEU A 48 13.51 -5.94 7.01
N PRO A 49 13.99 -6.67 5.98
CA PRO A 49 15.40 -6.78 5.70
C PRO A 49 15.88 -5.40 5.29
N GLU A 50 17.12 -5.07 5.61
CA GLU A 50 17.70 -3.77 5.28
C GLU A 50 17.60 -3.50 3.77
N TYR A 51 17.75 -4.53 2.93
CA TYR A 51 17.64 -4.41 1.49
C TYR A 51 16.29 -3.78 1.13
N TYR A 52 15.21 -4.33 1.69
CA TYR A 52 13.87 -3.84 1.46
C TYR A 52 13.72 -2.46 2.09
N LYS A 53 14.24 -2.24 3.31
CA LYS A 53 14.13 -0.96 3.97
C LYS A 53 14.66 0.13 3.06
N GLU A 54 15.90 -0.03 2.59
CA GLU A 54 16.54 0.92 1.70
C GLU A 54 15.71 1.12 0.45
N ARG A 55 15.19 0.03 -0.16
CA ARG A 55 14.38 0.16 -1.38
C ARG A 55 13.16 1.05 -1.16
N LEU A 56 12.43 0.83 -0.06
CA LEU A 56 11.24 1.61 0.26
C LEU A 56 11.63 3.04 0.69
N LEU A 57 12.77 3.21 1.35
CA LEU A 57 13.27 4.51 1.80
C LEU A 57 13.77 5.34 0.63
N ALA A 58 14.23 4.66 -0.43
CA ALA A 58 14.74 5.23 -1.66
C ALA A 58 13.67 5.25 -2.76
N ALA A 59 12.41 4.95 -2.42
CA ALA A 59 11.31 4.97 -3.36
C ALA A 59 10.87 6.40 -3.64
N SER A 60 9.97 6.53 -4.61
CA SER A 60 9.36 7.78 -5.00
C SER A 60 7.91 7.44 -5.29
N HIS A 61 7.09 7.47 -4.25
CA HIS A 61 5.67 7.20 -4.32
C HIS A 61 4.98 8.36 -3.64
N HIS A 62 3.91 8.86 -4.25
CA HIS A 62 3.11 9.95 -3.72
C HIS A 62 2.39 9.54 -2.41
N LEU A 63 2.54 8.28 -1.98
CA LEU A 63 1.95 7.71 -0.78
C LEU A 63 2.97 7.50 0.34
N ILE A 64 4.28 7.71 0.12
CA ILE A 64 5.28 7.52 1.17
C ILE A 64 6.05 8.82 1.42
N SER A 65 6.39 9.07 2.68
CA SER A 65 7.17 10.25 3.10
C SER A 65 8.66 9.87 3.13
N SER A 66 9.56 10.85 3.13
CA SER A 66 11.01 10.66 3.16
C SER A 66 11.47 9.90 4.42
N ASP A 67 10.66 9.98 5.48
CA ASP A 67 10.88 9.34 6.78
C ASP A 67 10.62 7.82 6.73
N GLY A 68 10.25 7.32 5.53
CA GLY A 68 9.96 5.94 5.27
C GLY A 68 8.68 5.51 5.95
N VAL A 69 7.58 6.23 5.69
CA VAL A 69 6.27 5.95 6.26
C VAL A 69 5.28 5.92 5.12
N ILE A 70 4.76 4.73 4.78
CA ILE A 70 3.79 4.48 3.72
C ILE A 70 2.42 4.84 4.30
N VAL A 71 1.55 5.47 3.50
CA VAL A 71 0.21 5.90 3.88
C VAL A 71 -0.80 5.43 2.82
N ILE A 72 -1.75 4.57 3.19
CA ILE A 72 -2.78 3.98 2.33
C ILE A 72 -4.19 4.23 2.88
N LYS A 73 -5.06 4.82 2.06
CA LYS A 73 -6.44 5.12 2.40
C LYS A 73 -7.35 4.22 1.56
N ALA A 74 -7.83 3.10 2.13
CA ALA A 74 -8.72 2.16 1.47
C ALA A 74 -10.14 2.59 1.83
N GLN A 75 -11.02 2.72 0.85
CA GLN A 75 -12.41 3.11 1.11
C GLN A 75 -13.27 2.58 -0.03
N GLU A 76 -14.17 1.66 0.30
CA GLU A 76 -15.08 1.01 -0.61
C GLU A 76 -16.27 0.45 0.20
N TYR A 77 -16.00 -0.37 1.21
CA TYR A 77 -16.99 -1.01 2.06
C TYR A 77 -17.70 0.04 2.88
N ARG A 78 -18.97 -0.24 3.18
CA ARG A 78 -19.80 0.66 3.96
C ARG A 78 -19.39 0.74 5.43
N SER A 79 -18.62 -0.23 5.95
CA SER A 79 -18.20 -0.26 7.34
C SER A 79 -16.78 0.22 7.51
N GLN A 80 -16.29 0.22 8.75
CA GLN A 80 -14.96 0.67 9.16
C GLN A 80 -14.09 -0.50 9.66
N GLU A 81 -14.39 -1.73 9.25
CA GLU A 81 -13.65 -2.92 9.68
C GLU A 81 -13.19 -3.77 8.50
N LEU A 82 -13.63 -3.43 7.28
CA LEU A 82 -13.30 -4.13 6.03
C LEU A 82 -12.27 -3.35 5.24
N ASN A 83 -12.26 -2.03 5.44
CA ASN A 83 -11.34 -1.11 4.77
C ASN A 83 -9.91 -1.39 5.24
N ARG A 84 -9.73 -1.74 6.51
CA ARG A 84 -8.41 -2.05 7.08
C ARG A 84 -7.77 -3.18 6.27
N GLU A 85 -8.49 -4.26 6.00
CA GLU A 85 -7.93 -5.36 5.23
C GLU A 85 -7.79 -4.97 3.76
N ALA A 86 -8.66 -4.10 3.22
CA ALA A 86 -8.54 -3.69 1.83
C ALA A 86 -7.29 -2.82 1.64
N ALA A 87 -6.73 -2.28 2.74
CA ALA A 87 -5.53 -1.47 2.73
C ALA A 87 -4.30 -2.38 2.75
N LEU A 88 -4.34 -3.51 3.48
CA LEU A 88 -3.21 -4.44 3.55
C LEU A 88 -2.91 -4.95 2.14
N ALA A 89 -3.94 -5.23 1.32
CA ALA A 89 -3.77 -5.71 -0.04
C ALA A 89 -2.97 -4.68 -0.86
N ARG A 90 -3.32 -3.40 -0.74
CA ARG A 90 -2.66 -2.31 -1.45
C ARG A 90 -1.22 -2.19 -0.96
N LEU A 91 -0.97 -2.36 0.34
CA LEU A 91 0.36 -2.28 0.94
C LEU A 91 1.28 -3.29 0.29
N VAL A 92 0.87 -4.56 0.33
CA VAL A 92 1.65 -5.65 -0.25
C VAL A 92 1.98 -5.36 -1.73
N ALA A 93 1.04 -4.77 -2.47
CA ALA A 93 1.20 -4.47 -3.88
C ALA A 93 2.32 -3.47 -4.14
N MET A 94 2.19 -2.23 -3.64
CA MET A 94 3.21 -1.18 -3.82
C MET A 94 4.56 -1.64 -3.29
N ILE A 95 4.62 -2.40 -2.19
CA ILE A 95 5.88 -2.88 -1.64
C ILE A 95 6.58 -3.74 -2.70
N LYS A 96 5.82 -4.62 -3.37
CA LYS A 96 6.35 -5.51 -4.40
C LYS A 96 6.69 -4.76 -5.68
N GLU A 97 6.26 -3.52 -5.84
CA GLU A 97 6.57 -2.72 -7.02
C GLU A 97 7.87 -1.97 -6.75
N LEU A 98 7.98 -1.30 -5.61
CA LEU A 98 9.15 -0.50 -5.21
C LEU A 98 10.40 -1.34 -5.00
N THR A 99 10.27 -2.54 -4.43
CA THR A 99 11.44 -3.39 -4.21
C THR A 99 12.10 -3.81 -5.54
N THR A 100 11.35 -3.81 -6.64
CA THR A 100 11.82 -4.15 -7.97
C THR A 100 11.55 -2.94 -8.88
N GLU A 101 11.51 -3.15 -10.19
CA GLU A 101 11.23 -2.14 -11.20
C GLU A 101 10.27 -2.78 -12.21
N LYS A 102 9.61 -1.97 -13.06
CA LYS A 102 8.66 -2.49 -14.05
C LYS A 102 9.44 -3.30 -15.09
N LYS A 103 8.96 -4.48 -15.46
CA LYS A 103 9.56 -5.38 -16.44
C LYS A 103 8.43 -5.93 -17.32
N ALA A 104 8.78 -6.63 -18.38
CA ALA A 104 7.85 -7.25 -19.31
C ALA A 104 7.80 -8.75 -19.07
N ARG A 105 6.77 -9.42 -19.61
CA ARG A 105 6.56 -10.86 -19.47
C ARG A 105 7.73 -11.66 -20.05
N ARG A 106 7.90 -11.63 -21.37
CA ARG A 106 8.96 -12.37 -22.06
C ARG A 106 10.35 -11.91 -21.61
N PRO A 107 11.39 -12.75 -21.70
CA PRO A 107 12.74 -12.39 -21.28
C PRO A 107 13.39 -11.43 -22.29
N THR A 108 13.15 -10.13 -22.16
CA THR A 108 13.73 -9.10 -23.04
C THR A 108 15.22 -8.85 -22.69
N ARG A 109 15.90 -9.88 -22.21
CA ARG A 109 17.30 -9.93 -21.82
C ARG A 109 18.11 -10.81 -22.77
N SER A 110 17.46 -11.56 -23.65
CA SER A 110 18.10 -12.43 -24.63
C SER A 110 18.91 -11.59 -25.61
N GLY A 111 19.87 -12.18 -26.32
CA GLY A 111 20.71 -11.52 -27.29
C GLY A 111 21.86 -12.42 -27.74
N PRO A 112 22.65 -12.01 -28.76
CA PRO A 112 23.77 -12.80 -29.26
C PRO A 112 24.95 -12.82 -28.27
N SER A 113 25.00 -11.85 -27.36
CA SER A 113 26.01 -11.69 -26.34
C SER A 113 25.27 -11.28 -25.07
N SER A 114 25.71 -11.75 -23.91
CA SER A 114 25.15 -11.48 -22.59
C SER A 114 26.22 -11.91 -21.57
N GLY A 115 25.92 -11.83 -20.27
CA GLY A 115 26.84 -12.20 -19.23
C GLY A 115 27.91 -11.13 -19.04
N GLU A 116 28.88 -11.41 -18.18
CA GLU A 116 29.98 -10.49 -17.89
C GLU A 116 31.26 -10.93 -18.62
N ASN A 117 31.41 -12.23 -18.87
CA ASN A 117 32.54 -12.87 -19.55
C ASN A 117 32.04 -14.22 -20.03
N LEU A 118 32.75 -14.85 -20.97
CA LEU A 118 32.43 -16.17 -21.51
C LEU A 118 33.76 -16.89 -21.69
N TYR A 119 33.74 -18.20 -21.52
CA TYR A 119 34.91 -19.06 -21.67
C TYR A 119 34.63 -19.99 -22.84
N PHE A 120 35.67 -20.32 -23.58
CA PHE A 120 35.65 -21.20 -24.73
C PHE A 120 36.87 -22.08 -24.55
N GLN A 121 36.68 -23.39 -24.48
CA GLN A 121 37.71 -24.39 -24.29
C GLN A 121 37.29 -25.61 -25.11
N MET A 1 -0.35 -12.40 8.04
CA MET A 1 1.12 -12.43 8.10
C MET A 1 1.81 -11.59 7.03
N ILE A 2 1.09 -10.80 6.20
CA ILE A 2 1.60 -9.92 5.14
C ILE A 2 2.91 -10.44 4.51
N VAL A 3 2.89 -11.71 4.10
CA VAL A 3 4.07 -12.34 3.50
C VAL A 3 4.37 -11.71 2.15
N ILE A 4 5.44 -10.91 2.10
CA ILE A 4 5.92 -10.24 0.90
C ILE A 4 6.91 -11.15 0.18
N SER A 5 7.82 -11.79 0.93
CA SER A 5 8.87 -12.66 0.40
C SER A 5 9.20 -13.76 1.43
N ARG A 6 10.08 -14.70 1.06
CA ARG A 6 10.51 -15.84 1.87
C ARG A 6 10.98 -15.43 3.28
N HIS A 7 11.54 -14.23 3.44
CA HIS A 7 12.05 -13.72 4.72
C HIS A 7 11.39 -12.39 5.09
N VAL A 8 10.22 -12.07 4.54
CA VAL A 8 9.52 -10.82 4.81
C VAL A 8 8.03 -11.15 4.98
N ALA A 9 7.53 -11.12 6.23
CA ALA A 9 6.14 -11.40 6.58
C ALA A 9 5.80 -10.76 7.94
N ILE A 10 5.10 -9.62 7.92
CA ILE A 10 4.67 -8.83 9.10
C ILE A 10 3.57 -9.56 9.86
N PRO A 11 3.56 -9.61 11.21
CA PRO A 11 2.54 -10.33 11.98
C PRO A 11 1.19 -9.59 12.11
N ASP A 12 0.83 -8.70 11.18
CA ASP A 12 -0.42 -7.89 11.12
C ASP A 12 -0.70 -7.01 12.34
N GLY A 13 0.18 -7.00 13.34
CA GLY A 13 0.05 -6.24 14.58
C GLY A 13 1.11 -5.17 14.75
N GLU A 14 2.01 -5.03 13.79
CA GLU A 14 3.09 -4.04 13.82
C GLU A 14 2.76 -2.77 13.01
N LEU A 15 1.60 -2.71 12.33
CA LEU A 15 1.21 -1.54 11.54
C LEU A 15 0.37 -0.62 12.42
N GLU A 16 0.37 0.65 12.06
CA GLU A 16 -0.34 1.74 12.70
C GLU A 16 -1.63 1.99 11.91
N ILE A 17 -2.77 1.61 12.48
CA ILE A 17 -4.07 1.79 11.88
C ILE A 17 -4.80 2.86 12.67
N THR A 18 -5.54 3.69 11.95
CA THR A 18 -6.31 4.78 12.52
C THR A 18 -7.63 4.97 11.77
N ALA A 19 -8.64 5.39 12.52
CA ALA A 19 -9.97 5.66 11.98
C ALA A 19 -9.98 7.07 11.46
N ILE A 20 -10.54 7.26 10.27
CA ILE A 20 -10.64 8.56 9.62
C ILE A 20 -12.09 8.76 9.19
N ARG A 21 -12.53 10.02 9.20
CA ARG A 21 -13.87 10.43 8.85
C ARG A 21 -13.82 11.68 7.97
N ALA A 22 -14.63 11.70 6.92
CA ALA A 22 -14.72 12.83 6.00
C ALA A 22 -15.65 13.87 6.63
N GLN A 23 -15.64 15.09 6.10
CA GLN A 23 -16.46 16.22 6.54
C GLN A 23 -17.11 16.88 5.32
N GLY A 24 -18.03 17.82 5.54
CA GLY A 24 -18.74 18.54 4.49
C GLY A 24 -17.85 19.61 3.84
N ALA A 25 -16.75 19.20 3.22
CA ALA A 25 -15.80 20.08 2.54
C ALA A 25 -16.21 20.21 1.06
N GLY A 26 -15.70 21.23 0.38
CA GLY A 26 -15.94 21.51 -1.03
C GLY A 26 -14.67 21.24 -1.81
N GLY A 27 -14.76 20.95 -3.10
CA GLY A 27 -13.61 20.68 -3.95
C GLY A 27 -14.06 20.39 -5.37
N GLN A 28 -13.09 20.23 -6.28
CA GLN A 28 -13.31 19.95 -7.69
C GLN A 28 -14.17 18.71 -7.86
N HIS A 29 -13.78 17.62 -7.21
CA HIS A 29 -14.44 16.33 -7.25
C HIS A 29 -14.46 15.80 -5.82
N VAL A 30 -15.35 16.35 -4.99
CA VAL A 30 -15.48 15.97 -3.59
C VAL A 30 -15.81 14.47 -3.47
N ASN A 31 -15.23 13.80 -2.48
CA ASN A 31 -15.48 12.37 -2.23
C ASN A 31 -16.85 12.21 -1.58
N LYS A 32 -17.43 11.00 -1.65
CA LYS A 32 -18.73 10.70 -1.06
C LYS A 32 -18.62 9.46 -0.17
N THR A 33 -17.62 9.45 0.69
CA THR A 33 -17.37 8.38 1.64
C THR A 33 -17.00 9.03 2.98
N SER A 34 -16.97 8.29 4.08
CA SER A 34 -16.60 8.87 5.37
C SER A 34 -15.95 7.81 6.24
N THR A 35 -16.65 6.70 6.49
CA THR A 35 -16.15 5.61 7.31
C THR A 35 -14.97 4.96 6.56
N ALA A 36 -13.74 5.36 6.88
CA ALA A 36 -12.54 4.84 6.23
C ALA A 36 -11.43 4.53 7.22
N ILE A 37 -10.33 3.98 6.71
CA ILE A 37 -9.17 3.61 7.51
C ILE A 37 -7.92 4.20 6.89
N HIS A 38 -7.04 4.66 7.78
CA HIS A 38 -5.75 5.23 7.51
C HIS A 38 -4.79 4.15 8.00
N LEU A 39 -4.05 3.53 7.08
CA LEU A 39 -3.08 2.51 7.42
C LEU A 39 -1.73 3.19 7.22
N ARG A 40 -0.85 3.04 8.19
CA ARG A 40 0.47 3.61 8.19
C ARG A 40 1.44 2.50 8.58
N PHE A 41 2.53 2.41 7.82
CA PHE A 41 3.60 1.47 7.99
C PHE A 41 4.93 2.25 7.98
N ASP A 42 5.53 2.44 9.15
CA ASP A 42 6.79 3.14 9.35
C ASP A 42 7.93 2.14 9.10
N ILE A 43 8.52 2.21 7.93
CA ILE A 43 9.63 1.37 7.47
C ILE A 43 10.73 1.35 8.52
N ARG A 44 11.21 2.51 8.96
CA ARG A 44 12.28 2.61 9.93
C ARG A 44 11.94 2.00 11.28
N ALA A 45 10.66 1.93 11.64
CA ALA A 45 10.18 1.35 12.89
C ALA A 45 9.86 -0.14 12.73
N SER A 46 10.12 -0.75 11.57
CA SER A 46 9.80 -2.16 11.33
C SER A 46 11.01 -3.08 11.40
N SER A 47 10.73 -4.39 11.44
CA SER A 47 11.69 -5.49 11.50
C SER A 47 12.12 -5.94 10.09
N LEU A 48 11.77 -5.19 9.04
CA LEU A 48 12.12 -5.53 7.66
C LEU A 48 13.63 -5.64 7.45
N PRO A 49 14.08 -6.38 6.43
CA PRO A 49 15.49 -6.52 6.14
C PRO A 49 16.01 -5.16 5.66
N GLU A 50 17.26 -4.83 5.96
CA GLU A 50 17.89 -3.57 5.58
C GLU A 50 17.79 -3.32 4.08
N TYR A 51 17.85 -4.39 3.26
CA TYR A 51 17.74 -4.27 1.81
C TYR A 51 16.41 -3.60 1.47
N TYR A 52 15.31 -4.06 2.10
CA TYR A 52 13.99 -3.50 1.88
C TYR A 52 13.94 -2.10 2.49
N LYS A 53 14.57 -1.85 3.64
CA LYS A 53 14.55 -0.52 4.26
C LYS A 53 15.02 0.50 3.25
N GLU A 54 16.22 0.30 2.70
CA GLU A 54 16.79 1.20 1.71
C GLU A 54 15.91 1.30 0.48
N ARG A 55 15.37 0.18 0.01
CA ARG A 55 14.50 0.12 -1.18
C ARG A 55 13.30 1.03 -1.03
N LEU A 56 12.52 0.87 0.04
CA LEU A 56 11.33 1.68 0.26
C LEU A 56 11.70 3.12 0.62
N LEU A 57 12.90 3.38 1.16
CA LEU A 57 13.32 4.74 1.49
C LEU A 57 13.77 5.47 0.22
N ALA A 58 14.26 4.72 -0.77
CA ALA A 58 14.73 5.20 -2.07
C ALA A 58 13.60 5.22 -3.11
N ALA A 59 12.45 4.62 -2.77
CA ALA A 59 11.27 4.52 -3.60
C ALA A 59 10.81 5.89 -4.12
N SER A 60 10.16 5.86 -5.27
CA SER A 60 9.63 7.03 -5.94
C SER A 60 8.14 6.78 -6.02
N HIS A 61 7.40 7.14 -4.97
CA HIS A 61 5.97 7.00 -4.90
C HIS A 61 5.35 8.25 -4.29
N HIS A 62 4.34 8.80 -4.97
CA HIS A 62 3.59 9.96 -4.53
C HIS A 62 2.73 9.64 -3.28
N LEU A 63 2.85 8.44 -2.69
CA LEU A 63 2.12 7.98 -1.52
C LEU A 63 3.04 7.70 -0.33
N ILE A 64 4.36 7.75 -0.50
CA ILE A 64 5.31 7.50 0.58
C ILE A 64 5.90 8.81 1.08
N SER A 65 6.02 8.94 2.40
CA SER A 65 6.58 10.09 3.08
C SER A 65 8.10 9.95 3.15
N SER A 66 8.79 11.08 3.07
CA SER A 66 10.23 11.22 3.10
C SER A 66 10.91 10.81 4.42
N ASP A 67 10.16 10.39 5.44
CA ASP A 67 10.68 9.99 6.75
C ASP A 67 10.75 8.46 6.92
N GLY A 68 10.46 7.68 5.88
CA GLY A 68 10.50 6.22 5.98
C GLY A 68 9.17 5.70 6.47
N VAL A 69 8.07 6.18 5.92
CA VAL A 69 6.74 5.73 6.31
C VAL A 69 5.79 5.82 5.12
N ILE A 70 5.06 4.73 4.89
CA ILE A 70 4.08 4.55 3.82
C ILE A 70 2.70 4.71 4.43
N VAL A 71 1.76 5.33 3.69
CA VAL A 71 0.39 5.54 4.13
C VAL A 71 -0.57 5.10 3.03
N ILE A 72 -1.71 4.51 3.42
CA ILE A 72 -2.76 4.02 2.53
C ILE A 72 -4.08 4.48 3.16
N LYS A 73 -5.05 4.83 2.32
CA LYS A 73 -6.37 5.29 2.76
C LYS A 73 -7.38 4.43 2.03
N ALA A 74 -7.87 3.40 2.72
CA ALA A 74 -8.84 2.45 2.18
C ALA A 74 -10.23 2.98 2.51
N GLN A 75 -11.06 3.18 1.48
CA GLN A 75 -12.41 3.69 1.64
C GLN A 75 -13.24 3.23 0.45
N GLU A 76 -14.22 2.37 0.71
CA GLU A 76 -15.14 1.76 -0.25
C GLU A 76 -16.33 1.19 0.52
N TYR A 77 -16.04 0.39 1.56
CA TYR A 77 -17.03 -0.24 2.42
C TYR A 77 -17.69 0.79 3.34
N ARG A 78 -18.74 0.37 4.04
CA ARG A 78 -19.50 1.23 4.95
C ARG A 78 -19.11 1.01 6.41
N SER A 79 -18.29 -0.01 6.72
CA SER A 79 -17.81 -0.32 8.06
C SER A 79 -16.40 0.27 8.17
N GLN A 80 -15.83 0.32 9.38
CA GLN A 80 -14.47 0.83 9.65
C GLN A 80 -13.65 -0.38 10.11
N GLU A 81 -13.73 -1.45 9.32
CA GLU A 81 -13.08 -2.73 9.52
C GLU A 81 -12.76 -3.37 8.17
N LEU A 82 -13.73 -3.40 7.26
CA LEU A 82 -13.49 -4.01 5.95
C LEU A 82 -12.48 -3.22 5.12
N ASN A 83 -12.15 -2.00 5.54
CA ASN A 83 -11.22 -1.10 4.89
C ASN A 83 -9.80 -1.40 5.37
N ARG A 84 -9.58 -1.78 6.64
CA ARG A 84 -8.21 -2.09 7.09
C ARG A 84 -7.69 -3.29 6.32
N GLU A 85 -8.52 -4.31 6.07
CA GLU A 85 -8.05 -5.47 5.34
C GLU A 85 -7.84 -5.12 3.86
N ALA A 86 -8.55 -4.11 3.35
CA ALA A 86 -8.40 -3.67 1.96
C ALA A 86 -7.19 -2.74 1.83
N ALA A 87 -6.66 -2.22 2.95
CA ALA A 87 -5.50 -1.34 2.99
C ALA A 87 -4.22 -2.18 2.98
N LEU A 88 -4.15 -3.25 3.78
CA LEU A 88 -2.97 -4.12 3.83
C LEU A 88 -2.68 -4.68 2.43
N ALA A 89 -3.72 -4.88 1.62
CA ALA A 89 -3.59 -5.40 0.28
C ALA A 89 -2.74 -4.43 -0.56
N ARG A 90 -3.13 -3.15 -0.55
CA ARG A 90 -2.44 -2.09 -1.28
C ARG A 90 -1.00 -1.98 -0.81
N LEU A 91 -0.73 -2.17 0.50
CA LEU A 91 0.61 -2.10 1.07
C LEU A 91 1.50 -3.14 0.43
N VAL A 92 1.05 -4.39 0.47
CA VAL A 92 1.79 -5.53 -0.09
C VAL A 92 2.18 -5.24 -1.55
N ALA A 93 1.24 -4.71 -2.34
CA ALA A 93 1.38 -4.41 -3.76
C ALA A 93 2.46 -3.38 -4.02
N MET A 94 2.28 -2.15 -3.52
CA MET A 94 3.25 -1.09 -3.75
C MET A 94 4.64 -1.56 -3.30
N ILE A 95 4.76 -2.29 -2.20
CA ILE A 95 6.06 -2.78 -1.75
C ILE A 95 6.68 -3.67 -2.83
N LYS A 96 5.91 -4.63 -3.35
CA LYS A 96 6.38 -5.56 -4.38
C LYS A 96 6.72 -4.80 -5.66
N GLU A 97 6.09 -3.67 -5.95
CA GLU A 97 6.34 -2.86 -7.12
C GLU A 97 7.62 -2.03 -6.94
N LEU A 98 7.89 -1.52 -5.73
CA LEU A 98 9.04 -0.69 -5.42
C LEU A 98 10.34 -1.47 -5.25
N THR A 99 10.29 -2.61 -4.57
CA THR A 99 11.48 -3.43 -4.34
C THR A 99 12.02 -4.08 -5.62
N THR A 100 11.25 -4.15 -6.71
CA THR A 100 11.69 -4.76 -7.97
C THR A 100 12.20 -3.68 -8.93
N GLU A 101 13.14 -4.05 -9.81
CA GLU A 101 13.77 -3.17 -10.81
C GLU A 101 13.65 -3.77 -12.22
N LYS A 102 12.52 -4.43 -12.51
CA LYS A 102 12.25 -5.04 -13.82
C LYS A 102 10.86 -4.72 -14.37
N LYS A 103 10.11 -3.78 -13.77
CA LYS A 103 8.78 -3.39 -14.24
C LYS A 103 8.88 -2.33 -15.31
N ALA A 104 8.12 -2.50 -16.39
CA ALA A 104 8.06 -1.61 -17.53
C ALA A 104 6.60 -1.32 -17.87
N ARG A 105 5.92 -0.57 -17.00
CA ARG A 105 4.51 -0.18 -17.21
C ARG A 105 4.46 1.02 -18.18
N ARG A 106 5.60 1.44 -18.73
CA ARG A 106 5.73 2.53 -19.68
C ARG A 106 5.72 1.92 -21.09
N PRO A 107 5.37 2.70 -22.13
CA PRO A 107 5.34 2.20 -23.51
C PRO A 107 6.74 1.91 -24.04
N THR A 108 7.77 2.50 -23.42
CA THR A 108 9.19 2.42 -23.71
C THR A 108 9.65 0.95 -23.83
N ARG A 109 10.46 0.65 -24.85
CA ARG A 109 10.98 -0.69 -25.15
C ARG A 109 12.37 -0.93 -24.53
N SER A 110 12.93 -2.09 -24.84
CA SER A 110 14.25 -2.56 -24.41
C SER A 110 15.02 -2.97 -25.66
N GLY A 111 16.36 -2.91 -25.59
CA GLY A 111 17.27 -3.28 -26.67
C GLY A 111 18.53 -2.43 -26.57
N PRO A 112 19.33 -2.60 -25.51
CA PRO A 112 20.55 -1.83 -25.30
C PRO A 112 21.64 -2.25 -26.28
N SER A 113 22.68 -1.42 -26.35
CA SER A 113 23.87 -1.59 -27.18
C SER A 113 24.81 -2.70 -26.63
N SER A 114 24.43 -3.32 -25.50
CA SER A 114 25.09 -4.39 -24.75
C SER A 114 25.93 -3.84 -23.60
N GLY A 115 26.25 -2.54 -23.60
CA GLY A 115 27.04 -1.86 -22.61
C GLY A 115 27.31 -0.44 -23.10
N GLU A 116 27.88 0.41 -22.25
CA GLU A 116 28.21 1.79 -22.58
C GLU A 116 29.48 2.21 -21.84
N ASN A 117 30.07 3.34 -22.24
CA ASN A 117 31.28 3.93 -21.66
C ASN A 117 31.17 5.46 -21.79
N LEU A 118 29.94 5.99 -21.77
CA LEU A 118 29.66 7.41 -21.85
C LEU A 118 29.88 7.92 -20.43
N TYR A 119 31.07 8.43 -20.13
CA TYR A 119 31.38 8.96 -18.80
C TYR A 119 30.84 10.40 -18.64
N PHE A 120 30.06 10.87 -19.61
CA PHE A 120 29.43 12.18 -19.66
C PHE A 120 28.03 12.01 -19.08
N GLN A 121 27.81 12.57 -17.89
CA GLN A 121 26.55 12.53 -17.19
C GLN A 121 25.72 13.72 -17.67
N MET A 1 -0.43 -11.70 8.30
CA MET A 1 1.01 -11.95 8.12
C MET A 1 1.65 -11.14 7.01
N ILE A 2 0.90 -10.45 6.12
CA ILE A 2 1.42 -9.63 5.01
C ILE A 2 2.71 -10.24 4.44
N VAL A 3 2.66 -11.52 4.10
CA VAL A 3 3.82 -12.20 3.57
C VAL A 3 4.15 -11.64 2.18
N ILE A 4 5.29 -10.95 2.08
CA ILE A 4 5.77 -10.37 0.84
C ILE A 4 6.71 -11.40 0.17
N SER A 5 7.53 -12.14 0.96
CA SER A 5 8.50 -13.14 0.52
C SER A 5 8.76 -14.17 1.63
N ARG A 6 9.60 -15.17 1.34
CA ARG A 6 10.02 -16.25 2.24
C ARG A 6 10.63 -15.78 3.56
N HIS A 7 11.10 -14.53 3.62
CA HIS A 7 11.74 -13.93 4.79
C HIS A 7 11.17 -12.55 5.11
N VAL A 8 10.01 -12.19 4.55
CA VAL A 8 9.38 -10.89 4.76
C VAL A 8 7.90 -11.15 4.98
N ALA A 9 7.43 -10.95 6.22
CA ALA A 9 6.05 -11.15 6.65
C ALA A 9 5.78 -10.35 7.93
N ILE A 10 4.97 -9.30 7.82
CA ILE A 10 4.60 -8.45 8.96
C ILE A 10 3.59 -9.22 9.81
N PRO A 11 3.75 -9.37 11.14
CA PRO A 11 2.78 -10.10 11.97
C PRO A 11 1.41 -9.40 12.12
N ASP A 12 1.12 -8.39 11.30
CA ASP A 12 -0.12 -7.62 11.25
C ASP A 12 -0.32 -6.72 12.48
N GLY A 13 0.72 -6.51 13.27
CA GLY A 13 0.72 -5.67 14.47
C GLY A 13 1.70 -4.50 14.40
N GLU A 14 2.69 -4.54 13.51
CA GLU A 14 3.69 -3.46 13.37
C GLU A 14 3.11 -2.22 12.70
N LEU A 15 1.87 -2.25 12.19
CA LEU A 15 1.30 -1.10 11.50
C LEU A 15 0.53 -0.23 12.48
N GLU A 16 0.32 1.02 12.10
CA GLU A 16 -0.38 2.03 12.84
C GLU A 16 -1.62 2.32 12.01
N ILE A 17 -2.75 1.72 12.37
CA ILE A 17 -3.98 1.91 11.63
C ILE A 17 -4.82 2.95 12.36
N THR A 18 -5.25 3.97 11.63
CA THR A 18 -6.07 5.05 12.14
C THR A 18 -7.42 5.06 11.44
N ALA A 19 -8.44 5.51 12.19
CA ALA A 19 -9.76 5.63 11.64
C ALA A 19 -9.88 7.04 11.10
N ILE A 20 -10.55 7.20 9.97
CA ILE A 20 -10.74 8.48 9.32
C ILE A 20 -12.21 8.65 8.97
N ARG A 21 -12.65 9.91 8.99
CA ARG A 21 -14.02 10.30 8.69
C ARG A 21 -13.98 11.57 7.86
N ALA A 22 -14.98 11.75 7.01
CA ALA A 22 -15.17 12.88 6.12
C ALA A 22 -16.39 13.67 6.59
N GLN A 23 -16.55 14.89 6.08
CA GLN A 23 -17.65 15.80 6.40
C GLN A 23 -18.35 16.30 5.13
N GLY A 24 -17.86 15.95 3.94
CA GLY A 24 -18.39 16.36 2.64
C GLY A 24 -17.45 15.88 1.55
N ALA A 25 -17.64 16.38 0.33
CA ALA A 25 -16.81 16.02 -0.82
C ALA A 25 -15.45 16.70 -0.65
N GLY A 26 -14.40 15.93 -0.38
CA GLY A 26 -13.04 16.41 -0.17
C GLY A 26 -12.18 16.47 -1.42
N GLY A 27 -12.12 17.63 -2.05
CA GLY A 27 -11.32 17.90 -3.25
C GLY A 27 -11.72 17.12 -4.50
N GLN A 28 -11.11 15.94 -4.71
CA GLN A 28 -11.32 15.08 -5.86
C GLN A 28 -11.28 13.60 -5.42
N HIS A 29 -11.66 12.69 -6.32
CA HIS A 29 -11.73 11.24 -6.18
C HIS A 29 -12.72 10.75 -5.11
N VAL A 30 -13.24 11.65 -4.27
CA VAL A 30 -14.20 11.38 -3.23
C VAL A 30 -15.48 10.85 -3.87
N ASN A 31 -16.03 9.77 -3.33
CA ASN A 31 -17.24 9.10 -3.80
C ASN A 31 -18.30 8.99 -2.70
N LYS A 32 -18.22 9.84 -1.66
CA LYS A 32 -19.13 9.93 -0.50
C LYS A 32 -18.79 8.94 0.63
N THR A 33 -17.80 8.06 0.49
CA THR A 33 -17.42 7.10 1.53
C THR A 33 -16.76 7.86 2.70
N SER A 34 -17.47 8.05 3.83
CA SER A 34 -16.91 8.76 4.97
C SER A 34 -16.24 7.78 5.95
N THR A 35 -16.84 6.63 6.23
CA THR A 35 -16.35 5.61 7.14
C THR A 35 -15.14 4.88 6.52
N ALA A 36 -13.96 5.48 6.61
CA ALA A 36 -12.73 4.91 6.03
C ALA A 36 -11.66 4.59 7.08
N ILE A 37 -10.57 4.00 6.60
CA ILE A 37 -9.40 3.62 7.40
C ILE A 37 -8.17 4.19 6.72
N HIS A 38 -7.17 4.53 7.52
CA HIS A 38 -5.87 5.08 7.18
C HIS A 38 -4.85 4.08 7.70
N LEU A 39 -4.12 3.41 6.82
CA LEU A 39 -3.09 2.44 7.20
C LEU A 39 -1.76 3.15 7.08
N ARG A 40 -0.87 3.00 8.06
CA ARG A 40 0.44 3.62 8.07
C ARG A 40 1.46 2.55 8.44
N PHE A 41 2.51 2.42 7.63
CA PHE A 41 3.60 1.49 7.81
C PHE A 41 4.92 2.26 7.81
N ASP A 42 5.55 2.38 8.96
CA ASP A 42 6.83 3.05 9.20
C ASP A 42 7.95 2.04 9.00
N ILE A 43 8.59 2.12 7.84
CA ILE A 43 9.68 1.25 7.42
C ILE A 43 10.78 1.17 8.50
N ARG A 44 11.22 2.29 9.07
CA ARG A 44 12.27 2.29 10.09
C ARG A 44 11.87 1.54 11.35
N ALA A 45 10.58 1.50 11.65
CA ALA A 45 10.04 0.83 12.83
C ALA A 45 9.64 -0.62 12.53
N SER A 46 9.92 -1.14 11.34
CA SER A 46 9.54 -2.48 10.96
C SER A 46 10.68 -3.48 11.05
N SER A 47 10.34 -4.77 11.02
CA SER A 47 11.29 -5.87 11.06
C SER A 47 11.88 -6.19 9.68
N LEU A 48 11.54 -5.42 8.63
CA LEU A 48 12.01 -5.60 7.27
C LEU A 48 13.53 -5.76 7.15
N PRO A 49 14.00 -6.48 6.12
CA PRO A 49 15.42 -6.66 5.89
C PRO A 49 15.99 -5.32 5.42
N GLU A 50 17.29 -5.12 5.61
CA GLU A 50 18.00 -3.91 5.23
C GLU A 50 17.77 -3.52 3.77
N TYR A 51 17.74 -4.51 2.87
CA TYR A 51 17.51 -4.29 1.45
C TYR A 51 16.16 -3.61 1.25
N TYR A 52 15.11 -4.13 1.91
CA TYR A 52 13.78 -3.56 1.79
C TYR A 52 13.72 -2.22 2.49
N LYS A 53 14.43 -2.03 3.61
CA LYS A 53 14.43 -0.75 4.31
C LYS A 53 14.81 0.33 3.31
N GLU A 54 15.99 0.21 2.71
CA GLU A 54 16.45 1.21 1.76
C GLU A 54 15.60 1.27 0.49
N ARG A 55 15.06 0.14 0.04
CA ARG A 55 14.24 0.14 -1.20
C ARG A 55 12.99 0.98 -1.00
N LEU A 56 12.28 0.78 0.11
CA LEU A 56 11.07 1.52 0.39
C LEU A 56 11.39 2.94 0.84
N LEU A 57 12.55 3.18 1.46
CA LEU A 57 12.98 4.51 1.91
C LEU A 57 13.37 5.38 0.72
N ALA A 58 13.98 4.78 -0.30
CA ALA A 58 14.42 5.44 -1.52
C ALA A 58 13.41 5.30 -2.66
N ALA A 59 12.20 4.82 -2.36
CA ALA A 59 11.13 4.65 -3.32
C ALA A 59 10.63 5.98 -3.86
N SER A 60 9.84 5.93 -4.92
CA SER A 60 9.22 7.07 -5.58
C SER A 60 7.77 6.67 -5.73
N HIS A 61 6.95 6.98 -4.72
CA HIS A 61 5.53 6.68 -4.73
C HIS A 61 4.77 7.90 -4.23
N HIS A 62 3.54 8.08 -4.67
CA HIS A 62 2.68 9.18 -4.25
C HIS A 62 2.00 8.86 -2.90
N LEU A 63 2.33 7.71 -2.30
CA LEU A 63 1.79 7.22 -1.03
C LEU A 63 2.85 7.12 0.08
N ILE A 64 4.12 7.39 -0.20
CA ILE A 64 5.18 7.31 0.82
C ILE A 64 5.64 8.74 1.11
N SER A 65 6.16 8.95 2.31
CA SER A 65 6.69 10.22 2.80
C SER A 65 8.22 10.13 2.83
N SER A 66 8.92 11.27 2.84
CA SER A 66 10.38 11.31 2.86
C SER A 66 11.02 10.66 4.09
N ASP A 67 10.26 10.54 5.19
CA ASP A 67 10.69 9.95 6.45
C ASP A 67 10.66 8.42 6.38
N GLY A 68 10.22 7.84 5.26
CA GLY A 68 10.12 6.41 5.07
C GLY A 68 8.90 5.88 5.81
N VAL A 69 7.74 6.46 5.53
CA VAL A 69 6.48 6.06 6.14
C VAL A 69 5.51 5.94 4.97
N ILE A 70 4.94 4.76 4.78
CA ILE A 70 3.98 4.45 3.73
C ILE A 70 2.59 4.67 4.31
N VAL A 71 1.70 5.42 3.64
CA VAL A 71 0.35 5.67 4.13
C VAL A 71 -0.63 5.34 3.00
N ILE A 72 -1.70 4.64 3.35
CA ILE A 72 -2.74 4.19 2.43
C ILE A 72 -4.09 4.59 3.00
N LYS A 73 -5.07 4.82 2.13
CA LYS A 73 -6.43 5.19 2.50
C LYS A 73 -7.36 4.35 1.64
N ALA A 74 -7.85 3.25 2.20
CA ALA A 74 -8.77 2.31 1.57
C ALA A 74 -10.18 2.69 2.00
N GLN A 75 -11.10 2.88 1.04
CA GLN A 75 -12.48 3.21 1.33
C GLN A 75 -13.33 2.57 0.24
N GLU A 76 -14.17 1.60 0.59
CA GLU A 76 -15.05 0.88 -0.32
C GLU A 76 -16.27 0.43 0.48
N TYR A 77 -16.02 -0.27 1.60
CA TYR A 77 -17.03 -0.79 2.48
C TYR A 77 -17.67 0.33 3.29
N ARG A 78 -18.82 0.02 3.89
CA ARG A 78 -19.55 0.96 4.74
C ARG A 78 -19.17 0.74 6.20
N SER A 79 -18.33 -0.25 6.50
CA SER A 79 -17.88 -0.61 7.82
C SER A 79 -16.37 -0.40 7.92
N GLN A 80 -15.97 0.33 8.95
CA GLN A 80 -14.59 0.69 9.27
C GLN A 80 -13.71 -0.49 9.71
N GLU A 81 -14.26 -1.70 9.74
CA GLU A 81 -13.63 -2.94 10.13
C GLU A 81 -13.30 -3.81 8.91
N LEU A 82 -13.77 -3.39 7.73
CA LEU A 82 -13.56 -4.05 6.45
C LEU A 82 -12.64 -3.20 5.59
N ASN A 83 -12.68 -1.87 5.76
CA ASN A 83 -11.82 -0.97 4.99
C ASN A 83 -10.35 -1.17 5.41
N ARG A 84 -10.10 -1.78 6.58
CA ARG A 84 -8.77 -2.06 7.08
C ARG A 84 -8.11 -3.16 6.27
N GLU A 85 -8.81 -4.27 5.98
CA GLU A 85 -8.22 -5.36 5.21
C GLU A 85 -7.97 -4.95 3.75
N ALA A 86 -8.75 -4.00 3.23
CA ALA A 86 -8.59 -3.55 1.86
C ALA A 86 -7.31 -2.71 1.71
N ALA A 87 -6.73 -2.25 2.82
CA ALA A 87 -5.52 -1.44 2.83
C ALA A 87 -4.26 -2.29 2.80
N LEU A 88 -4.22 -3.38 3.56
CA LEU A 88 -3.04 -4.27 3.62
C LEU A 88 -2.70 -4.82 2.23
N ALA A 89 -3.72 -5.12 1.41
CA ALA A 89 -3.49 -5.67 0.08
C ALA A 89 -2.72 -4.69 -0.81
N ARG A 90 -3.04 -3.39 -0.71
CA ARG A 90 -2.39 -2.32 -1.47
C ARG A 90 -0.95 -2.18 -1.01
N LEU A 91 -0.71 -2.28 0.31
CA LEU A 91 0.62 -2.18 0.90
C LEU A 91 1.53 -3.23 0.28
N VAL A 92 1.06 -4.48 0.25
CA VAL A 92 1.80 -5.59 -0.31
C VAL A 92 2.20 -5.32 -1.77
N ALA A 93 1.29 -4.72 -2.56
CA ALA A 93 1.48 -4.41 -3.97
C ALA A 93 2.61 -3.42 -4.21
N MET A 94 2.49 -2.21 -3.67
CA MET A 94 3.49 -1.17 -3.83
C MET A 94 4.84 -1.66 -3.34
N ILE A 95 4.89 -2.42 -2.23
CA ILE A 95 6.15 -2.93 -1.72
C ILE A 95 6.82 -3.78 -2.83
N LYS A 96 6.07 -4.69 -3.46
CA LYS A 96 6.59 -5.56 -4.51
C LYS A 96 7.01 -4.80 -5.76
N GLU A 97 6.38 -3.67 -6.06
CA GLU A 97 6.69 -2.88 -7.23
C GLU A 97 7.95 -2.06 -7.03
N LEU A 98 8.14 -1.50 -5.83
CA LEU A 98 9.29 -0.67 -5.49
C LEU A 98 10.58 -1.46 -5.36
N THR A 99 10.50 -2.65 -4.76
CA THR A 99 11.66 -3.50 -4.55
C THR A 99 12.20 -4.07 -5.87
N THR A 100 11.38 -4.05 -6.93
CA THR A 100 11.75 -4.56 -8.24
C THR A 100 11.76 -3.45 -9.29
N GLU A 101 12.11 -3.81 -10.53
CA GLU A 101 12.16 -2.91 -11.67
C GLU A 101 10.82 -2.93 -12.39
N LYS A 102 10.49 -1.84 -13.09
CA LYS A 102 9.26 -1.72 -13.85
C LYS A 102 9.45 -2.29 -15.26
N LYS A 103 10.70 -2.38 -15.73
CA LYS A 103 11.04 -2.90 -17.06
C LYS A 103 10.54 -4.34 -17.19
N ALA A 104 10.11 -4.70 -18.40
CA ALA A 104 9.63 -6.04 -18.69
C ALA A 104 10.83 -7.00 -18.83
N ARG A 105 10.55 -8.30 -18.88
CA ARG A 105 11.60 -9.31 -19.04
C ARG A 105 12.06 -9.25 -20.50
N ARG A 106 13.31 -8.83 -20.73
CA ARG A 106 13.97 -8.68 -22.04
C ARG A 106 13.27 -7.58 -22.88
N PRO A 107 13.93 -7.01 -23.90
CA PRO A 107 13.32 -5.96 -24.70
C PRO A 107 12.27 -6.53 -25.66
N THR A 108 11.33 -5.67 -26.06
CA THR A 108 10.25 -6.01 -26.99
C THR A 108 10.76 -5.90 -28.44
N ARG A 109 9.88 -6.14 -29.41
CA ARG A 109 10.17 -6.08 -30.84
C ARG A 109 9.22 -5.13 -31.57
N SER A 110 7.98 -5.00 -31.10
CA SER A 110 6.99 -4.14 -31.71
C SER A 110 7.23 -2.70 -31.21
N GLY A 111 8.20 -1.99 -31.78
CA GLY A 111 8.52 -0.63 -31.40
C GLY A 111 9.97 -0.26 -31.70
N PRO A 112 10.40 0.97 -31.36
CA PRO A 112 11.75 1.44 -31.58
C PRO A 112 12.74 0.77 -30.61
N SER A 113 14.02 1.03 -30.80
CA SER A 113 15.10 0.49 -30.00
C SER A 113 15.70 1.57 -29.09
N SER A 114 16.72 1.19 -28.34
CA SER A 114 17.47 2.03 -27.43
C SER A 114 18.72 2.55 -28.19
N GLY A 115 18.75 2.40 -29.52
CA GLY A 115 19.84 2.81 -30.39
C GLY A 115 20.80 1.65 -30.61
N GLU A 116 21.42 1.62 -31.78
CA GLU A 116 22.38 0.62 -32.22
C GLU A 116 23.51 1.42 -32.86
N ASN A 117 24.72 1.35 -32.30
CA ASN A 117 25.86 2.09 -32.84
C ASN A 117 26.43 1.38 -34.07
N LEU A 118 27.13 2.15 -34.90
CA LEU A 118 27.77 1.64 -36.10
C LEU A 118 28.99 0.83 -35.64
N TYR A 119 29.30 -0.28 -36.33
CA TYR A 119 30.40 -1.18 -36.02
C TYR A 119 31.24 -1.54 -37.25
N PHE A 120 31.09 -0.80 -38.34
CA PHE A 120 31.77 -0.97 -39.61
C PHE A 120 31.90 0.41 -40.26
N GLN A 121 32.22 0.46 -41.54
CA GLN A 121 32.38 1.63 -42.39
C GLN A 121 31.95 1.19 -43.79
N MET A 1 -0.39 -11.98 7.78
CA MET A 1 1.08 -12.09 7.84
C MET A 1 1.82 -11.25 6.80
N ILE A 2 1.16 -10.49 5.91
CA ILE A 2 1.78 -9.63 4.88
C ILE A 2 3.07 -10.26 4.30
N VAL A 3 3.03 -11.56 3.99
CA VAL A 3 4.19 -12.28 3.46
C VAL A 3 4.53 -11.82 2.04
N ILE A 4 5.44 -10.86 1.96
CA ILE A 4 5.90 -10.30 0.70
C ILE A 4 6.79 -11.33 0.01
N SER A 5 7.69 -11.94 0.77
CA SER A 5 8.65 -12.93 0.32
C SER A 5 9.07 -13.77 1.54
N ARG A 6 9.95 -14.75 1.34
CA ARG A 6 10.49 -15.68 2.33
C ARG A 6 10.79 -15.02 3.68
N HIS A 7 11.81 -14.16 3.72
CA HIS A 7 12.24 -13.46 4.91
C HIS A 7 11.46 -12.16 5.16
N VAL A 8 10.29 -11.94 4.54
CA VAL A 8 9.53 -10.70 4.70
C VAL A 8 8.04 -10.98 4.90
N ALA A 9 7.56 -10.86 6.13
CA ALA A 9 6.18 -11.08 6.52
C ALA A 9 5.91 -10.33 7.83
N ILE A 10 5.02 -9.34 7.81
CA ILE A 10 4.65 -8.53 8.98
C ILE A 10 3.50 -9.24 9.71
N PRO A 11 3.50 -9.35 11.05
CA PRO A 11 2.43 -10.00 11.80
C PRO A 11 1.12 -9.20 11.86
N ASP A 12 1.00 -8.11 11.09
CA ASP A 12 -0.14 -7.20 11.00
C ASP A 12 -0.35 -6.36 12.28
N GLY A 13 0.40 -6.62 13.35
CA GLY A 13 0.31 -5.92 14.63
C GLY A 13 1.32 -4.79 14.74
N GLU A 14 2.39 -4.83 13.93
CA GLU A 14 3.47 -3.85 13.89
C GLU A 14 3.07 -2.54 13.19
N LEU A 15 1.82 -2.38 12.74
CA LEU A 15 1.36 -1.18 12.03
C LEU A 15 0.55 -0.24 12.92
N GLU A 16 0.26 0.95 12.39
CA GLU A 16 -0.52 1.99 13.07
C GLU A 16 -1.68 2.31 12.11
N ILE A 17 -2.91 2.24 12.58
CA ILE A 17 -4.12 2.49 11.81
C ILE A 17 -4.87 3.69 12.39
N THR A 18 -5.71 4.35 11.60
CA THR A 18 -6.52 5.48 12.04
C THR A 18 -7.83 5.57 11.26
N ALA A 19 -8.91 5.95 11.95
CA ALA A 19 -10.22 6.13 11.34
C ALA A 19 -10.19 7.49 10.66
N ILE A 20 -10.72 7.57 9.45
CA ILE A 20 -10.72 8.81 8.69
C ILE A 20 -12.11 9.26 8.23
N ARG A 21 -12.41 10.51 8.62
CA ARG A 21 -13.63 11.26 8.36
C ARG A 21 -13.29 12.33 7.36
N ALA A 22 -13.83 12.24 6.15
CA ALA A 22 -13.58 13.25 5.13
C ALA A 22 -14.45 14.45 5.52
N GLN A 23 -14.03 15.67 5.17
CA GLN A 23 -14.78 16.88 5.50
C GLN A 23 -14.74 17.90 4.36
N GLY A 24 -13.74 17.88 3.48
CA GLY A 24 -13.67 18.80 2.36
C GLY A 24 -14.72 18.36 1.34
N ALA A 25 -15.13 19.28 0.46
CA ALA A 25 -16.13 18.99 -0.56
C ALA A 25 -15.74 17.79 -1.43
N GLY A 26 -16.74 17.05 -1.89
CA GLY A 26 -16.61 15.87 -2.73
C GLY A 26 -17.09 16.21 -4.13
N GLY A 27 -16.17 16.54 -5.03
CA GLY A 27 -16.46 16.87 -6.43
C GLY A 27 -15.89 15.79 -7.33
N GLN A 28 -16.00 15.95 -8.65
CA GLN A 28 -15.51 14.99 -9.64
C GLN A 28 -16.06 13.56 -9.39
N HIS A 29 -17.18 13.46 -8.65
CA HIS A 29 -17.85 12.22 -8.24
C HIS A 29 -16.87 11.23 -7.61
N VAL A 30 -15.87 11.77 -6.94
CA VAL A 30 -14.82 11.03 -6.27
C VAL A 30 -15.43 10.06 -5.26
N ASN A 31 -15.03 8.80 -5.35
CA ASN A 31 -15.53 7.77 -4.46
C ASN A 31 -14.63 7.82 -3.21
N LYS A 32 -15.05 8.59 -2.21
CA LYS A 32 -14.39 8.82 -0.92
C LYS A 32 -15.48 8.73 0.15
N THR A 33 -15.10 8.46 1.40
CA THR A 33 -16.05 8.35 2.51
C THR A 33 -15.45 8.84 3.83
N SER A 34 -16.29 8.88 4.86
CA SER A 34 -15.96 9.27 6.22
C SER A 34 -15.94 8.02 7.11
N THR A 35 -15.98 6.84 6.49
CA THR A 35 -15.98 5.54 7.10
C THR A 35 -14.78 4.75 6.55
N ALA A 36 -13.74 5.48 6.13
CA ALA A 36 -12.54 4.95 5.54
C ALA A 36 -11.46 4.70 6.58
N ILE A 37 -10.34 4.13 6.15
CA ILE A 37 -9.22 3.79 7.02
C ILE A 37 -7.91 4.30 6.43
N HIS A 38 -7.05 4.74 7.34
CA HIS A 38 -5.72 5.23 7.12
C HIS A 38 -4.83 4.11 7.67
N LEU A 39 -4.00 3.52 6.83
CA LEU A 39 -3.08 2.44 7.15
C LEU A 39 -1.67 3.04 7.07
N ARG A 40 -0.99 3.20 8.21
CA ARG A 40 0.35 3.78 8.30
C ARG A 40 1.37 2.73 8.71
N PHE A 41 2.35 2.51 7.84
CA PHE A 41 3.45 1.58 8.02
C PHE A 41 4.77 2.35 8.07
N ASP A 42 5.47 2.26 9.21
CA ASP A 42 6.74 2.92 9.51
C ASP A 42 7.89 1.96 9.19
N ILE A 43 8.48 2.09 8.01
CA ILE A 43 9.60 1.24 7.56
C ILE A 43 10.73 1.16 8.59
N ARG A 44 11.23 2.32 9.05
CA ARG A 44 12.34 2.36 10.02
C ARG A 44 12.01 1.75 11.37
N ALA A 45 10.72 1.64 11.70
CA ALA A 45 10.27 1.07 12.96
C ALA A 45 9.86 -0.40 12.79
N SER A 46 9.98 -0.99 11.59
CA SER A 46 9.58 -2.37 11.35
C SER A 46 10.74 -3.34 11.32
N SER A 47 10.44 -4.64 11.38
CA SER A 47 11.44 -5.71 11.34
C SER A 47 11.88 -6.06 9.90
N LEU A 48 11.56 -5.23 8.90
CA LEU A 48 11.96 -5.49 7.52
C LEU A 48 13.47 -5.65 7.36
N PRO A 49 13.90 -6.40 6.33
CA PRO A 49 15.31 -6.58 6.09
C PRO A 49 15.86 -5.26 5.59
N GLU A 50 17.14 -5.02 5.88
CA GLU A 50 17.86 -3.81 5.51
C GLU A 50 17.72 -3.47 4.02
N TYR A 51 17.72 -4.48 3.15
CA TYR A 51 17.58 -4.28 1.72
C TYR A 51 16.23 -3.63 1.44
N TYR A 52 15.15 -4.16 2.00
CA TYR A 52 13.82 -3.60 1.79
C TYR A 52 13.73 -2.23 2.42
N LYS A 53 14.35 -2.00 3.59
CA LYS A 53 14.27 -0.68 4.22
C LYS A 53 14.77 0.39 3.26
N GLU A 54 15.99 0.25 2.75
CA GLU A 54 16.55 1.26 1.83
C GLU A 54 15.79 1.33 0.52
N ARG A 55 15.12 0.25 0.09
CA ARG A 55 14.34 0.25 -1.15
C ARG A 55 13.08 1.07 -0.94
N LEU A 56 12.34 0.81 0.13
CA LEU A 56 11.13 1.53 0.45
C LEU A 56 11.49 2.97 0.81
N LEU A 57 12.69 3.23 1.34
CA LEU A 57 13.14 4.58 1.66
C LEU A 57 13.48 5.30 0.35
N ALA A 58 13.88 4.55 -0.68
CA ALA A 58 14.22 5.03 -2.00
C ALA A 58 12.99 4.98 -2.93
N ALA A 59 11.79 4.76 -2.37
CA ALA A 59 10.56 4.67 -3.12
C ALA A 59 9.94 6.04 -3.34
N SER A 60 10.11 6.59 -4.53
CA SER A 60 9.56 7.87 -4.87
C SER A 60 8.09 7.65 -5.23
N HIS A 61 7.21 7.66 -4.23
CA HIS A 61 5.77 7.48 -4.35
C HIS A 61 5.05 8.59 -3.61
N HIS A 62 3.94 9.11 -4.15
CA HIS A 62 3.16 10.16 -3.51
C HIS A 62 2.47 9.70 -2.21
N LEU A 63 2.61 8.42 -1.86
CA LEU A 63 2.03 7.77 -0.69
C LEU A 63 3.08 7.55 0.41
N ILE A 64 4.37 7.76 0.13
CA ILE A 64 5.42 7.53 1.12
C ILE A 64 6.14 8.85 1.39
N SER A 65 6.57 9.05 2.63
CA SER A 65 7.29 10.25 3.00
C SER A 65 8.78 9.96 2.97
N SER A 66 9.62 10.99 2.77
CA SER A 66 11.08 10.81 2.75
C SER A 66 11.61 10.33 4.11
N ASP A 67 10.77 10.37 5.15
CA ASP A 67 11.09 9.91 6.50
C ASP A 67 10.94 8.40 6.60
N GLY A 68 10.37 7.72 5.59
CA GLY A 68 10.19 6.28 5.58
C GLY A 68 8.87 5.82 6.16
N VAL A 69 7.77 6.48 5.80
CA VAL A 69 6.45 6.11 6.31
C VAL A 69 5.48 6.00 5.13
N ILE A 70 5.00 4.79 4.84
CA ILE A 70 4.06 4.50 3.77
C ILE A 70 2.66 4.68 4.35
N VAL A 71 1.78 5.43 3.69
CA VAL A 71 0.40 5.62 4.14
C VAL A 71 -0.54 5.26 2.99
N ILE A 72 -1.62 4.54 3.31
CA ILE A 72 -2.62 4.08 2.35
C ILE A 72 -3.99 4.46 2.88
N LYS A 73 -4.93 4.68 1.96
CA LYS A 73 -6.31 5.03 2.26
C LYS A 73 -7.22 4.16 1.41
N ALA A 74 -7.73 3.08 1.99
CA ALA A 74 -8.64 2.17 1.28
C ALA A 74 -10.06 2.59 1.66
N GLN A 75 -10.92 2.79 0.66
CA GLN A 75 -12.30 3.22 0.83
C GLN A 75 -13.16 2.54 -0.23
N GLU A 76 -14.12 1.72 0.20
CA GLU A 76 -15.07 0.99 -0.66
C GLU A 76 -16.23 0.47 0.17
N TYR A 77 -15.90 -0.21 1.28
CA TYR A 77 -16.81 -0.84 2.21
C TYR A 77 -17.54 0.19 3.06
N ARG A 78 -18.75 -0.18 3.47
CA ARG A 78 -19.64 0.63 4.28
C ARG A 78 -19.26 0.71 5.76
N SER A 79 -18.28 -0.06 6.23
CA SER A 79 -17.83 -0.10 7.61
C SER A 79 -16.32 0.08 7.68
N GLN A 80 -15.88 0.84 8.67
CA GLN A 80 -14.52 1.24 9.03
C GLN A 80 -13.76 0.07 9.66
N GLU A 81 -13.95 -1.16 9.15
CA GLU A 81 -13.28 -2.36 9.63
C GLU A 81 -12.90 -3.27 8.47
N LEU A 82 -13.58 -3.15 7.32
CA LEU A 82 -13.27 -3.96 6.15
C LEU A 82 -12.27 -3.22 5.27
N ASN A 83 -12.14 -1.91 5.46
CA ASN A 83 -11.21 -1.07 4.71
C ASN A 83 -9.78 -1.27 5.22
N ARG A 84 -9.56 -1.65 6.49
CA ARG A 84 -8.20 -1.89 7.01
C ARG A 84 -7.59 -3.05 6.22
N GLU A 85 -8.32 -4.15 6.08
CA GLU A 85 -7.88 -5.33 5.36
C GLU A 85 -7.83 -5.04 3.84
N ALA A 86 -8.49 -3.96 3.39
CA ALA A 86 -8.49 -3.56 1.99
C ALA A 86 -7.27 -2.69 1.67
N ALA A 87 -6.58 -2.21 2.70
CA ALA A 87 -5.39 -1.39 2.58
C ALA A 87 -4.16 -2.32 2.64
N LEU A 88 -4.22 -3.45 3.38
CA LEU A 88 -3.08 -4.38 3.47
C LEU A 88 -2.72 -4.89 2.07
N ALA A 89 -3.73 -5.18 1.24
CA ALA A 89 -3.54 -5.67 -0.13
C ALA A 89 -2.71 -4.67 -0.93
N ARG A 90 -3.03 -3.38 -0.80
CA ARG A 90 -2.36 -2.28 -1.48
C ARG A 90 -0.93 -2.12 -0.96
N LEU A 91 -0.70 -2.33 0.35
CA LEU A 91 0.62 -2.23 0.95
C LEU A 91 1.53 -3.29 0.32
N VAL A 92 1.07 -4.54 0.33
CA VAL A 92 1.84 -5.65 -0.25
C VAL A 92 2.14 -5.37 -1.73
N ALA A 93 1.18 -4.79 -2.45
CA ALA A 93 1.26 -4.48 -3.88
C ALA A 93 2.39 -3.53 -4.20
N MET A 94 2.27 -2.28 -3.73
CA MET A 94 3.28 -1.26 -3.97
C MET A 94 4.65 -1.72 -3.49
N ILE A 95 4.74 -2.44 -2.38
CA ILE A 95 6.03 -2.90 -1.92
C ILE A 95 6.67 -3.79 -3.00
N LYS A 96 5.90 -4.67 -3.65
CA LYS A 96 6.39 -5.56 -4.71
C LYS A 96 6.69 -4.83 -6.02
N GLU A 97 6.67 -3.49 -6.02
CA GLU A 97 6.94 -2.65 -7.18
C GLU A 97 8.13 -1.74 -6.85
N LEU A 98 8.23 -1.33 -5.58
CA LEU A 98 9.28 -0.48 -5.04
C LEU A 98 10.53 -1.27 -4.64
N THR A 99 10.41 -2.59 -4.44
CA THR A 99 11.52 -3.47 -4.04
C THR A 99 11.99 -4.36 -5.20
N THR A 100 11.07 -4.85 -6.01
CA THR A 100 11.24 -5.71 -7.16
C THR A 100 10.33 -5.18 -8.27
N GLU A 101 10.36 -5.81 -9.44
CA GLU A 101 9.52 -5.41 -10.55
C GLU A 101 8.72 -6.67 -10.87
N LYS A 102 7.52 -6.72 -10.29
CA LYS A 102 6.58 -7.81 -10.44
C LYS A 102 5.98 -7.80 -11.84
N LYS A 103 6.64 -8.41 -12.82
CA LYS A 103 6.21 -8.49 -14.21
C LYS A 103 5.08 -9.52 -14.42
N ALA A 104 4.42 -10.03 -13.37
CA ALA A 104 3.33 -11.01 -13.48
C ALA A 104 2.20 -10.74 -12.49
N ARG A 105 0.95 -10.94 -12.91
CA ARG A 105 -0.30 -10.77 -12.16
C ARG A 105 -1.43 -11.27 -13.04
N ARG A 106 -2.62 -11.51 -12.47
CA ARG A 106 -3.81 -11.95 -13.20
C ARG A 106 -5.03 -11.28 -12.56
N PRO A 107 -6.17 -11.13 -13.27
CA PRO A 107 -7.36 -10.51 -12.70
C PRO A 107 -7.88 -11.51 -11.65
N THR A 108 -7.62 -11.25 -10.38
CA THR A 108 -8.00 -12.13 -9.26
C THR A 108 -8.43 -11.27 -8.07
N ARG A 109 -9.53 -11.63 -7.37
CA ARG A 109 -9.99 -10.87 -6.21
C ARG A 109 -10.66 -11.74 -5.15
N SER A 110 -11.57 -12.64 -5.55
CA SER A 110 -12.31 -13.52 -4.65
C SER A 110 -13.05 -12.75 -3.54
N GLY A 111 -13.32 -11.45 -3.74
CA GLY A 111 -14.03 -10.63 -2.78
C GLY A 111 -15.52 -10.90 -2.82
N PRO A 112 -16.29 -10.29 -1.90
CA PRO A 112 -17.72 -10.47 -1.86
C PRO A 112 -18.34 -9.67 -3.01
N SER A 113 -19.29 -10.26 -3.71
CA SER A 113 -19.94 -9.56 -4.80
C SER A 113 -20.99 -8.66 -4.12
N SER A 114 -20.57 -7.47 -3.66
CA SER A 114 -21.45 -6.52 -2.99
C SER A 114 -22.66 -6.25 -3.88
N GLY A 115 -22.44 -6.19 -5.20
CA GLY A 115 -23.51 -5.96 -6.16
C GLY A 115 -23.86 -4.50 -6.37
N GLU A 116 -23.08 -3.55 -5.84
CA GLU A 116 -23.30 -2.11 -5.99
C GLU A 116 -24.73 -1.73 -5.56
N ASN A 117 -25.26 -2.45 -4.55
CA ASN A 117 -26.59 -2.30 -3.97
C ASN A 117 -26.81 -0.91 -3.35
N LEU A 118 -27.13 0.07 -4.19
CA LEU A 118 -27.39 1.46 -3.79
C LEU A 118 -28.83 1.61 -3.27
N TYR A 119 -29.19 2.83 -2.91
CA TYR A 119 -30.48 3.24 -2.40
C TYR A 119 -30.78 4.59 -3.05
N PHE A 120 -32.05 5.01 -3.01
CA PHE A 120 -32.54 6.25 -3.57
C PHE A 120 -33.27 6.94 -2.43
N GLN A 121 -32.76 8.08 -1.99
CA GLN A 121 -33.27 8.90 -0.91
C GLN A 121 -33.86 10.15 -1.52
N MET A 1 0.32 -12.00 8.88
CA MET A 1 1.72 -12.22 8.44
C MET A 1 2.14 -11.42 7.21
N ILE A 2 1.27 -10.89 6.31
CA ILE A 2 1.70 -10.08 5.14
C ILE A 2 3.00 -10.64 4.51
N VAL A 3 2.99 -11.92 4.21
CA VAL A 3 4.16 -12.60 3.65
C VAL A 3 4.49 -12.06 2.25
N ILE A 4 5.58 -11.31 2.17
CA ILE A 4 6.08 -10.73 0.93
C ILE A 4 7.04 -11.73 0.28
N SER A 5 7.91 -12.38 1.07
CA SER A 5 8.89 -13.35 0.59
C SER A 5 9.21 -14.38 1.67
N ARG A 6 10.12 -15.32 1.38
CA ARG A 6 10.55 -16.37 2.31
C ARG A 6 11.18 -15.78 3.59
N HIS A 7 11.63 -14.53 3.57
CA HIS A 7 12.26 -13.88 4.70
C HIS A 7 11.57 -12.55 5.06
N VAL A 8 10.35 -12.29 4.57
CA VAL A 8 9.64 -11.05 4.85
C VAL A 8 8.16 -11.35 5.11
N ALA A 9 7.69 -11.07 6.33
CA ALA A 9 6.32 -11.28 6.77
C ALA A 9 6.05 -10.36 7.98
N ILE A 10 5.16 -9.38 7.85
CA ILE A 10 4.80 -8.45 8.94
C ILE A 10 3.63 -9.09 9.71
N PRO A 11 3.64 -9.15 11.05
CA PRO A 11 2.55 -9.73 11.83
C PRO A 11 1.27 -8.89 11.90
N ASP A 12 1.08 -7.90 11.02
CA ASP A 12 -0.08 -7.00 10.90
C ASP A 12 -0.26 -6.02 12.07
N GLY A 13 0.44 -6.19 13.19
CA GLY A 13 0.32 -5.33 14.38
C GLY A 13 1.41 -4.28 14.46
N GLU A 14 2.46 -4.41 13.64
CA GLU A 14 3.57 -3.47 13.62
C GLU A 14 3.18 -2.17 12.89
N LEU A 15 1.94 -2.07 12.40
CA LEU A 15 1.42 -0.93 11.67
C LEU A 15 0.56 -0.07 12.60
N GLU A 16 0.28 1.17 12.19
CA GLU A 16 -0.56 2.10 12.91
C GLU A 16 -1.78 2.29 12.03
N ILE A 17 -2.88 1.64 12.36
CA ILE A 17 -4.11 1.74 11.61
C ILE A 17 -4.98 2.73 12.39
N THR A 18 -5.73 3.58 11.70
CA THR A 18 -6.55 4.60 12.32
C THR A 18 -7.82 4.83 11.48
N ALA A 19 -8.87 5.39 12.08
CA ALA A 19 -10.11 5.66 11.36
C ALA A 19 -10.10 7.05 10.74
N ILE A 20 -10.69 7.20 9.56
CA ILE A 20 -10.79 8.48 8.87
C ILE A 20 -12.26 8.77 8.66
N ARG A 21 -12.64 9.98 9.04
CA ARG A 21 -13.95 10.56 9.00
C ARG A 21 -13.81 11.85 8.19
N ALA A 22 -14.86 12.25 7.49
CA ALA A 22 -14.85 13.46 6.69
C ALA A 22 -15.11 14.67 7.59
N GLN A 23 -14.81 15.86 7.07
CA GLN A 23 -15.01 17.13 7.72
C GLN A 23 -15.46 18.09 6.62
N GLY A 24 -16.19 19.14 6.97
CA GLY A 24 -16.71 20.13 6.05
C GLY A 24 -18.07 20.54 6.61
N ALA A 25 -19.06 20.74 5.74
CA ALA A 25 -20.41 21.10 6.13
C ALA A 25 -21.32 19.96 5.74
N GLY A 26 -22.21 19.54 6.64
CA GLY A 26 -23.15 18.46 6.36
C GLY A 26 -24.30 19.05 5.56
N GLY A 27 -24.31 18.81 4.25
CA GLY A 27 -25.37 19.32 3.40
C GLY A 27 -26.64 18.52 3.70
N GLN A 28 -27.81 19.13 3.53
CA GLN A 28 -29.08 18.44 3.81
C GLN A 28 -29.25 17.19 2.93
N HIS A 29 -28.63 17.17 1.75
CA HIS A 29 -28.70 16.08 0.81
C HIS A 29 -27.57 15.08 1.06
N VAL A 30 -27.60 14.38 2.20
CA VAL A 30 -26.58 13.38 2.53
C VAL A 30 -27.31 12.23 3.23
N ASN A 31 -26.92 11.00 2.92
CA ASN A 31 -27.53 9.81 3.50
C ASN A 31 -26.50 8.75 3.91
N LYS A 32 -25.31 8.78 3.31
CA LYS A 32 -24.21 7.87 3.61
C LYS A 32 -23.47 8.40 4.83
N THR A 33 -22.41 7.71 5.27
CA THR A 33 -21.60 8.13 6.41
C THR A 33 -20.12 7.96 6.03
N SER A 34 -19.28 8.84 6.57
CA SER A 34 -17.85 8.83 6.35
C SER A 34 -17.31 7.63 7.12
N THR A 35 -16.87 6.59 6.41
CA THR A 35 -16.34 5.37 7.00
C THR A 35 -15.12 4.89 6.22
N ALA A 36 -13.91 5.20 6.70
CA ALA A 36 -12.69 4.76 6.05
C ALA A 36 -11.64 4.42 7.07
N ILE A 37 -10.54 3.83 6.61
CA ILE A 37 -9.42 3.43 7.43
C ILE A 37 -8.14 3.96 6.78
N HIS A 38 -7.22 4.38 7.62
CA HIS A 38 -5.91 4.89 7.30
C HIS A 38 -4.95 3.83 7.81
N LEU A 39 -3.99 3.43 6.99
CA LEU A 39 -2.98 2.45 7.32
C LEU A 39 -1.67 3.19 7.20
N ARG A 40 -0.80 3.08 8.20
CA ARG A 40 0.50 3.71 8.23
C ARG A 40 1.50 2.64 8.60
N PHE A 41 2.57 2.53 7.82
CA PHE A 41 3.66 1.59 8.04
C PHE A 41 5.00 2.33 8.07
N ASP A 42 5.66 2.35 9.23
CA ASP A 42 6.96 2.98 9.47
C ASP A 42 8.04 1.94 9.14
N ILE A 43 8.72 2.07 8.00
CA ILE A 43 9.78 1.12 7.62
C ILE A 43 10.87 1.12 8.69
N ARG A 44 11.22 2.29 9.24
CA ARG A 44 12.27 2.36 10.26
C ARG A 44 11.93 1.55 11.50
N ALA A 45 10.64 1.38 11.80
CA ALA A 45 10.17 0.64 12.96
C ALA A 45 9.90 -0.84 12.65
N SER A 46 10.29 -1.35 11.48
CA SER A 46 10.01 -2.72 11.11
C SER A 46 11.19 -3.69 11.25
N SER A 47 10.93 -4.97 11.00
CA SER A 47 11.87 -6.08 11.03
C SER A 47 12.32 -6.43 9.60
N LEU A 48 11.93 -5.63 8.60
CA LEU A 48 12.28 -5.85 7.20
C LEU A 48 13.80 -5.95 6.98
N PRO A 49 14.24 -6.66 5.94
CA PRO A 49 15.65 -6.80 5.62
C PRO A 49 16.16 -5.42 5.20
N GLU A 50 17.43 -5.17 5.46
CA GLU A 50 18.13 -3.92 5.14
C GLU A 50 17.94 -3.51 3.68
N TYR A 51 17.95 -4.46 2.75
CA TYR A 51 17.76 -4.18 1.33
C TYR A 51 16.37 -3.56 1.11
N TYR A 52 15.35 -4.13 1.76
CA TYR A 52 13.99 -3.62 1.64
C TYR A 52 13.92 -2.27 2.31
N LYS A 53 14.61 -2.06 3.45
CA LYS A 53 14.60 -0.77 4.15
C LYS A 53 15.04 0.31 3.19
N GLU A 54 16.21 0.14 2.57
CA GLU A 54 16.73 1.12 1.61
C GLU A 54 15.83 1.23 0.39
N ARG A 55 15.24 0.13 -0.11
CA ARG A 55 14.38 0.18 -1.29
C ARG A 55 13.14 1.00 -1.03
N LEU A 56 12.51 0.78 0.12
CA LEU A 56 11.32 1.52 0.47
C LEU A 56 11.72 2.97 0.79
N LEU A 57 12.85 3.23 1.46
CA LEU A 57 13.26 4.61 1.76
C LEU A 57 13.56 5.38 0.47
N ALA A 58 14.03 4.65 -0.54
CA ALA A 58 14.36 5.13 -1.87
C ALA A 58 13.15 5.00 -2.82
N ALA A 59 11.95 4.83 -2.27
CA ALA A 59 10.74 4.68 -3.05
C ALA A 59 10.09 6.02 -3.37
N SER A 60 10.20 6.42 -4.65
CA SER A 60 9.60 7.65 -5.11
C SER A 60 8.13 7.34 -5.39
N HIS A 61 7.29 7.45 -4.37
CA HIS A 61 5.85 7.23 -4.42
C HIS A 61 5.18 8.39 -3.69
N HIS A 62 4.09 8.91 -4.26
CA HIS A 62 3.30 10.01 -3.71
C HIS A 62 2.56 9.62 -2.42
N LEU A 63 2.77 8.39 -1.92
CA LEU A 63 2.19 7.82 -0.70
C LEU A 63 3.26 7.56 0.36
N ILE A 64 4.55 7.70 0.05
CA ILE A 64 5.64 7.46 0.98
C ILE A 64 6.36 8.77 1.30
N SER A 65 6.75 8.94 2.57
CA SER A 65 7.46 10.12 3.06
C SER A 65 8.95 9.85 3.19
N SER A 66 9.75 10.92 3.35
CA SER A 66 11.20 10.83 3.49
C SER A 66 11.60 10.17 4.81
N ASP A 67 10.71 10.17 5.80
CA ASP A 67 10.92 9.55 7.11
C ASP A 67 10.76 8.03 7.01
N GLY A 68 10.37 7.53 5.84
CA GLY A 68 10.19 6.13 5.56
C GLY A 68 8.88 5.64 6.09
N VAL A 69 7.77 6.30 5.72
CA VAL A 69 6.47 5.89 6.20
C VAL A 69 5.53 5.80 5.00
N ILE A 70 4.96 4.61 4.77
CA ILE A 70 4.02 4.31 3.70
C ILE A 70 2.63 4.49 4.29
N VAL A 71 1.80 5.39 3.74
CA VAL A 71 0.43 5.57 4.24
C VAL A 71 -0.55 5.23 3.11
N ILE A 72 -1.68 4.60 3.45
CA ILE A 72 -2.69 4.15 2.50
C ILE A 72 -4.08 4.48 3.07
N LYS A 73 -5.07 4.76 2.21
CA LYS A 73 -6.43 5.09 2.62
C LYS A 73 -7.39 4.26 1.78
N ALA A 74 -7.83 3.12 2.33
CA ALA A 74 -8.73 2.20 1.66
C ALA A 74 -10.16 2.55 2.05
N GLN A 75 -11.05 2.64 1.07
CA GLN A 75 -12.45 2.94 1.29
C GLN A 75 -13.24 2.38 0.12
N GLU A 76 -14.06 1.36 0.40
CA GLU A 76 -14.88 0.65 -0.58
C GLU A 76 -16.11 -0.01 0.05
N TYR A 77 -16.04 -0.37 1.34
CA TYR A 77 -17.16 -0.98 2.05
C TYR A 77 -17.85 0.08 2.91
N ARG A 78 -18.89 -0.32 3.63
CA ARG A 78 -19.66 0.54 4.51
C ARG A 78 -19.37 0.19 5.98
N SER A 79 -18.33 -0.61 6.24
CA SER A 79 -17.95 -1.03 7.58
C SER A 79 -16.47 -0.74 7.78
N GLN A 80 -16.13 0.00 8.83
CA GLN A 80 -14.77 0.41 9.19
C GLN A 80 -13.87 -0.80 9.53
N GLU A 81 -14.43 -2.01 9.54
CA GLU A 81 -13.75 -3.28 9.82
C GLU A 81 -13.33 -3.98 8.53
N LEU A 82 -13.92 -3.65 7.39
CA LEU A 82 -13.58 -4.28 6.12
C LEU A 82 -12.54 -3.46 5.35
N ASN A 83 -12.55 -2.13 5.51
CA ASN A 83 -11.62 -1.25 4.82
C ASN A 83 -10.19 -1.51 5.31
N ARG A 84 -10.03 -1.80 6.61
CA ARG A 84 -8.72 -2.08 7.23
C ARG A 84 -7.98 -3.24 6.55
N GLU A 85 -8.68 -4.28 6.12
CA GLU A 85 -8.05 -5.41 5.47
C GLU A 85 -7.85 -5.21 3.98
N ALA A 86 -8.53 -4.23 3.38
CA ALA A 86 -8.36 -3.94 1.95
C ALA A 86 -7.07 -3.14 1.73
N ALA A 87 -6.62 -2.43 2.76
CA ALA A 87 -5.42 -1.59 2.75
C ALA A 87 -4.14 -2.40 2.74
N LEU A 88 -4.11 -3.54 3.44
CA LEU A 88 -2.92 -4.39 3.50
C LEU A 88 -2.56 -4.89 2.11
N ALA A 89 -3.56 -5.15 1.27
CA ALA A 89 -3.34 -5.62 -0.08
C ALA A 89 -2.55 -4.54 -0.86
N ARG A 90 -2.96 -3.28 -0.74
CA ARG A 90 -2.31 -2.16 -1.43
C ARG A 90 -0.88 -2.00 -0.94
N LEU A 91 -0.63 -2.24 0.36
CA LEU A 91 0.71 -2.14 0.95
C LEU A 91 1.59 -3.19 0.29
N VAL A 92 1.14 -4.44 0.28
CA VAL A 92 1.89 -5.54 -0.32
C VAL A 92 2.18 -5.25 -1.80
N ALA A 93 1.21 -4.70 -2.53
CA ALA A 93 1.27 -4.40 -3.94
C ALA A 93 2.36 -3.41 -4.29
N MET A 94 2.37 -2.24 -3.64
CA MET A 94 3.38 -1.23 -3.88
C MET A 94 4.74 -1.78 -3.45
N ILE A 95 4.80 -2.57 -2.36
CA ILE A 95 6.07 -3.15 -1.91
C ILE A 95 6.66 -3.96 -3.07
N LYS A 96 5.83 -4.78 -3.75
CA LYS A 96 6.20 -5.64 -4.88
C LYS A 96 6.48 -4.88 -6.17
N GLU A 97 6.52 -3.55 -6.13
CA GLU A 97 6.81 -2.70 -7.26
C GLU A 97 8.01 -1.82 -6.92
N LEU A 98 8.17 -1.42 -5.65
CA LEU A 98 9.27 -0.58 -5.17
C LEU A 98 10.54 -1.40 -4.93
N THR A 99 10.41 -2.65 -4.46
CA THR A 99 11.57 -3.52 -4.21
C THR A 99 12.18 -4.07 -5.51
N THR A 100 11.46 -3.97 -6.63
CA THR A 100 11.84 -4.43 -7.95
C THR A 100 11.56 -3.31 -8.95
N GLU A 101 11.42 -3.64 -10.24
CA GLU A 101 11.12 -2.72 -11.33
C GLU A 101 9.71 -3.11 -11.80
N LYS A 102 8.87 -2.12 -12.08
CA LYS A 102 7.51 -2.32 -12.56
C LYS A 102 7.57 -2.97 -13.95
N LYS A 103 6.80 -4.04 -14.17
CA LYS A 103 6.78 -4.70 -15.48
C LYS A 103 5.87 -3.90 -16.39
N ALA A 104 6.25 -3.75 -17.65
CA ALA A 104 5.50 -3.02 -18.66
C ALA A 104 4.18 -3.74 -19.04
N ARG A 105 4.04 -5.02 -18.70
CA ARG A 105 2.86 -5.87 -18.97
C ARG A 105 2.34 -5.67 -20.39
N ARG A 106 3.21 -5.74 -21.41
CA ARG A 106 2.74 -5.55 -22.78
C ARG A 106 1.80 -6.72 -23.16
N PRO A 107 0.65 -6.47 -23.81
CA PRO A 107 -0.29 -7.50 -24.24
C PRO A 107 0.34 -8.38 -25.31
N THR A 108 -0.33 -9.47 -25.70
CA THR A 108 0.21 -10.39 -26.70
C THR A 108 -0.84 -10.95 -27.69
N ARG A 109 -2.13 -10.63 -27.54
CA ARG A 109 -3.26 -11.06 -28.39
C ARG A 109 -3.03 -12.44 -29.02
N SER A 110 -3.13 -13.50 -28.21
CA SER A 110 -2.95 -14.88 -28.67
C SER A 110 -4.23 -15.46 -29.27
N GLY A 111 -5.28 -14.65 -29.46
CA GLY A 111 -6.58 -15.00 -30.02
C GLY A 111 -7.21 -16.28 -29.47
N PRO A 112 -7.51 -16.37 -28.16
CA PRO A 112 -8.13 -17.56 -27.60
C PRO A 112 -9.63 -17.59 -27.92
N SER A 113 -10.26 -18.75 -27.70
CA SER A 113 -11.68 -18.98 -27.92
C SER A 113 -12.44 -17.85 -27.22
N SER A 114 -13.17 -17.05 -28.00
CA SER A 114 -13.95 -15.91 -27.50
C SER A 114 -15.33 -15.82 -28.17
N GLY A 115 -15.75 -16.84 -28.93
CA GLY A 115 -17.03 -16.84 -29.63
C GLY A 115 -17.03 -17.94 -30.68
N GLU A 116 -17.56 -19.10 -30.33
CA GLU A 116 -17.67 -20.27 -31.20
C GLU A 116 -19.11 -20.80 -31.12
N ASN A 117 -19.42 -21.93 -31.79
CA ASN A 117 -20.75 -22.53 -31.79
C ASN A 117 -20.66 -24.05 -31.88
N LEU A 118 -21.80 -24.73 -31.70
CA LEU A 118 -21.94 -26.18 -31.76
C LEU A 118 -22.97 -26.43 -32.83
N TYR A 119 -22.52 -26.93 -33.98
CA TYR A 119 -23.39 -27.22 -35.11
C TYR A 119 -24.25 -28.44 -34.78
N PHE A 120 -25.54 -28.21 -34.59
CA PHE A 120 -26.56 -29.17 -34.30
C PHE A 120 -26.72 -30.05 -35.54
N GLN A 121 -26.47 -31.32 -35.31
CA GLN A 121 -26.51 -32.46 -36.20
C GLN A 121 -27.26 -33.55 -35.43
N MET A 1 -0.56 -11.60 8.17
CA MET A 1 0.89 -11.85 8.11
C MET A 1 1.59 -11.07 7.00
N ILE A 2 0.89 -10.45 6.03
CA ILE A 2 1.48 -9.65 4.94
C ILE A 2 2.79 -10.29 4.42
N VAL A 3 2.73 -11.56 4.05
CA VAL A 3 3.88 -12.32 3.57
C VAL A 3 4.23 -11.87 2.16
N ILE A 4 5.19 -10.96 2.08
CA ILE A 4 5.69 -10.39 0.83
C ILE A 4 6.66 -11.35 0.14
N SER A 5 7.48 -12.07 0.89
CA SER A 5 8.48 -12.97 0.33
C SER A 5 8.71 -14.20 1.21
N ARG A 6 9.87 -14.85 1.05
CA ARG A 6 10.27 -16.04 1.80
C ARG A 6 10.80 -15.70 3.20
N HIS A 7 11.26 -14.47 3.44
CA HIS A 7 11.79 -14.00 4.73
C HIS A 7 11.26 -12.59 5.03
N VAL A 8 10.04 -12.30 4.58
CA VAL A 8 9.38 -11.00 4.74
C VAL A 8 7.88 -11.24 4.92
N ALA A 9 7.37 -11.04 6.13
CA ALA A 9 5.96 -11.18 6.52
C ALA A 9 5.68 -10.36 7.77
N ILE A 10 4.98 -9.22 7.61
CA ILE A 10 4.63 -8.29 8.69
C ILE A 10 3.56 -8.97 9.59
N PRO A 11 3.81 -9.12 10.90
CA PRO A 11 2.88 -9.77 11.82
C PRO A 11 1.64 -8.93 12.18
N ASP A 12 1.22 -7.98 11.32
CA ASP A 12 0.06 -7.10 11.46
C ASP A 12 0.11 -6.14 12.66
N GLY A 13 1.09 -6.25 13.56
CA GLY A 13 1.22 -5.42 14.74
C GLY A 13 2.21 -4.28 14.58
N GLU A 14 3.03 -4.32 13.54
CA GLU A 14 4.04 -3.32 13.23
C GLU A 14 3.45 -2.03 12.65
N LEU A 15 2.17 -2.05 12.25
CA LEU A 15 1.47 -0.94 11.63
C LEU A 15 0.64 -0.13 12.63
N GLU A 16 0.34 1.11 12.26
CA GLU A 16 -0.47 2.09 12.97
C GLU A 16 -1.75 2.16 12.13
N ILE A 17 -2.81 1.54 12.65
CA ILE A 17 -4.10 1.51 11.97
C ILE A 17 -4.97 2.45 12.75
N THR A 18 -5.55 3.41 12.04
CA THR A 18 -6.41 4.43 12.62
C THR A 18 -7.66 4.53 11.75
N ALA A 19 -8.78 4.89 12.36
CA ALA A 19 -10.04 5.04 11.65
C ALA A 19 -10.14 6.48 11.19
N ILE A 20 -10.89 6.72 10.11
CA ILE A 20 -11.11 8.05 9.57
C ILE A 20 -12.62 8.29 9.54
N ARG A 21 -13.01 9.52 9.86
CA ARG A 21 -14.37 10.00 9.89
C ARG A 21 -14.41 11.24 9.00
N ALA A 22 -15.50 11.40 8.27
CA ALA A 22 -15.73 12.52 7.36
C ALA A 22 -17.19 12.95 7.57
N GLN A 23 -17.52 14.13 7.07
CA GLN A 23 -18.87 14.69 7.16
C GLN A 23 -19.33 15.33 5.86
N GLY A 24 -18.43 16.00 5.14
CA GLY A 24 -18.75 16.67 3.88
C GLY A 24 -19.71 17.84 4.11
N ALA A 25 -20.10 18.52 3.02
CA ALA A 25 -21.03 19.65 3.10
C ALA A 25 -22.40 19.07 3.48
N GLY A 26 -23.05 19.63 4.49
CA GLY A 26 -24.36 19.15 4.93
C GLY A 26 -25.42 19.69 3.98
N GLY A 27 -25.77 18.90 2.97
CA GLY A 27 -26.77 19.25 1.98
C GLY A 27 -27.31 17.98 1.35
N GLN A 28 -26.65 17.50 0.28
CA GLN A 28 -27.05 16.29 -0.43
C GLN A 28 -25.86 15.38 -0.73
N HIS A 29 -24.65 15.68 -0.25
CA HIS A 29 -23.48 14.84 -0.50
C HIS A 29 -22.60 14.63 0.73
N VAL A 30 -23.16 13.89 1.69
CA VAL A 30 -22.52 13.51 2.94
C VAL A 30 -22.21 12.01 2.86
N ASN A 31 -21.46 11.47 3.81
CA ASN A 31 -21.07 10.05 3.90
C ASN A 31 -20.42 9.45 2.66
N LYS A 32 -19.96 10.27 1.71
CA LYS A 32 -19.34 9.78 0.47
C LYS A 32 -17.91 9.26 0.65
N THR A 33 -17.25 9.57 1.77
CA THR A 33 -15.87 9.15 2.05
C THR A 33 -15.70 8.73 3.54
N SER A 34 -16.79 8.55 4.27
CA SER A 34 -16.82 8.18 5.67
C SER A 34 -16.52 6.71 5.91
N THR A 35 -16.45 6.33 7.19
CA THR A 35 -16.21 4.97 7.70
C THR A 35 -14.98 4.29 7.07
N ALA A 36 -13.98 5.10 6.70
CA ALA A 36 -12.75 4.65 6.07
C ALA A 36 -11.68 4.25 7.07
N ILE A 37 -10.54 3.79 6.56
CA ILE A 37 -9.41 3.35 7.38
C ILE A 37 -8.12 3.95 6.84
N HIS A 38 -7.25 4.32 7.77
CA HIS A 38 -5.93 4.89 7.57
C HIS A 38 -4.96 3.79 8.01
N LEU A 39 -4.04 3.41 7.15
CA LEU A 39 -3.04 2.37 7.39
C LEU A 39 -1.68 3.04 7.21
N ARG A 40 -0.95 3.22 8.30
CA ARG A 40 0.38 3.84 8.32
C ARG A 40 1.32 2.73 8.74
N PHE A 41 2.29 2.36 7.91
CA PHE A 41 3.26 1.32 8.20
C PHE A 41 4.64 1.97 8.17
N ASP A 42 5.36 1.92 9.29
CA ASP A 42 6.68 2.48 9.44
C ASP A 42 7.73 1.55 8.88
N ILE A 43 8.57 2.02 7.97
CA ILE A 43 9.59 1.17 7.41
C ILE A 43 10.73 1.06 8.44
N ARG A 44 11.28 2.19 8.89
CA ARG A 44 12.40 2.24 9.83
C ARG A 44 12.19 1.39 11.07
N ALA A 45 10.99 1.50 11.63
CA ALA A 45 10.57 0.86 12.85
C ALA A 45 10.06 -0.55 12.66
N SER A 46 10.22 -1.15 11.47
CA SER A 46 9.71 -2.49 11.29
C SER A 46 10.82 -3.54 11.33
N SER A 47 10.41 -4.81 11.37
CA SER A 47 11.34 -5.94 11.37
C SER A 47 11.84 -6.25 9.95
N LEU A 48 11.47 -5.44 8.93
CA LEU A 48 11.90 -5.64 7.54
C LEU A 48 13.42 -5.76 7.39
N PRO A 49 13.89 -6.51 6.39
CA PRO A 49 15.32 -6.66 6.16
C PRO A 49 15.89 -5.32 5.73
N GLU A 50 17.13 -5.04 6.10
CA GLU A 50 17.86 -3.81 5.78
C GLU A 50 17.76 -3.45 4.30
N TYR A 51 17.74 -4.43 3.39
CA TYR A 51 17.63 -4.20 1.96
C TYR A 51 16.31 -3.52 1.66
N TYR A 52 15.20 -4.10 2.17
CA TYR A 52 13.88 -3.53 1.95
C TYR A 52 13.80 -2.17 2.63
N LYS A 53 14.45 -1.99 3.80
CA LYS A 53 14.44 -0.71 4.50
C LYS A 53 14.95 0.39 3.58
N GLU A 54 16.14 0.20 3.00
CA GLU A 54 16.72 1.18 2.09
C GLU A 54 15.86 1.33 0.84
N ARG A 55 15.32 0.22 0.33
CA ARG A 55 14.49 0.19 -0.87
C ARG A 55 13.30 1.12 -0.74
N LEU A 56 12.45 0.83 0.25
CA LEU A 56 11.25 1.59 0.50
C LEU A 56 11.57 3.02 0.91
N LEU A 57 12.73 3.30 1.52
CA LEU A 57 13.09 4.68 1.88
C LEU A 57 13.43 5.46 0.61
N ALA A 58 14.12 4.80 -0.34
CA ALA A 58 14.58 5.35 -1.61
C ALA A 58 13.53 5.24 -2.73
N ALA A 59 12.34 4.76 -2.40
CA ALA A 59 11.23 4.59 -3.30
C ALA A 59 10.59 5.94 -3.57
N SER A 60 10.48 6.33 -4.84
CA SER A 60 9.89 7.59 -5.22
C SER A 60 8.40 7.28 -5.42
N HIS A 61 7.64 7.38 -4.33
CA HIS A 61 6.22 7.13 -4.33
C HIS A 61 5.51 8.30 -3.67
N HIS A 62 4.55 8.88 -4.38
CA HIS A 62 3.71 10.01 -3.96
C HIS A 62 2.86 9.70 -2.71
N LEU A 63 2.99 8.51 -2.11
CA LEU A 63 2.27 8.07 -0.92
C LEU A 63 3.21 7.80 0.28
N ILE A 64 4.54 7.73 0.08
CA ILE A 64 5.50 7.46 1.15
C ILE A 64 6.04 8.79 1.69
N SER A 65 6.18 8.89 3.01
CA SER A 65 6.70 10.08 3.69
C SER A 65 8.22 10.00 3.72
N SER A 66 8.87 11.17 3.79
CA SER A 66 10.31 11.36 3.83
C SER A 66 11.03 10.53 4.90
N ASP A 67 10.36 10.24 6.02
CA ASP A 67 10.98 9.49 7.12
C ASP A 67 11.03 8.00 6.88
N GLY A 68 10.32 7.52 5.86
CA GLY A 68 10.23 6.12 5.50
C GLY A 68 8.97 5.57 6.16
N VAL A 69 7.83 6.10 5.75
CA VAL A 69 6.52 5.70 6.26
C VAL A 69 5.59 5.56 5.06
N ILE A 70 4.90 4.44 4.93
CA ILE A 70 3.97 4.17 3.85
C ILE A 70 2.59 4.50 4.42
N VAL A 71 1.80 5.36 3.76
CA VAL A 71 0.47 5.78 4.22
C VAL A 71 -0.59 5.43 3.16
N ILE A 72 -1.57 4.61 3.52
CA ILE A 72 -2.66 4.15 2.64
C ILE A 72 -3.99 4.55 3.29
N LYS A 73 -5.01 4.86 2.49
CA LYS A 73 -6.34 5.25 2.94
C LYS A 73 -7.33 4.44 2.11
N ALA A 74 -7.78 3.32 2.67
CA ALA A 74 -8.72 2.43 1.99
C ALA A 74 -10.13 2.82 2.39
N GLN A 75 -10.98 2.98 1.38
CA GLN A 75 -12.37 3.35 1.55
C GLN A 75 -13.09 2.79 0.33
N GLU A 76 -14.00 1.85 0.56
CA GLU A 76 -14.81 1.18 -0.46
C GLU A 76 -16.09 0.63 0.18
N TYR A 77 -15.97 0.05 1.38
CA TYR A 77 -17.08 -0.56 2.12
C TYR A 77 -17.74 0.44 3.07
N ARG A 78 -18.94 0.06 3.54
CA ARG A 78 -19.74 0.83 4.49
C ARG A 78 -19.39 0.48 5.95
N SER A 79 -18.52 -0.50 6.18
CA SER A 79 -18.08 -0.96 7.50
C SER A 79 -16.59 -0.76 7.60
N GLN A 80 -16.16 -0.13 8.69
CA GLN A 80 -14.76 0.20 8.98
C GLN A 80 -13.88 -1.05 9.01
N GLU A 81 -14.39 -2.14 9.59
CA GLU A 81 -13.74 -3.44 9.73
C GLU A 81 -13.37 -4.08 8.38
N LEU A 82 -14.05 -3.68 7.30
CA LEU A 82 -13.79 -4.21 5.97
C LEU A 82 -12.83 -3.30 5.21
N ASN A 83 -12.82 -2.00 5.52
CA ASN A 83 -11.91 -1.07 4.84
C ASN A 83 -10.46 -1.36 5.25
N ARG A 84 -10.20 -1.90 6.45
CA ARG A 84 -8.85 -2.23 6.90
C ARG A 84 -8.21 -3.32 6.05
N GLU A 85 -8.94 -4.37 5.68
CA GLU A 85 -8.37 -5.42 4.82
C GLU A 85 -8.17 -4.92 3.40
N ALA A 86 -8.93 -3.92 2.94
CA ALA A 86 -8.76 -3.37 1.60
C ALA A 86 -7.42 -2.61 1.50
N ALA A 87 -6.90 -2.13 2.64
CA ALA A 87 -5.65 -1.40 2.71
C ALA A 87 -4.47 -2.37 2.62
N LEU A 88 -4.56 -3.54 3.27
CA LEU A 88 -3.51 -4.55 3.27
C LEU A 88 -3.09 -4.93 1.85
N ALA A 89 -4.07 -5.06 0.95
CA ALA A 89 -3.81 -5.44 -0.43
C ALA A 89 -2.88 -4.44 -1.13
N ARG A 90 -3.17 -3.15 -0.97
CA ARG A 90 -2.42 -2.05 -1.56
C ARG A 90 -0.99 -2.01 -1.03
N LEU A 91 -0.80 -2.17 0.29
CA LEU A 91 0.54 -2.15 0.88
C LEU A 91 1.41 -3.23 0.27
N VAL A 92 0.91 -4.46 0.26
CA VAL A 92 1.64 -5.60 -0.31
C VAL A 92 2.02 -5.34 -1.77
N ALA A 93 1.17 -4.64 -2.52
CA ALA A 93 1.37 -4.36 -3.93
C ALA A 93 2.49 -3.37 -4.16
N MET A 94 2.39 -2.17 -3.58
CA MET A 94 3.40 -1.14 -3.75
C MET A 94 4.74 -1.64 -3.25
N ILE A 95 4.82 -2.36 -2.12
CA ILE A 95 6.08 -2.89 -1.61
C ILE A 95 6.69 -3.78 -2.70
N LYS A 96 5.89 -4.69 -3.28
CA LYS A 96 6.38 -5.59 -4.31
C LYS A 96 6.78 -4.85 -5.59
N GLU A 97 6.18 -3.70 -5.92
CA GLU A 97 6.50 -2.93 -7.13
C GLU A 97 7.76 -2.08 -6.92
N LEU A 98 7.93 -1.54 -5.71
CA LEU A 98 9.06 -0.70 -5.36
C LEU A 98 10.33 -1.49 -5.23
N THR A 99 10.32 -2.56 -4.44
CA THR A 99 11.50 -3.39 -4.22
C THR A 99 12.04 -3.99 -5.53
N THR A 100 11.16 -4.51 -6.39
CA THR A 100 11.55 -5.10 -7.67
C THR A 100 12.01 -3.99 -8.62
N GLU A 101 12.39 -4.36 -9.84
CA GLU A 101 12.83 -3.44 -10.87
C GLU A 101 11.70 -2.45 -11.22
N LYS A 102 12.05 -1.22 -11.57
CA LYS A 102 11.07 -0.19 -11.92
C LYS A 102 10.75 -0.30 -13.40
N LYS A 103 9.48 -0.08 -13.76
CA LYS A 103 9.11 -0.16 -15.17
C LYS A 103 9.84 0.93 -15.91
N ALA A 104 10.53 0.59 -17.00
CA ALA A 104 11.26 1.56 -17.78
C ALA A 104 10.25 2.59 -18.31
N ARG A 105 10.68 3.84 -18.43
CA ARG A 105 9.87 4.96 -18.91
C ARG A 105 10.54 5.61 -20.11
N ARG A 106 9.93 6.67 -20.64
CA ARG A 106 10.49 7.40 -21.78
C ARG A 106 11.89 7.88 -21.39
N PRO A 107 12.79 8.06 -22.36
CA PRO A 107 14.15 8.50 -22.10
C PRO A 107 14.19 9.98 -21.69
N THR A 108 14.50 10.28 -20.44
CA THR A 108 14.58 11.65 -19.95
C THR A 108 15.69 11.70 -18.88
N ARG A 109 16.28 12.88 -18.67
CA ARG A 109 17.35 13.11 -17.70
C ARG A 109 16.74 13.08 -16.30
N SER A 110 16.46 11.88 -15.80
CA SER A 110 15.86 11.64 -14.50
C SER A 110 16.95 10.99 -13.63
N GLY A 111 17.97 11.79 -13.29
CA GLY A 111 19.08 11.34 -12.48
C GLY A 111 18.66 11.22 -11.02
N PRO A 112 18.76 12.29 -10.22
CA PRO A 112 18.36 12.24 -8.82
C PRO A 112 16.83 12.11 -8.71
N SER A 113 16.35 11.69 -7.54
CA SER A 113 14.92 11.54 -7.26
C SER A 113 14.61 11.83 -5.79
N SER A 114 15.62 12.10 -4.96
CA SER A 114 15.52 12.42 -3.54
C SER A 114 16.76 13.27 -3.26
N GLY A 115 16.65 14.25 -2.35
CA GLY A 115 17.76 15.12 -1.99
C GLY A 115 18.66 14.49 -0.93
N GLU A 116 19.80 15.14 -0.65
CA GLU A 116 20.75 14.70 0.36
C GLU A 116 20.45 15.35 1.72
N ASN A 117 20.87 14.69 2.79
CA ASN A 117 20.72 15.11 4.19
C ASN A 117 21.44 14.09 5.06
N LEU A 118 21.92 14.53 6.23
CA LEU A 118 22.63 13.71 7.21
C LEU A 118 22.06 13.93 8.61
N TYR A 119 22.43 13.08 9.57
CA TYR A 119 22.00 13.16 10.96
C TYR A 119 23.24 13.11 11.86
N PHE A 120 23.11 13.62 13.08
CA PHE A 120 24.16 13.69 14.09
C PHE A 120 24.27 12.35 14.81
N GLN A 121 24.75 11.34 14.06
CA GLN A 121 24.94 9.96 14.49
C GLN A 121 23.65 9.40 15.08
N MET A 1 -0.73 -11.68 7.91
CA MET A 1 0.73 -11.80 7.99
C MET A 1 1.46 -10.99 6.93
N ILE A 2 0.79 -10.28 6.01
CA ILE A 2 1.38 -9.46 4.95
C ILE A 2 2.68 -10.11 4.42
N VAL A 3 2.56 -11.39 4.06
CA VAL A 3 3.66 -12.18 3.55
C VAL A 3 4.06 -11.64 2.17
N ILE A 4 5.18 -10.92 2.15
CA ILE A 4 5.75 -10.33 0.95
C ILE A 4 6.68 -11.33 0.27
N SER A 5 7.51 -12.04 1.03
CA SER A 5 8.50 -12.99 0.53
C SER A 5 8.74 -14.07 1.58
N ARG A 6 9.64 -15.03 1.31
CA ARG A 6 9.98 -16.13 2.22
C ARG A 6 10.33 -15.58 3.61
N HIS A 7 11.35 -14.74 3.69
CA HIS A 7 11.82 -14.15 4.94
C HIS A 7 11.15 -12.80 5.21
N VAL A 8 9.95 -12.52 4.68
CA VAL A 8 9.28 -11.24 4.87
C VAL A 8 7.78 -11.42 5.05
N ALA A 9 7.27 -11.22 6.26
CA ALA A 9 5.86 -11.32 6.60
C ALA A 9 5.64 -10.40 7.79
N ILE A 10 4.92 -9.30 7.58
CA ILE A 10 4.63 -8.32 8.62
C ILE A 10 3.49 -8.87 9.50
N PRO A 11 3.69 -9.07 10.81
CA PRO A 11 2.69 -9.62 11.75
C PRO A 11 1.55 -8.63 12.09
N ASP A 12 1.26 -7.68 11.22
CA ASP A 12 0.21 -6.67 11.34
C ASP A 12 0.38 -5.67 12.49
N GLY A 13 1.47 -5.76 13.28
CA GLY A 13 1.74 -4.88 14.42
C GLY A 13 2.73 -3.78 14.14
N GLU A 14 3.56 -3.95 13.10
CA GLU A 14 4.56 -2.96 12.70
C GLU A 14 3.92 -1.77 11.95
N LEU A 15 2.58 -1.73 11.87
CA LEU A 15 1.76 -0.73 11.23
C LEU A 15 0.96 0.02 12.30
N GLU A 16 0.48 1.20 11.93
CA GLU A 16 -0.34 2.12 12.69
C GLU A 16 -1.61 2.21 11.84
N ILE A 17 -2.67 1.53 12.27
CA ILE A 17 -3.95 1.49 11.58
C ILE A 17 -4.89 2.38 12.37
N THR A 18 -5.46 3.37 11.69
CA THR A 18 -6.36 4.34 12.26
C THR A 18 -7.67 4.46 11.51
N ALA A 19 -8.72 4.84 12.24
CA ALA A 19 -10.02 5.06 11.65
C ALA A 19 -10.06 6.48 11.14
N ILE A 20 -10.68 6.69 10.00
CA ILE A 20 -10.81 7.99 9.36
C ILE A 20 -12.24 8.14 8.89
N ARG A 21 -12.85 9.28 9.22
CA ARG A 21 -14.21 9.60 8.84
C ARG A 21 -14.30 11.06 8.48
N ALA A 22 -14.34 11.34 7.18
CA ALA A 22 -14.44 12.68 6.65
C ALA A 22 -15.89 13.18 6.81
N GLN A 23 -16.12 14.47 6.65
CA GLN A 23 -17.44 15.09 6.75
C GLN A 23 -18.27 14.78 5.50
N GLY A 24 -19.56 15.10 5.54
CA GLY A 24 -20.50 14.88 4.45
C GLY A 24 -21.56 15.96 4.44
N ALA A 25 -21.38 16.97 3.57
CA ALA A 25 -22.31 18.07 3.41
C ALA A 25 -23.70 17.49 3.08
N GLY A 26 -24.75 18.29 3.24
CA GLY A 26 -26.10 17.81 3.03
C GLY A 26 -26.45 17.68 1.56
N GLY A 27 -27.43 16.81 1.29
CA GLY A 27 -27.92 16.51 -0.03
C GLY A 27 -27.30 15.20 -0.53
N GLN A 28 -26.02 15.22 -0.93
CA GLN A 28 -25.32 14.06 -1.47
C GLN A 28 -24.57 13.18 -0.46
N HIS A 29 -23.43 13.66 0.06
CA HIS A 29 -22.58 12.91 1.00
C HIS A 29 -23.18 12.65 2.39
N VAL A 30 -24.41 13.08 2.63
CA VAL A 30 -25.13 12.90 3.88
C VAL A 30 -25.33 11.40 4.17
N ASN A 31 -25.95 10.68 3.24
CA ASN A 31 -26.23 9.26 3.39
C ASN A 31 -24.97 8.40 3.17
N LYS A 32 -23.95 8.94 2.50
CA LYS A 32 -22.69 8.25 2.24
C LYS A 32 -21.81 8.36 3.48
N THR A 33 -21.78 7.34 4.32
CA THR A 33 -20.91 7.38 5.49
C THR A 33 -19.47 7.29 4.94
N SER A 34 -18.48 7.68 5.75
CA SER A 34 -17.07 7.67 5.38
C SER A 34 -16.32 6.77 6.36
N THR A 35 -16.68 5.49 6.41
CA THR A 35 -16.05 4.50 7.27
C THR A 35 -14.73 4.06 6.64
N ALA A 36 -13.75 4.96 6.51
CA ALA A 36 -12.49 4.60 5.88
C ALA A 36 -11.45 4.16 6.90
N ILE A 37 -10.37 3.56 6.40
CA ILE A 37 -9.27 3.09 7.21
C ILE A 37 -8.01 3.70 6.62
N HIS A 38 -7.15 4.13 7.53
CA HIS A 38 -5.87 4.73 7.30
C HIS A 38 -4.89 3.68 7.77
N LEU A 39 -3.92 3.33 6.94
CA LEU A 39 -2.91 2.35 7.24
C LEU A 39 -1.59 3.04 7.03
N ARG A 40 -0.77 3.07 8.05
CA ARG A 40 0.54 3.67 8.01
C ARG A 40 1.51 2.57 8.42
N PHE A 41 2.65 2.48 7.75
CA PHE A 41 3.68 1.49 8.03
C PHE A 41 5.02 2.23 8.03
N ASP A 42 5.65 2.39 9.19
CA ASP A 42 6.94 3.06 9.31
C ASP A 42 8.00 1.98 9.08
N ILE A 43 8.73 2.09 7.97
CA ILE A 43 9.77 1.14 7.60
C ILE A 43 10.80 1.00 8.72
N ARG A 44 11.20 2.08 9.37
CA ARG A 44 12.18 1.98 10.46
C ARG A 44 11.62 1.23 11.65
N ALA A 45 10.31 1.26 11.85
CA ALA A 45 9.63 0.58 12.94
C ALA A 45 9.37 -0.89 12.61
N SER A 46 9.85 -1.37 11.47
CA SER A 46 9.60 -2.73 11.04
C SER A 46 10.78 -3.67 11.26
N SER A 47 10.50 -4.95 11.07
CA SER A 47 11.39 -6.08 11.19
C SER A 47 11.75 -6.58 9.77
N LEU A 48 11.51 -5.75 8.75
CA LEU A 48 11.81 -6.06 7.35
C LEU A 48 13.32 -6.21 7.17
N PRO A 49 13.76 -6.93 6.12
CA PRO A 49 15.17 -7.09 5.82
C PRO A 49 15.73 -5.74 5.40
N GLU A 50 17.02 -5.50 5.65
CA GLU A 50 17.67 -4.24 5.30
C GLU A 50 17.52 -3.87 3.83
N TYR A 51 17.58 -4.82 2.90
CA TYR A 51 17.44 -4.48 1.48
C TYR A 51 16.06 -3.88 1.24
N TYR A 52 15.03 -4.43 1.89
CA TYR A 52 13.68 -3.90 1.73
C TYR A 52 13.62 -2.56 2.42
N LYS A 53 14.25 -2.39 3.59
CA LYS A 53 14.25 -1.12 4.31
C LYS A 53 14.77 -0.03 3.38
N GLU A 54 15.96 -0.21 2.82
CA GLU A 54 16.54 0.77 1.93
C GLU A 54 15.73 0.95 0.65
N ARG A 55 15.13 -0.10 0.10
CA ARG A 55 14.33 0.02 -1.12
C ARG A 55 13.13 0.89 -0.87
N LEU A 56 12.41 0.62 0.21
CA LEU A 56 11.23 1.38 0.58
C LEU A 56 11.61 2.80 1.02
N LEU A 57 12.76 3.00 1.68
CA LEU A 57 13.22 4.32 2.10
C LEU A 57 13.58 5.16 0.88
N ALA A 58 14.11 4.50 -0.16
CA ALA A 58 14.52 5.09 -1.42
C ALA A 58 13.38 5.12 -2.43
N ALA A 59 12.18 4.65 -2.06
CA ALA A 59 11.02 4.61 -2.92
C ALA A 59 10.54 6.01 -3.26
N SER A 60 9.88 6.16 -4.40
CA SER A 60 9.35 7.40 -4.89
C SER A 60 7.90 7.13 -5.25
N HIS A 61 7.01 7.26 -4.26
CA HIS A 61 5.58 7.08 -4.40
C HIS A 61 4.90 8.22 -3.67
N HIS A 62 3.80 8.75 -4.22
CA HIS A 62 3.03 9.81 -3.58
C HIS A 62 2.47 9.38 -2.22
N LEU A 63 2.37 8.06 -1.99
CA LEU A 63 1.86 7.43 -0.79
C LEU A 63 2.94 7.29 0.29
N ILE A 64 4.22 7.55 0.01
CA ILE A 64 5.29 7.42 1.00
C ILE A 64 5.84 8.80 1.38
N SER A 65 6.10 8.97 2.67
CA SER A 65 6.66 10.17 3.27
C SER A 65 8.18 9.97 3.29
N SER A 66 8.94 11.06 3.19
CA SER A 66 10.41 11.02 3.17
C SER A 66 11.02 10.40 4.43
N ASP A 67 10.26 10.25 5.51
CA ASP A 67 10.72 9.66 6.77
C ASP A 67 10.66 8.13 6.72
N GLY A 68 10.40 7.55 5.56
CA GLY A 68 10.31 6.12 5.36
C GLY A 68 9.04 5.63 6.03
N VAL A 69 7.90 6.23 5.68
CA VAL A 69 6.61 5.88 6.23
C VAL A 69 5.63 5.78 5.06
N ILE A 70 5.04 4.61 4.86
CA ILE A 70 4.07 4.36 3.80
C ILE A 70 2.71 4.70 4.41
N VAL A 71 1.82 5.38 3.68
CA VAL A 71 0.48 5.76 4.14
C VAL A 71 -0.51 5.39 3.04
N ILE A 72 -1.58 4.65 3.38
CA ILE A 72 -2.63 4.22 2.47
C ILE A 72 -3.96 4.55 3.13
N LYS A 73 -4.96 4.92 2.34
CA LYS A 73 -6.31 5.26 2.81
C LYS A 73 -7.25 4.38 2.02
N ALA A 74 -7.71 3.29 2.62
CA ALA A 74 -8.61 2.34 1.99
C ALA A 74 -10.04 2.77 2.29
N GLN A 75 -10.85 2.86 1.23
CA GLN A 75 -12.25 3.23 1.34
C GLN A 75 -12.99 2.65 0.13
N GLU A 76 -13.87 1.70 0.42
CA GLU A 76 -14.68 0.95 -0.54
C GLU A 76 -15.94 0.46 0.17
N TYR A 77 -15.76 -0.25 1.29
CA TYR A 77 -16.80 -0.82 2.13
C TYR A 77 -17.46 0.23 3.01
N ARG A 78 -18.58 -0.15 3.66
CA ARG A 78 -19.36 0.67 4.57
C ARG A 78 -19.02 0.37 6.04
N SER A 79 -17.94 -0.36 6.31
CA SER A 79 -17.52 -0.67 7.66
C SER A 79 -16.02 -0.60 7.70
N GLN A 80 -15.53 0.06 8.74
CA GLN A 80 -14.12 0.27 9.03
C GLN A 80 -13.43 -1.09 9.03
N GLU A 81 -14.06 -2.08 9.66
CA GLU A 81 -13.62 -3.46 9.82
C GLU A 81 -13.36 -4.22 8.52
N LEU A 82 -13.84 -3.69 7.40
CA LEU A 82 -13.68 -4.23 6.06
C LEU A 82 -12.74 -3.37 5.24
N ASN A 83 -12.62 -2.07 5.52
CA ASN A 83 -11.69 -1.25 4.75
C ASN A 83 -10.25 -1.56 5.20
N ARG A 84 -10.05 -2.16 6.38
CA ARG A 84 -8.72 -2.51 6.88
C ARG A 84 -8.07 -3.52 5.95
N GLU A 85 -8.79 -4.58 5.55
CA GLU A 85 -8.22 -5.57 4.64
C GLU A 85 -7.99 -4.95 3.26
N ALA A 86 -8.85 -4.00 2.84
CA ALA A 86 -8.68 -3.35 1.56
C ALA A 86 -7.38 -2.53 1.57
N ALA A 87 -6.88 -2.18 2.77
CA ALA A 87 -5.67 -1.44 2.96
C ALA A 87 -4.50 -2.42 2.84
N LEU A 88 -4.48 -3.53 3.60
CA LEU A 88 -3.39 -4.50 3.56
C LEU A 88 -3.06 -4.93 2.12
N ALA A 89 -4.09 -5.18 1.29
CA ALA A 89 -3.91 -5.60 -0.09
C ALA A 89 -3.16 -4.55 -0.92
N ARG A 90 -3.40 -3.26 -0.68
CA ARG A 90 -2.76 -2.16 -1.38
C ARG A 90 -1.30 -2.02 -0.99
N LEU A 91 -1.01 -2.26 0.30
CA LEU A 91 0.33 -2.20 0.84
C LEU A 91 1.21 -3.24 0.16
N VAL A 92 0.79 -4.51 0.19
CA VAL A 92 1.54 -5.62 -0.43
C VAL A 92 1.90 -5.31 -1.89
N ALA A 93 0.97 -4.72 -2.64
CA ALA A 93 1.16 -4.41 -4.04
C ALA A 93 2.28 -3.38 -4.27
N MET A 94 2.16 -2.21 -3.63
CA MET A 94 3.19 -1.19 -3.78
C MET A 94 4.52 -1.72 -3.27
N ILE A 95 4.54 -2.51 -2.19
CA ILE A 95 5.77 -3.07 -1.67
C ILE A 95 6.46 -3.85 -2.80
N LYS A 96 5.72 -4.75 -3.46
CA LYS A 96 6.27 -5.56 -4.54
C LYS A 96 6.65 -4.75 -5.77
N GLU A 97 6.21 -3.50 -5.90
CA GLU A 97 6.56 -2.67 -7.02
C GLU A 97 7.79 -1.82 -6.68
N LEU A 98 8.02 -1.47 -5.41
CA LEU A 98 9.15 -0.65 -5.00
C LEU A 98 10.43 -1.46 -4.84
N THR A 99 10.32 -2.73 -4.42
CA THR A 99 11.53 -3.55 -4.28
C THR A 99 12.14 -3.87 -5.65
N THR A 100 11.36 -3.78 -6.73
CA THR A 100 11.78 -4.05 -8.10
C THR A 100 11.43 -2.88 -9.05
N GLU A 101 11.46 -3.18 -10.34
CA GLU A 101 11.18 -2.34 -11.50
C GLU A 101 9.67 -2.34 -11.78
N LYS A 102 9.14 -1.28 -12.39
CA LYS A 102 7.72 -1.13 -12.71
C LYS A 102 7.37 -1.97 -13.95
N LYS A 103 6.25 -2.71 -13.92
CA LYS A 103 5.79 -3.51 -15.07
C LYS A 103 4.32 -3.18 -15.36
N ALA A 104 3.88 -3.47 -16.58
CA ALA A 104 2.54 -3.21 -17.09
C ALA A 104 1.46 -4.20 -16.60
N ARG A 105 0.93 -3.97 -15.41
CA ARG A 105 -0.14 -4.78 -14.81
C ARG A 105 -1.45 -4.57 -15.57
N ARG A 106 -2.51 -5.33 -15.29
CA ARG A 106 -3.82 -5.17 -15.95
C ARG A 106 -4.88 -4.83 -14.89
N PRO A 107 -6.02 -4.22 -15.28
CA PRO A 107 -7.07 -3.85 -14.34
C PRO A 107 -7.78 -5.07 -13.72
N THR A 108 -7.85 -6.18 -14.46
CA THR A 108 -8.46 -7.46 -14.08
C THR A 108 -9.77 -7.26 -13.29
N ARG A 109 -10.67 -6.43 -13.83
CA ARG A 109 -11.95 -6.13 -13.20
C ARG A 109 -13.10 -6.17 -14.18
N SER A 110 -12.86 -5.85 -15.46
CA SER A 110 -13.88 -5.84 -16.50
C SER A 110 -14.39 -7.26 -16.72
N GLY A 111 -13.49 -8.22 -16.98
CA GLY A 111 -13.89 -9.61 -17.24
C GLY A 111 -14.72 -9.73 -18.52
N PRO A 112 -15.22 -10.94 -18.86
CA PRO A 112 -16.04 -11.15 -20.05
C PRO A 112 -17.46 -10.59 -19.82
N SER A 113 -18.28 -10.56 -20.87
CA SER A 113 -19.66 -10.09 -20.81
C SER A 113 -20.46 -10.78 -21.92
N SER A 114 -21.78 -10.84 -21.78
CA SER A 114 -22.70 -11.44 -22.74
C SER A 114 -24.14 -11.22 -22.25
N GLY A 115 -25.10 -11.35 -23.17
CA GLY A 115 -26.51 -11.16 -22.92
C GLY A 115 -26.84 -9.68 -23.07
N GLU A 116 -28.03 -9.37 -23.55
CA GLU A 116 -28.50 -8.00 -23.77
C GLU A 116 -29.97 -7.85 -23.33
N ASN A 117 -30.50 -8.85 -22.61
CA ASN A 117 -31.88 -8.96 -22.08
C ASN A 117 -32.99 -8.66 -23.10
N LEU A 118 -32.71 -8.84 -24.39
CA LEU A 118 -33.63 -8.64 -25.53
C LEU A 118 -34.73 -9.70 -25.65
N TYR A 119 -34.96 -10.45 -24.57
CA TYR A 119 -35.95 -11.51 -24.46
C TYR A 119 -37.35 -10.92 -24.26
N PHE A 120 -38.37 -11.78 -24.32
CA PHE A 120 -39.77 -11.46 -24.15
C PHE A 120 -40.41 -12.67 -23.48
N GLN A 121 -41.52 -12.48 -22.80
CA GLN A 121 -42.30 -13.49 -22.10
C GLN A 121 -43.74 -13.09 -22.37
N MET A 1 -0.03 -12.25 8.03
CA MET A 1 1.44 -12.33 8.01
C MET A 1 2.09 -11.48 6.92
N ILE A 2 1.33 -10.83 6.01
CA ILE A 2 1.85 -9.96 4.94
C ILE A 2 3.14 -10.57 4.34
N VAL A 3 3.10 -11.87 4.02
CA VAL A 3 4.22 -12.59 3.46
C VAL A 3 4.49 -12.06 2.06
N ILE A 4 5.56 -11.29 1.93
CA ILE A 4 5.97 -10.68 0.68
C ILE A 4 6.83 -11.65 -0.10
N SER A 5 7.87 -12.18 0.55
CA SER A 5 8.83 -13.09 -0.04
C SER A 5 9.24 -14.14 0.99
N ARG A 6 10.41 -14.76 0.84
CA ARG A 6 10.89 -15.79 1.76
C ARG A 6 11.05 -15.29 3.18
N HIS A 7 11.99 -14.38 3.46
CA HIS A 7 12.27 -13.86 4.78
C HIS A 7 11.64 -12.49 5.01
N VAL A 8 10.49 -12.23 4.39
CA VAL A 8 9.79 -10.96 4.52
C VAL A 8 8.32 -11.27 4.74
N ALA A 9 7.86 -11.11 5.99
CA ALA A 9 6.49 -11.35 6.40
C ALA A 9 6.22 -10.53 7.67
N ILE A 10 5.41 -9.48 7.57
CA ILE A 10 5.08 -8.62 8.71
C ILE A 10 3.99 -9.31 9.56
N PRO A 11 4.13 -9.41 10.89
CA PRO A 11 3.14 -10.05 11.75
C PRO A 11 1.84 -9.23 11.88
N ASP A 12 1.68 -8.12 11.14
CA ASP A 12 0.51 -7.22 11.12
C ASP A 12 0.42 -6.30 12.35
N GLY A 13 1.33 -6.45 13.31
CA GLY A 13 1.38 -5.65 14.54
C GLY A 13 2.41 -4.51 14.46
N GLU A 14 3.33 -4.56 13.49
CA GLU A 14 4.35 -3.53 13.29
C GLU A 14 3.79 -2.30 12.57
N LEU A 15 2.49 -2.26 12.30
CA LEU A 15 1.83 -1.15 11.59
C LEU A 15 1.06 -0.25 12.54
N GLU A 16 0.64 0.92 12.07
CA GLU A 16 -0.16 1.87 12.81
C GLU A 16 -1.40 2.09 11.95
N ILE A 17 -2.48 1.38 12.28
CA ILE A 17 -3.74 1.49 11.55
C ILE A 17 -4.61 2.45 12.36
N THR A 18 -5.43 3.25 11.69
CA THR A 18 -6.28 4.21 12.38
C THR A 18 -7.56 4.44 11.59
N ALA A 19 -8.65 4.76 12.29
CA ALA A 19 -9.92 5.05 11.64
C ALA A 19 -9.91 6.51 11.20
N ILE A 20 -10.63 6.78 10.11
CA ILE A 20 -10.79 8.11 9.53
C ILE A 20 -12.26 8.26 9.19
N ARG A 21 -12.79 9.47 9.39
CA ARG A 21 -14.19 9.81 9.16
C ARG A 21 -14.31 11.18 8.53
N ALA A 22 -15.33 11.37 7.68
CA ALA A 22 -15.57 12.64 7.02
C ALA A 22 -16.32 13.56 8.01
N GLN A 23 -16.23 14.87 7.81
CA GLN A 23 -16.84 15.88 8.65
C GLN A 23 -17.85 16.76 7.91
N GLY A 24 -17.77 16.83 6.58
CA GLY A 24 -18.62 17.61 5.71
C GLY A 24 -17.73 18.58 4.94
N ALA A 25 -17.13 19.54 5.66
CA ALA A 25 -16.24 20.54 5.11
C ALA A 25 -15.11 19.85 4.34
N GLY A 26 -14.86 20.26 3.11
CA GLY A 26 -13.84 19.69 2.27
C GLY A 26 -13.12 20.77 1.50
N GLY A 27 -11.88 20.50 1.13
CA GLY A 27 -11.04 21.42 0.36
C GLY A 27 -11.31 21.20 -1.12
N GLN A 28 -10.36 21.61 -1.96
CA GLN A 28 -10.45 21.45 -3.41
C GLN A 28 -10.30 20.00 -3.84
N HIS A 29 -9.91 19.12 -2.92
CA HIS A 29 -9.71 17.71 -3.14
C HIS A 29 -10.24 16.95 -1.93
N VAL A 30 -11.41 16.35 -2.09
CA VAL A 30 -12.10 15.57 -1.08
C VAL A 30 -12.80 14.38 -1.77
N ASN A 31 -13.09 13.33 -0.99
CA ASN A 31 -13.76 12.10 -1.43
C ASN A 31 -15.23 12.15 -1.00
N LYS A 32 -16.09 11.26 -1.51
CA LYS A 32 -17.51 11.26 -1.17
C LYS A 32 -17.87 10.32 -0.02
N THR A 33 -17.05 9.31 0.28
CA THR A 33 -17.34 8.37 1.35
C THR A 33 -17.05 9.00 2.72
N SER A 34 -17.19 8.21 3.79
CA SER A 34 -16.96 8.66 5.16
C SER A 34 -16.14 7.62 5.94
N THR A 35 -16.75 6.50 6.33
CA THR A 35 -16.22 5.35 7.08
C THR A 35 -15.06 4.65 6.37
N ALA A 36 -13.87 5.23 6.44
CA ALA A 36 -12.65 4.71 5.80
C ALA A 36 -11.59 4.33 6.82
N ILE A 37 -10.44 3.83 6.34
CA ILE A 37 -9.33 3.40 7.18
C ILE A 37 -8.02 3.99 6.63
N HIS A 38 -7.15 4.35 7.57
CA HIS A 38 -5.83 4.90 7.36
C HIS A 38 -4.89 3.79 7.82
N LEU A 39 -3.83 3.52 7.07
CA LEU A 39 -2.85 2.49 7.38
C LEU A 39 -1.49 3.14 7.19
N ARG A 40 -0.67 3.18 8.24
CA ARG A 40 0.65 3.75 8.22
C ARG A 40 1.68 2.69 8.59
N PHE A 41 2.68 2.47 7.75
CA PHE A 41 3.77 1.53 7.93
C PHE A 41 5.09 2.30 8.07
N ASP A 42 5.71 2.23 9.24
CA ASP A 42 6.97 2.87 9.60
C ASP A 42 8.14 1.94 9.27
N ILE A 43 8.83 2.15 8.14
CA ILE A 43 9.97 1.29 7.76
C ILE A 43 11.04 1.31 8.86
N ARG A 44 11.38 2.48 9.40
CA ARG A 44 12.41 2.60 10.44
C ARG A 44 12.05 1.92 11.75
N ALA A 45 10.81 1.45 11.90
CA ALA A 45 10.32 0.76 13.10
C ALA A 45 9.92 -0.69 12.80
N SER A 46 10.21 -1.20 11.59
CA SER A 46 9.85 -2.55 11.19
C SER A 46 11.05 -3.50 11.23
N SER A 47 10.76 -4.80 11.12
CA SER A 47 11.76 -5.87 11.13
C SER A 47 12.26 -6.18 9.71
N LEU A 48 11.89 -5.38 8.70
CA LEU A 48 12.30 -5.58 7.31
C LEU A 48 13.82 -5.59 7.12
N PRO A 49 14.32 -6.34 6.11
CA PRO A 49 15.75 -6.42 5.81
C PRO A 49 16.29 -5.09 5.31
N GLU A 50 17.61 -4.90 5.43
CA GLU A 50 18.31 -3.69 4.99
C GLU A 50 17.98 -3.35 3.54
N TYR A 51 17.92 -4.36 2.67
CA TYR A 51 17.62 -4.22 1.25
C TYR A 51 16.28 -3.52 1.09
N TYR A 52 15.24 -4.04 1.76
CA TYR A 52 13.91 -3.47 1.71
C TYR A 52 13.94 -2.10 2.37
N LYS A 53 14.72 -1.88 3.44
CA LYS A 53 14.78 -0.58 4.09
C LYS A 53 15.26 0.45 3.09
N GLU A 54 16.39 0.24 2.42
CA GLU A 54 16.88 1.19 1.45
C GLU A 54 15.91 1.35 0.28
N ARG A 55 15.30 0.26 -0.21
CA ARG A 55 14.38 0.34 -1.35
C ARG A 55 13.15 1.16 -0.99
N LEU A 56 12.48 0.84 0.12
CA LEU A 56 11.29 1.57 0.51
C LEU A 56 11.64 3.00 0.94
N LEU A 57 12.86 3.28 1.41
CA LEU A 57 13.23 4.65 1.79
C LEU A 57 13.50 5.46 0.53
N ALA A 58 13.99 4.81 -0.53
CA ALA A 58 14.27 5.43 -1.82
C ALA A 58 13.07 5.41 -2.78
N ALA A 59 11.99 4.73 -2.38
CA ALA A 59 10.75 4.55 -3.14
C ALA A 59 10.09 5.86 -3.54
N SER A 60 9.76 5.98 -4.82
CA SER A 60 9.10 7.14 -5.38
C SER A 60 7.61 6.80 -5.49
N HIS A 61 6.85 7.03 -4.43
CA HIS A 61 5.42 6.78 -4.41
C HIS A 61 4.70 7.95 -3.76
N HIS A 62 3.57 8.39 -4.32
CA HIS A 62 2.76 9.50 -3.77
C HIS A 62 2.16 9.18 -2.39
N LEU A 63 2.37 7.95 -1.91
CA LEU A 63 1.91 7.41 -0.64
C LEU A 63 3.04 7.28 0.38
N ILE A 64 4.31 7.48 0.01
CA ILE A 64 5.46 7.35 0.90
C ILE A 64 6.13 8.69 1.12
N SER A 65 6.46 8.98 2.37
CA SER A 65 7.16 10.21 2.77
C SER A 65 8.65 9.88 2.72
N SER A 66 9.51 10.88 2.50
CA SER A 66 10.95 10.70 2.44
C SER A 66 11.52 10.07 3.71
N ASP A 67 10.81 10.22 4.84
CA ASP A 67 11.16 9.69 6.16
C ASP A 67 11.05 8.17 6.21
N GLY A 68 10.45 7.57 5.19
CA GLY A 68 10.27 6.13 5.08
C GLY A 68 9.05 5.70 5.88
N VAL A 69 7.91 6.29 5.55
CA VAL A 69 6.64 6.00 6.18
C VAL A 69 5.65 5.92 5.04
N ILE A 70 5.01 4.76 4.87
CA ILE A 70 4.02 4.51 3.82
C ILE A 70 2.65 4.73 4.45
N VAL A 71 1.79 5.56 3.84
CA VAL A 71 0.44 5.81 4.33
C VAL A 71 -0.50 5.42 3.21
N ILE A 72 -1.60 4.75 3.56
CA ILE A 72 -2.60 4.29 2.61
C ILE A 72 -3.96 4.71 3.18
N LYS A 73 -4.85 5.14 2.29
CA LYS A 73 -6.21 5.56 2.64
C LYS A 73 -7.07 4.68 1.77
N ALA A 74 -7.57 3.61 2.35
CA ALA A 74 -8.42 2.63 1.69
C ALA A 74 -9.87 3.02 1.93
N GLN A 75 -10.62 3.32 0.86
CA GLN A 75 -12.02 3.69 0.97
C GLN A 75 -12.76 3.13 -0.24
N GLU A 76 -13.67 2.19 -0.01
CA GLU A 76 -14.50 1.51 -1.02
C GLU A 76 -15.76 0.91 -0.39
N TYR A 77 -15.62 0.32 0.79
CA TYR A 77 -16.71 -0.31 1.51
C TYR A 77 -17.35 0.69 2.47
N ARG A 78 -18.59 0.44 2.90
CA ARG A 78 -19.27 1.33 3.84
C ARG A 78 -18.92 0.94 5.29
N SER A 79 -18.25 -0.19 5.50
CA SER A 79 -17.86 -0.68 6.82
C SER A 79 -16.39 -0.34 7.05
N GLN A 80 -16.06 0.09 8.26
CA GLN A 80 -14.69 0.41 8.62
C GLN A 80 -13.88 -0.89 8.62
N GLU A 81 -14.51 -1.99 9.07
CA GLU A 81 -13.97 -3.35 9.17
C GLU A 81 -13.52 -3.95 7.83
N LEU A 82 -14.06 -3.47 6.71
CA LEU A 82 -13.68 -3.98 5.39
C LEU A 82 -12.64 -3.07 4.74
N ASN A 83 -12.65 -1.77 5.02
CA ASN A 83 -11.65 -0.89 4.42
C ASN A 83 -10.25 -1.26 4.91
N ARG A 84 -10.12 -1.77 6.14
CA ARG A 84 -8.83 -2.19 6.71
C ARG A 84 -8.24 -3.39 5.96
N GLU A 85 -9.07 -4.28 5.43
CA GLU A 85 -8.51 -5.42 4.70
C GLU A 85 -8.05 -4.98 3.30
N ALA A 86 -8.61 -3.89 2.77
CA ALA A 86 -8.23 -3.38 1.46
C ALA A 86 -6.90 -2.64 1.60
N ALA A 87 -6.63 -2.06 2.77
CA ALA A 87 -5.39 -1.34 3.03
C ALA A 87 -4.21 -2.31 2.96
N LEU A 88 -4.30 -3.49 3.61
CA LEU A 88 -3.23 -4.48 3.58
C LEU A 88 -2.94 -4.91 2.14
N ALA A 89 -3.99 -5.07 1.32
CA ALA A 89 -3.83 -5.47 -0.07
C ALA A 89 -2.99 -4.43 -0.81
N ARG A 90 -3.31 -3.14 -0.62
CA ARG A 90 -2.59 -2.05 -1.25
C ARG A 90 -1.13 -2.00 -0.78
N LEU A 91 -0.87 -2.27 0.51
CA LEU A 91 0.49 -2.25 1.04
C LEU A 91 1.30 -3.34 0.37
N VAL A 92 0.82 -4.57 0.40
CA VAL A 92 1.50 -5.71 -0.21
C VAL A 92 1.77 -5.44 -1.70
N ALA A 93 0.86 -4.76 -2.39
CA ALA A 93 1.00 -4.48 -3.81
C ALA A 93 2.15 -3.51 -4.07
N MET A 94 2.11 -2.31 -3.47
CA MET A 94 3.16 -1.31 -3.66
C MET A 94 4.51 -1.86 -3.19
N ILE A 95 4.53 -2.60 -2.09
CA ILE A 95 5.76 -3.20 -1.56
C ILE A 95 6.36 -4.04 -2.70
N LYS A 96 5.54 -4.87 -3.36
CA LYS A 96 5.93 -5.74 -4.46
C LYS A 96 6.21 -5.02 -5.78
N GLU A 97 6.39 -3.70 -5.76
CA GLU A 97 6.68 -2.85 -6.91
C GLU A 97 7.93 -2.00 -6.63
N LEU A 98 8.15 -1.66 -5.36
CA LEU A 98 9.26 -0.83 -4.86
C LEU A 98 10.53 -1.64 -4.54
N THR A 99 10.43 -2.96 -4.40
CA THR A 99 11.60 -3.82 -4.12
C THR A 99 11.85 -4.87 -5.20
N THR A 100 10.84 -5.17 -6.02
CA THR A 100 10.84 -6.10 -7.12
C THR A 100 9.94 -5.44 -8.18
N GLU A 101 10.08 -5.82 -9.44
CA GLU A 101 9.31 -5.26 -10.53
C GLU A 101 8.58 -6.41 -11.19
N LYS A 102 7.38 -6.72 -10.70
CA LYS A 102 6.53 -7.81 -11.19
C LYS A 102 5.06 -7.42 -11.06
N LYS A 103 4.16 -8.22 -11.64
CA LYS A 103 2.71 -8.04 -11.63
C LYS A 103 2.17 -7.89 -10.21
N ALA A 104 1.57 -6.74 -9.89
CA ALA A 104 0.98 -6.48 -8.58
C ALA A 104 -0.17 -7.47 -8.29
N ARG A 105 -0.61 -7.52 -7.03
CA ARG A 105 -1.69 -8.43 -6.61
C ARG A 105 -3.01 -8.17 -7.31
N ARG A 106 -3.50 -6.91 -7.31
CA ARG A 106 -4.77 -6.46 -7.88
C ARG A 106 -5.93 -7.29 -7.29
N PRO A 107 -6.47 -6.88 -6.14
CA PRO A 107 -7.54 -7.58 -5.47
C PRO A 107 -8.87 -7.47 -6.22
N THR A 108 -9.85 -8.25 -5.77
CA THR A 108 -11.21 -8.33 -6.31
C THR A 108 -12.17 -8.31 -5.10
N ARG A 109 -13.44 -8.00 -5.31
CA ARG A 109 -14.42 -7.99 -4.25
C ARG A 109 -14.84 -9.45 -4.03
N SER A 110 -15.31 -9.80 -2.83
CA SER A 110 -15.74 -11.17 -2.59
C SER A 110 -17.08 -11.44 -3.30
N GLY A 111 -17.42 -12.71 -3.46
CA GLY A 111 -18.65 -13.18 -4.08
C GLY A 111 -18.40 -14.08 -5.28
N PRO A 112 -19.46 -14.73 -5.80
CA PRO A 112 -19.40 -15.64 -6.94
C PRO A 112 -19.32 -14.87 -8.26
N SER A 113 -18.25 -14.08 -8.43
CA SER A 113 -17.96 -13.26 -9.60
C SER A 113 -18.24 -14.04 -10.87
N SER A 114 -19.30 -13.65 -11.56
CA SER A 114 -19.79 -14.25 -12.79
C SER A 114 -20.20 -13.19 -13.81
N GLY A 115 -19.84 -11.92 -13.61
CA GLY A 115 -20.18 -10.83 -14.51
C GLY A 115 -21.23 -9.92 -13.92
N GLU A 116 -22.01 -9.31 -14.80
CA GLU A 116 -23.07 -8.39 -14.44
C GLU A 116 -24.20 -8.47 -15.49
N ASN A 117 -24.36 -9.64 -16.11
CA ASN A 117 -25.39 -9.88 -17.13
C ASN A 117 -26.77 -9.90 -16.50
N LEU A 118 -27.77 -9.41 -17.23
CA LEU A 118 -29.16 -9.39 -16.77
C LEU A 118 -29.79 -10.68 -17.27
N TYR A 119 -30.67 -11.28 -16.47
CA TYR A 119 -31.39 -12.51 -16.74
C TYR A 119 -32.79 -12.37 -16.15
N PHE A 120 -33.74 -13.20 -16.58
CA PHE A 120 -35.12 -13.17 -16.10
C PHE A 120 -35.21 -14.12 -14.91
N GLN A 121 -35.06 -13.58 -13.71
CA GLN A 121 -35.12 -14.27 -12.42
C GLN A 121 -35.59 -13.26 -11.40
N MET A 1 -0.03 -11.71 8.65
CA MET A 1 1.35 -12.08 8.33
C MET A 1 1.97 -11.27 7.19
N ILE A 2 1.22 -10.59 6.30
CA ILE A 2 1.74 -9.76 5.19
C ILE A 2 3.04 -10.32 4.61
N VAL A 3 3.01 -11.58 4.20
CA VAL A 3 4.17 -12.26 3.64
C VAL A 3 4.57 -11.70 2.27
N ILE A 4 5.60 -10.87 2.27
CA ILE A 4 6.17 -10.23 1.10
C ILE A 4 7.12 -11.21 0.40
N SER A 5 7.99 -11.88 1.15
CA SER A 5 8.97 -12.84 0.65
C SER A 5 9.26 -13.89 1.74
N ARG A 6 10.07 -14.89 1.41
CA ARG A 6 10.46 -16.00 2.28
C ARG A 6 10.79 -15.57 3.71
N HIS A 7 11.64 -14.57 3.89
CA HIS A 7 12.03 -14.10 5.21
C HIS A 7 11.44 -12.70 5.51
N VAL A 8 10.29 -12.35 4.92
CA VAL A 8 9.65 -11.06 5.12
C VAL A 8 8.15 -11.27 5.29
N ALA A 9 7.65 -11.17 6.53
CA ALA A 9 6.25 -11.35 6.88
C ALA A 9 5.94 -10.56 8.16
N ILE A 10 5.27 -9.42 8.03
CA ILE A 10 4.89 -8.52 9.12
C ILE A 10 3.72 -9.16 9.90
N PRO A 11 3.71 -9.18 11.24
CA PRO A 11 2.63 -9.82 12.01
C PRO A 11 1.30 -9.05 12.00
N ASP A 12 1.15 -7.99 11.21
CA ASP A 12 -0.06 -7.17 11.06
C ASP A 12 -0.36 -6.26 12.26
N GLY A 13 0.12 -6.64 13.45
CA GLY A 13 -0.02 -5.93 14.71
C GLY A 13 1.05 -4.86 14.84
N GLU A 14 1.98 -4.83 13.88
CA GLU A 14 3.06 -3.88 13.84
C GLU A 14 2.68 -2.63 13.03
N LEU A 15 1.48 -2.59 12.42
CA LEU A 15 1.02 -1.44 11.64
C LEU A 15 0.08 -0.59 12.48
N GLU A 16 0.19 0.74 12.33
CA GLU A 16 -0.59 1.75 13.02
C GLU A 16 -1.79 2.01 12.12
N ILE A 17 -2.95 1.50 12.49
CA ILE A 17 -4.16 1.65 11.71
C ILE A 17 -5.00 2.73 12.39
N THR A 18 -5.68 3.57 11.61
CA THR A 18 -6.50 4.66 12.13
C THR A 18 -7.80 4.78 11.37
N ALA A 19 -8.80 5.40 12.00
CA ALA A 19 -10.10 5.60 11.41
C ALA A 19 -10.18 7.01 10.83
N ILE A 20 -10.80 7.13 9.67
CA ILE A 20 -10.98 8.40 8.97
C ILE A 20 -12.40 8.47 8.46
N ARG A 21 -13.05 9.62 8.64
CA ARG A 21 -14.41 9.87 8.21
C ARG A 21 -14.53 11.28 7.67
N ALA A 22 -15.60 11.57 6.93
CA ALA A 22 -15.83 12.91 6.38
C ALA A 22 -16.65 13.73 7.36
N GLN A 23 -16.61 15.06 7.22
CA GLN A 23 -17.34 16.01 8.04
C GLN A 23 -17.60 17.29 7.23
N GLY A 24 -18.39 18.21 7.78
CA GLY A 24 -18.76 19.49 7.17
C GLY A 24 -20.24 19.42 6.74
N ALA A 25 -20.74 20.48 6.12
CA ALA A 25 -22.13 20.57 5.64
C ALA A 25 -22.15 20.33 4.14
N GLY A 26 -22.93 19.36 3.67
CA GLY A 26 -23.07 19.02 2.26
C GLY A 26 -24.51 18.63 1.95
N GLY A 27 -24.94 18.78 0.69
CA GLY A 27 -26.28 18.40 0.24
C GLY A 27 -26.05 17.20 -0.65
N GLN A 28 -25.85 17.47 -1.94
CA GLN A 28 -25.56 16.45 -2.94
C GLN A 28 -24.20 15.87 -2.52
N HIS A 29 -24.07 14.54 -2.53
CA HIS A 29 -22.88 13.77 -2.14
C HIS A 29 -21.56 14.44 -2.53
N VAL A 30 -20.96 15.16 -1.58
CA VAL A 30 -19.69 15.88 -1.72
C VAL A 30 -18.53 15.01 -1.24
N ASN A 31 -18.80 14.01 -0.41
CA ASN A 31 -17.77 13.12 0.14
C ASN A 31 -18.10 11.66 -0.01
N LYS A 32 -17.06 10.83 0.06
CA LYS A 32 -17.10 9.37 -0.03
C LYS A 32 -16.07 8.74 0.93
N THR A 33 -15.21 9.55 1.55
CA THR A 33 -14.17 9.13 2.49
C THR A 33 -14.72 8.68 3.86
N SER A 34 -16.03 8.65 4.08
CA SER A 34 -16.54 8.22 5.38
C SER A 34 -16.32 6.73 5.62
N THR A 35 -16.26 6.38 6.91
CA THR A 35 -16.07 5.03 7.41
C THR A 35 -14.82 4.35 6.79
N ALA A 36 -13.80 5.12 6.47
CA ALA A 36 -12.59 4.63 5.84
C ALA A 36 -11.49 4.33 6.85
N ILE A 37 -10.39 3.76 6.37
CA ILE A 37 -9.25 3.41 7.21
C ILE A 37 -7.99 4.02 6.61
N HIS A 38 -7.14 4.48 7.51
CA HIS A 38 -5.85 5.09 7.28
C HIS A 38 -4.82 4.12 7.85
N LEU A 39 -4.19 3.34 6.98
CA LEU A 39 -3.17 2.38 7.38
C LEU A 39 -1.84 3.10 7.27
N ARG A 40 -1.02 3.04 8.32
CA ARG A 40 0.28 3.68 8.36
C ARG A 40 1.28 2.64 8.78
N PHE A 41 2.33 2.48 7.99
CA PHE A 41 3.41 1.57 8.25
C PHE A 41 4.68 2.44 8.34
N ASP A 42 5.60 2.16 9.25
CA ASP A 42 6.85 2.90 9.45
C ASP A 42 7.98 1.90 9.25
N ILE A 43 8.63 1.94 8.08
CA ILE A 43 9.72 1.03 7.74
C ILE A 43 10.87 1.14 8.71
N ARG A 44 11.32 2.35 9.04
CA ARG A 44 12.44 2.46 9.99
C ARG A 44 12.05 1.85 11.33
N ALA A 45 10.79 1.94 11.73
CA ALA A 45 10.33 1.37 12.99
C ALA A 45 9.90 -0.10 12.82
N SER A 46 10.16 -0.72 11.66
CA SER A 46 9.78 -2.10 11.40
C SER A 46 10.96 -3.05 11.50
N SER A 47 10.68 -4.35 11.39
CA SER A 47 11.63 -5.45 11.43
C SER A 47 12.06 -5.84 10.00
N LEU A 48 11.71 -5.04 8.98
CA LEU A 48 12.05 -5.34 7.60
C LEU A 48 13.55 -5.43 7.39
N PRO A 49 14.00 -6.26 6.42
CA PRO A 49 15.42 -6.43 6.13
C PRO A 49 16.05 -5.17 5.57
N GLU A 50 17.36 -5.03 5.78
CA GLU A 50 18.18 -3.90 5.33
C GLU A 50 18.01 -3.63 3.83
N TYR A 51 17.90 -4.66 2.98
CA TYR A 51 17.71 -4.47 1.54
C TYR A 51 16.41 -3.71 1.30
N TYR A 52 15.33 -4.18 1.94
CA TYR A 52 14.03 -3.53 1.77
C TYR A 52 14.05 -2.15 2.40
N LYS A 53 14.79 -1.91 3.50
CA LYS A 53 14.85 -0.60 4.15
C LYS A 53 15.26 0.43 3.11
N GLU A 54 16.42 0.21 2.49
CA GLU A 54 16.95 1.13 1.49
C GLU A 54 16.10 1.18 0.22
N ARG A 55 15.45 0.09 -0.18
CA ARG A 55 14.63 0.09 -1.38
C ARG A 55 13.42 1.00 -1.21
N LEU A 56 12.65 0.73 -0.15
CA LEU A 56 11.46 1.48 0.16
C LEU A 56 11.81 2.94 0.46
N LEU A 57 12.84 3.21 1.27
CA LEU A 57 13.23 4.58 1.60
C LEU A 57 13.66 5.36 0.35
N ALA A 58 14.30 4.69 -0.62
CA ALA A 58 14.77 5.33 -1.84
C ALA A 58 13.70 5.37 -2.93
N ALA A 59 12.51 4.82 -2.68
CA ALA A 59 11.45 4.82 -3.66
C ALA A 59 10.89 6.25 -3.83
N SER A 60 10.07 6.49 -4.86
CA SER A 60 9.49 7.80 -5.16
C SER A 60 8.00 7.61 -5.46
N HIS A 61 7.16 7.73 -4.42
CA HIS A 61 5.71 7.59 -4.54
C HIS A 61 5.03 8.71 -3.76
N HIS A 62 4.01 9.33 -4.36
CA HIS A 62 3.23 10.41 -3.75
C HIS A 62 2.42 9.95 -2.52
N LEU A 63 2.47 8.64 -2.18
CA LEU A 63 1.76 8.07 -1.04
C LEU A 63 2.71 7.81 0.13
N ILE A 64 4.03 7.83 -0.11
CA ILE A 64 5.03 7.60 0.92
C ILE A 64 5.62 8.97 1.33
N SER A 65 6.38 8.99 2.41
CA SER A 65 7.07 10.14 2.95
C SER A 65 8.57 9.84 3.00
N SER A 66 9.44 10.84 2.81
CA SER A 66 10.90 10.67 2.86
C SER A 66 11.37 10.18 4.24
N ASP A 67 10.50 10.32 5.26
CA ASP A 67 10.72 9.89 6.63
C ASP A 67 10.71 8.34 6.66
N GLY A 68 10.19 7.69 5.61
CA GLY A 68 10.11 6.26 5.44
C GLY A 68 8.77 5.66 5.84
N VAL A 69 7.71 6.47 5.95
CA VAL A 69 6.38 6.00 6.35
C VAL A 69 5.45 5.93 5.13
N ILE A 70 4.97 4.73 4.80
CA ILE A 70 4.03 4.45 3.71
C ILE A 70 2.64 4.56 4.34
N VAL A 71 1.75 5.37 3.74
CA VAL A 71 0.38 5.54 4.24
C VAL A 71 -0.59 5.15 3.13
N ILE A 72 -1.65 4.43 3.50
CA ILE A 72 -2.67 3.94 2.58
C ILE A 72 -4.04 4.34 3.10
N LYS A 73 -4.96 4.66 2.18
CA LYS A 73 -6.32 5.08 2.52
C LYS A 73 -7.29 4.24 1.70
N ALA A 74 -7.79 3.18 2.32
CA ALA A 74 -8.73 2.24 1.71
C ALA A 74 -10.14 2.74 2.02
N GLN A 75 -10.98 2.82 1.00
CA GLN A 75 -12.35 3.28 1.16
C GLN A 75 -13.21 2.69 0.05
N GLU A 76 -14.17 1.84 0.41
CA GLU A 76 -15.10 1.17 -0.49
C GLU A 76 -16.28 0.60 0.33
N TYR A 77 -16.01 -0.25 1.32
CA TYR A 77 -17.03 -0.90 2.14
C TYR A 77 -17.71 0.12 3.03
N ARG A 78 -18.82 -0.32 3.61
CA ARG A 78 -19.65 0.47 4.49
C ARG A 78 -19.26 0.37 5.97
N SER A 79 -18.32 -0.49 6.32
CA SER A 79 -17.88 -0.72 7.70
C SER A 79 -16.46 -0.22 7.90
N GLN A 80 -16.08 0.17 9.12
CA GLN A 80 -14.73 0.65 9.42
C GLN A 80 -13.84 -0.55 9.82
N GLU A 81 -14.26 -1.78 9.51
CA GLU A 81 -13.55 -3.02 9.84
C GLU A 81 -13.15 -3.85 8.62
N LEU A 82 -13.57 -3.46 7.41
CA LEU A 82 -13.24 -4.20 6.18
C LEU A 82 -12.21 -3.47 5.33
N ASN A 83 -12.27 -2.14 5.31
CA ASN A 83 -11.35 -1.29 4.54
C ASN A 83 -9.95 -1.45 5.12
N ARG A 84 -9.82 -1.80 6.41
CA ARG A 84 -8.52 -2.02 7.06
C ARG A 84 -7.78 -3.12 6.33
N GLU A 85 -8.42 -4.27 6.06
CA GLU A 85 -7.74 -5.34 5.37
C GLU A 85 -7.52 -4.96 3.90
N ALA A 86 -8.38 -4.12 3.31
CA ALA A 86 -8.18 -3.70 1.92
C ALA A 86 -6.91 -2.83 1.82
N ALA A 87 -6.54 -2.15 2.91
CA ALA A 87 -5.35 -1.32 2.96
C ALA A 87 -4.10 -2.21 2.99
N LEU A 88 -4.09 -3.32 3.75
CA LEU A 88 -2.93 -4.20 3.81
C LEU A 88 -2.71 -4.82 2.42
N ALA A 89 -3.79 -5.14 1.69
CA ALA A 89 -3.71 -5.72 0.36
C ALA A 89 -2.95 -4.74 -0.57
N ARG A 90 -3.21 -3.44 -0.44
CA ARG A 90 -2.56 -2.39 -1.23
C ARG A 90 -1.09 -2.25 -0.78
N LEU A 91 -0.80 -2.38 0.52
CA LEU A 91 0.55 -2.27 1.05
C LEU A 91 1.44 -3.29 0.37
N VAL A 92 1.03 -4.55 0.41
CA VAL A 92 1.76 -5.65 -0.20
C VAL A 92 2.01 -5.35 -1.69
N ALA A 93 1.01 -4.83 -2.39
CA ALA A 93 1.05 -4.52 -3.82
C ALA A 93 2.13 -3.51 -4.17
N MET A 94 2.07 -2.31 -3.60
CA MET A 94 3.08 -1.27 -3.89
C MET A 94 4.45 -1.76 -3.43
N ILE A 95 4.56 -2.54 -2.35
CA ILE A 95 5.86 -3.04 -1.93
C ILE A 95 6.45 -3.89 -3.08
N LYS A 96 5.65 -4.63 -3.85
CA LYS A 96 6.08 -5.47 -4.99
C LYS A 96 6.38 -4.65 -6.24
N GLU A 97 6.58 -3.34 -6.10
CA GLU A 97 6.89 -2.38 -7.15
C GLU A 97 8.06 -1.50 -6.69
N LEU A 98 8.15 -1.19 -5.39
CA LEU A 98 9.19 -0.35 -4.79
C LEU A 98 10.50 -1.11 -4.50
N THR A 99 10.47 -2.44 -4.47
CA THR A 99 11.68 -3.27 -4.22
C THR A 99 11.98 -4.25 -5.37
N THR A 100 11.03 -4.47 -6.29
CA THR A 100 11.19 -5.37 -7.40
C THR A 100 10.27 -4.92 -8.53
N GLU A 101 10.50 -5.46 -9.73
CA GLU A 101 9.74 -5.16 -10.94
C GLU A 101 9.17 -6.48 -11.47
N LYS A 102 8.60 -6.41 -12.68
CA LYS A 102 8.03 -7.52 -13.42
C LYS A 102 8.63 -7.43 -14.81
N LYS A 103 8.81 -8.58 -15.45
CA LYS A 103 9.37 -8.73 -16.79
C LYS A 103 8.42 -9.57 -17.65
N ALA A 104 7.23 -9.89 -17.14
CA ALA A 104 6.19 -10.66 -17.80
C ALA A 104 4.84 -10.03 -17.49
N ARG A 105 3.86 -10.31 -18.33
CA ARG A 105 2.49 -9.82 -18.20
C ARG A 105 1.57 -10.94 -17.73
N ARG A 106 0.37 -10.58 -17.27
CA ARG A 106 -0.63 -11.53 -16.83
C ARG A 106 -1.08 -12.24 -18.13
N PRO A 107 -1.13 -13.57 -18.15
CA PRO A 107 -1.51 -14.33 -19.33
C PRO A 107 -3.01 -14.33 -19.59
N THR A 108 -3.81 -14.28 -18.53
CA THR A 108 -5.26 -14.28 -18.59
C THR A 108 -5.78 -13.00 -19.25
N ARG A 109 -7.10 -12.94 -19.50
CA ARG A 109 -7.74 -11.81 -20.15
C ARG A 109 -8.58 -11.00 -19.17
N SER A 110 -8.74 -9.72 -19.47
CA SER A 110 -9.53 -8.76 -18.72
C SER A 110 -10.01 -7.72 -19.72
N GLY A 111 -11.25 -7.23 -19.58
CA GLY A 111 -11.82 -6.23 -20.47
C GLY A 111 -12.30 -6.78 -21.81
N PRO A 112 -13.39 -7.56 -21.83
CA PRO A 112 -13.92 -8.11 -23.07
C PRO A 112 -14.51 -6.95 -23.90
N SER A 113 -14.28 -6.94 -25.21
CA SER A 113 -14.83 -5.91 -26.06
C SER A 113 -16.33 -6.19 -26.21
N SER A 114 -16.67 -7.45 -26.43
CA SER A 114 -17.99 -8.02 -26.59
C SER A 114 -17.99 -9.35 -25.84
N GLY A 115 -19.15 -9.90 -25.49
CA GLY A 115 -19.24 -11.17 -24.77
C GLY A 115 -20.31 -11.05 -23.71
N GLU A 116 -21.56 -11.20 -24.11
CA GLU A 116 -22.71 -11.11 -23.24
C GLU A 116 -22.87 -12.46 -22.51
N ASN A 117 -23.60 -12.45 -21.40
CA ASN A 117 -23.84 -13.62 -20.54
C ASN A 117 -25.30 -13.69 -20.08
N LEU A 118 -26.21 -13.09 -20.85
CA LEU A 118 -27.64 -13.09 -20.56
C LEU A 118 -28.15 -14.48 -20.93
N TYR A 119 -28.18 -15.38 -19.95
CA TYR A 119 -28.61 -16.76 -20.08
C TYR A 119 -29.81 -17.00 -19.16
N PHE A 120 -30.43 -18.17 -19.30
CA PHE A 120 -31.57 -18.65 -18.54
C PHE A 120 -31.39 -20.17 -18.44
N GLN A 121 -32.26 -20.82 -17.67
CA GLN A 121 -32.33 -22.24 -17.40
C GLN A 121 -33.80 -22.53 -17.20
N MET A 1 -0.65 -11.55 7.40
CA MET A 1 0.80 -11.76 7.65
C MET A 1 1.71 -10.98 6.71
N ILE A 2 1.20 -10.21 5.74
CA ILE A 2 1.97 -9.39 4.80
C ILE A 2 3.24 -10.15 4.35
N VAL A 3 3.09 -11.42 3.98
CA VAL A 3 4.17 -12.29 3.56
C VAL A 3 4.68 -11.88 2.18
N ILE A 4 5.67 -11.00 2.17
CA ILE A 4 6.27 -10.52 0.94
C ILE A 4 7.14 -11.63 0.35
N SER A 5 7.78 -12.44 1.21
CA SER A 5 8.65 -13.52 0.78
C SER A 5 8.96 -14.49 1.90
N ARG A 6 9.79 -15.49 1.58
CA ARG A 6 10.28 -16.56 2.43
C ARG A 6 10.80 -16.01 3.76
N HIS A 7 11.56 -14.92 3.74
CA HIS A 7 12.15 -14.31 4.92
C HIS A 7 11.51 -12.95 5.29
N VAL A 8 10.35 -12.58 4.74
CA VAL A 8 9.69 -11.30 5.02
C VAL A 8 8.17 -11.45 5.22
N ALA A 9 7.64 -11.17 6.42
CA ALA A 9 6.21 -11.25 6.74
C ALA A 9 5.90 -10.39 7.98
N ILE A 10 5.02 -9.39 7.86
CA ILE A 10 4.64 -8.51 8.98
C ILE A 10 3.38 -9.09 9.66
N PRO A 11 3.32 -9.22 11.00
CA PRO A 11 2.16 -9.77 11.70
C PRO A 11 0.91 -8.87 11.72
N ASP A 12 0.90 -7.79 10.94
CA ASP A 12 -0.18 -6.80 10.80
C ASP A 12 -0.28 -5.85 12.00
N GLY A 13 0.67 -5.91 12.95
CA GLY A 13 0.68 -5.07 14.15
C GLY A 13 1.81 -4.03 14.14
N GLU A 14 2.74 -4.13 13.21
CA GLU A 14 3.87 -3.20 13.06
C GLU A 14 3.43 -1.95 12.27
N LEU A 15 2.13 -1.81 12.04
CA LEU A 15 1.47 -0.74 11.32
C LEU A 15 0.54 -0.04 12.29
N GLU A 16 0.24 1.21 11.97
CA GLU A 16 -0.62 2.09 12.72
C GLU A 16 -1.82 2.32 11.82
N ILE A 17 -2.87 1.55 12.07
CA ILE A 17 -4.11 1.58 11.33
C ILE A 17 -5.00 2.54 12.11
N THR A 18 -5.64 3.48 11.41
CA THR A 18 -6.49 4.51 11.98
C THR A 18 -7.83 4.63 11.26
N ALA A 19 -8.83 5.13 11.99
CA ALA A 19 -10.17 5.36 11.48
C ALA A 19 -10.19 6.77 10.93
N ILE A 20 -10.73 6.92 9.72
CA ILE A 20 -10.84 8.20 9.04
C ILE A 20 -12.24 8.32 8.44
N ARG A 21 -12.73 9.56 8.31
CA ARG A 21 -14.03 9.89 7.76
C ARG A 21 -13.82 10.92 6.67
N ALA A 22 -14.02 10.53 5.41
CA ALA A 22 -13.86 11.44 4.29
C ALA A 22 -15.11 12.34 4.26
N GLN A 23 -15.02 13.57 3.74
CA GLN A 23 -16.13 14.51 3.67
C GLN A 23 -15.98 15.45 2.48
N GLY A 24 -17.03 16.22 2.18
CA GLY A 24 -17.10 17.21 1.11
C GLY A 24 -17.08 16.69 -0.33
N ALA A 25 -16.06 15.90 -0.70
CA ALA A 25 -15.90 15.33 -2.04
C ALA A 25 -17.13 14.52 -2.44
N GLY A 26 -17.29 14.23 -3.73
CA GLY A 26 -18.44 13.49 -4.20
C GLY A 26 -18.24 12.01 -3.89
N GLY A 27 -19.11 11.46 -3.04
CA GLY A 27 -19.10 10.07 -2.62
C GLY A 27 -20.48 9.68 -2.13
N GLN A 28 -20.74 8.38 -2.02
CA GLN A 28 -22.01 7.84 -1.56
C GLN A 28 -22.29 8.29 -0.12
N HIS A 29 -23.40 9.00 0.11
CA HIS A 29 -23.85 9.49 1.42
C HIS A 29 -22.84 10.37 2.18
N VAL A 30 -21.79 10.85 1.51
CA VAL A 30 -20.73 11.68 2.07
C VAL A 30 -21.24 12.83 2.95
N ASN A 31 -22.33 13.49 2.56
CA ASN A 31 -22.89 14.60 3.33
C ASN A 31 -23.29 14.13 4.73
N LYS A 32 -23.91 12.94 4.79
CA LYS A 32 -24.36 12.32 6.01
C LYS A 32 -23.14 11.82 6.78
N THR A 33 -22.36 10.91 6.20
CA THR A 33 -21.18 10.33 6.82
C THR A 33 -20.44 9.48 5.78
N SER A 34 -19.22 9.06 6.12
CA SER A 34 -18.34 8.23 5.31
C SER A 34 -17.57 7.34 6.30
N THR A 35 -16.94 6.27 5.81
CA THR A 35 -16.19 5.34 6.63
C THR A 35 -14.97 4.88 5.87
N ALA A 36 -13.77 5.11 6.40
CA ALA A 36 -12.55 4.69 5.75
C ALA A 36 -11.51 4.31 6.78
N ILE A 37 -10.40 3.76 6.31
CA ILE A 37 -9.28 3.34 7.15
C ILE A 37 -8.01 3.91 6.52
N HIS A 38 -7.11 4.32 7.39
CA HIS A 38 -5.80 4.86 7.12
C HIS A 38 -4.85 3.80 7.64
N LEU A 39 -3.75 3.52 6.94
CA LEU A 39 -2.77 2.51 7.34
C LEU A 39 -1.42 3.17 7.17
N ARG A 40 -0.67 3.34 8.26
CA ARG A 40 0.64 3.95 8.31
C ARG A 40 1.64 2.86 8.68
N PHE A 41 2.58 2.54 7.79
CA PHE A 41 3.60 1.53 8.01
C PHE A 41 4.95 2.24 8.05
N ASP A 42 5.56 2.29 9.22
CA ASP A 42 6.87 2.92 9.46
C ASP A 42 7.95 1.91 9.12
N ILE A 43 8.62 2.07 7.98
CA ILE A 43 9.69 1.17 7.56
C ILE A 43 10.78 1.07 8.64
N ARG A 44 11.19 2.19 9.24
CA ARG A 44 12.22 2.20 10.27
C ARG A 44 11.79 1.53 11.57
N ALA A 45 10.52 1.23 11.75
CA ALA A 45 10.00 0.57 12.95
C ALA A 45 9.66 -0.90 12.66
N SER A 46 10.01 -1.41 11.47
CA SER A 46 9.70 -2.76 11.07
C SER A 46 10.89 -3.70 11.19
N SER A 47 10.60 -4.99 11.17
CA SER A 47 11.61 -6.03 11.22
C SER A 47 12.03 -6.41 9.79
N LEU A 48 11.71 -5.57 8.80
CA LEU A 48 12.06 -5.80 7.41
C LEU A 48 13.57 -5.93 7.28
N PRO A 49 14.06 -6.66 6.27
CA PRO A 49 15.49 -6.78 6.05
C PRO A 49 15.96 -5.39 5.65
N GLU A 50 17.18 -5.03 6.04
CA GLU A 50 17.76 -3.72 5.71
C GLU A 50 17.65 -3.41 4.23
N TYR A 51 17.82 -4.40 3.34
CA TYR A 51 17.72 -4.21 1.90
C TYR A 51 16.34 -3.66 1.52
N TYR A 52 15.27 -4.18 2.15
CA TYR A 52 13.92 -3.69 1.87
C TYR A 52 13.78 -2.32 2.50
N LYS A 53 14.34 -2.08 3.69
CA LYS A 53 14.24 -0.76 4.30
C LYS A 53 14.81 0.27 3.33
N GLU A 54 16.03 0.05 2.82
CA GLU A 54 16.66 0.98 1.89
C GLU A 54 15.84 1.14 0.61
N ARG A 55 15.24 0.06 0.07
CA ARG A 55 14.43 0.14 -1.16
C ARG A 55 13.20 0.99 -0.91
N LEU A 56 12.42 0.65 0.11
CA LEU A 56 11.20 1.36 0.45
C LEU A 56 11.50 2.81 0.88
N LEU A 57 12.66 3.08 1.48
CA LEU A 57 13.06 4.43 1.88
C LEU A 57 13.44 5.21 0.62
N ALA A 58 14.01 4.55 -0.38
CA ALA A 58 14.44 5.12 -1.65
C ALA A 58 13.32 5.17 -2.68
N ALA A 59 12.13 4.70 -2.32
CA ALA A 59 10.97 4.70 -3.18
C ALA A 59 10.58 6.13 -3.58
N SER A 60 9.84 6.24 -4.68
CA SER A 60 9.34 7.51 -5.20
C SER A 60 7.90 7.14 -5.51
N HIS A 61 7.02 7.24 -4.52
CA HIS A 61 5.61 6.91 -4.65
C HIS A 61 4.82 8.04 -4.04
N HIS A 62 3.71 8.41 -4.69
CA HIS A 62 2.81 9.48 -4.24
C HIS A 62 2.10 9.15 -2.91
N LEU A 63 2.42 8.00 -2.30
CA LEU A 63 1.88 7.51 -1.06
C LEU A 63 2.96 7.38 0.04
N ILE A 64 4.26 7.58 -0.22
CA ILE A 64 5.31 7.46 0.80
C ILE A 64 6.08 8.78 0.92
N SER A 65 6.64 9.06 2.09
CA SER A 65 7.42 10.25 2.39
C SER A 65 8.93 9.94 2.30
N SER A 66 9.77 10.98 2.28
CA SER A 66 11.23 10.83 2.24
C SER A 66 11.72 10.21 3.55
N ASP A 67 10.92 10.32 4.63
CA ASP A 67 11.17 9.80 5.97
C ASP A 67 10.95 8.29 6.03
N GLY A 68 10.38 7.68 4.98
CA GLY A 68 10.12 6.26 4.90
C GLY A 68 8.92 5.85 5.72
N VAL A 69 7.77 6.49 5.50
CA VAL A 69 6.54 6.15 6.20
C VAL A 69 5.53 5.94 5.07
N ILE A 70 5.13 4.69 4.86
CA ILE A 70 4.20 4.28 3.82
C ILE A 70 2.79 4.51 4.37
N VAL A 71 1.98 5.40 3.78
CA VAL A 71 0.61 5.64 4.24
C VAL A 71 -0.39 5.31 3.13
N ILE A 72 -1.47 4.62 3.47
CA ILE A 72 -2.53 4.19 2.55
C ILE A 72 -3.87 4.66 3.12
N LYS A 73 -4.88 4.83 2.27
CA LYS A 73 -6.23 5.24 2.64
C LYS A 73 -7.16 4.30 1.89
N ALA A 74 -7.61 3.24 2.55
CA ALA A 74 -8.49 2.25 1.95
C ALA A 74 -9.95 2.65 2.18
N GLN A 75 -10.67 2.82 1.08
CA GLN A 75 -12.08 3.17 1.11
C GLN A 75 -12.70 2.69 -0.19
N GLU A 76 -13.59 1.70 -0.05
CA GLU A 76 -14.35 1.02 -1.10
C GLU A 76 -15.55 0.30 -0.48
N TYR A 77 -15.47 -0.19 0.76
CA TYR A 77 -16.52 -0.90 1.48
C TYR A 77 -17.35 0.07 2.33
N ARG A 78 -18.44 -0.40 2.94
CA ARG A 78 -19.33 0.41 3.78
C ARG A 78 -19.15 0.18 5.28
N SER A 79 -18.17 -0.63 5.71
CA SER A 79 -17.90 -0.92 7.11
C SER A 79 -16.39 -0.87 7.33
N GLN A 80 -15.95 -0.05 8.29
CA GLN A 80 -14.57 0.22 8.69
C GLN A 80 -13.75 -0.99 9.10
N GLU A 81 -14.35 -2.17 9.18
CA GLU A 81 -13.71 -3.43 9.56
C GLU A 81 -13.20 -4.16 8.31
N LEU A 82 -13.67 -3.74 7.14
CA LEU A 82 -13.29 -4.29 5.86
C LEU A 82 -12.28 -3.35 5.21
N ASN A 83 -12.37 -2.04 5.47
CA ASN A 83 -11.46 -1.08 4.88
C ASN A 83 -10.03 -1.37 5.37
N ARG A 84 -9.86 -1.93 6.57
CA ARG A 84 -8.54 -2.26 7.11
C ARG A 84 -7.94 -3.43 6.34
N GLU A 85 -8.68 -4.53 6.17
CA GLU A 85 -8.15 -5.68 5.41
C GLU A 85 -7.94 -5.29 3.94
N ALA A 86 -8.57 -4.21 3.48
CA ALA A 86 -8.45 -3.71 2.14
C ALA A 86 -7.22 -2.81 1.99
N ALA A 87 -6.63 -2.36 3.10
CA ALA A 87 -5.46 -1.51 3.13
C ALA A 87 -4.21 -2.39 3.06
N LEU A 88 -4.20 -3.52 3.78
CA LEU A 88 -3.06 -4.44 3.80
C LEU A 88 -2.71 -4.89 2.37
N ALA A 89 -3.71 -5.16 1.54
CA ALA A 89 -3.49 -5.59 0.15
C ALA A 89 -2.65 -4.56 -0.60
N ARG A 90 -3.06 -3.29 -0.55
CA ARG A 90 -2.41 -2.17 -1.23
C ARG A 90 -0.96 -2.02 -0.76
N LEU A 91 -0.65 -2.29 0.50
CA LEU A 91 0.70 -2.20 1.03
C LEU A 91 1.57 -3.28 0.38
N VAL A 92 1.13 -4.54 0.44
CA VAL A 92 1.88 -5.65 -0.16
C VAL A 92 2.15 -5.36 -1.65
N ALA A 93 1.16 -4.78 -2.34
CA ALA A 93 1.19 -4.45 -3.74
C ALA A 93 2.30 -3.46 -4.04
N MET A 94 2.27 -2.28 -3.42
CA MET A 94 3.30 -1.26 -3.65
C MET A 94 4.68 -1.78 -3.23
N ILE A 95 4.79 -2.61 -2.20
CA ILE A 95 6.10 -3.16 -1.82
C ILE A 95 6.63 -3.94 -3.02
N LYS A 96 5.78 -4.72 -3.68
CA LYS A 96 6.12 -5.51 -4.86
C LYS A 96 6.33 -4.63 -6.11
N GLU A 97 6.32 -3.30 -6.00
CA GLU A 97 6.55 -2.36 -7.10
C GLU A 97 7.89 -1.65 -6.87
N LEU A 98 8.21 -1.33 -5.62
CA LEU A 98 9.40 -0.61 -5.19
C LEU A 98 10.63 -1.47 -4.95
N THR A 99 10.46 -2.78 -4.75
CA THR A 99 11.58 -3.69 -4.49
C THR A 99 11.98 -4.49 -5.73
N THR A 100 11.27 -4.39 -6.85
CA THR A 100 11.59 -5.14 -8.06
C THR A 100 11.23 -4.35 -9.33
N GLU A 101 11.91 -4.63 -10.44
CA GLU A 101 11.65 -3.95 -11.71
C GLU A 101 10.40 -4.52 -12.38
N LYS A 102 10.22 -5.84 -12.35
CA LYS A 102 9.09 -6.56 -12.94
C LYS A 102 8.74 -7.76 -12.07
N LYS A 103 7.59 -8.36 -12.38
CA LYS A 103 7.02 -9.51 -11.70
C LYS A 103 7.06 -10.73 -12.62
N ALA A 104 8.10 -10.84 -13.46
CA ALA A 104 8.27 -11.93 -14.42
C ALA A 104 7.13 -11.98 -15.45
N ARG A 105 6.39 -10.87 -15.62
CA ARG A 105 5.27 -10.77 -16.55
C ARG A 105 5.84 -10.51 -17.95
N ARG A 106 6.03 -11.57 -18.74
CA ARG A 106 6.54 -11.45 -20.11
C ARG A 106 5.78 -12.42 -21.02
N PRO A 107 5.71 -12.15 -22.32
CA PRO A 107 5.00 -13.04 -23.23
C PRO A 107 5.73 -14.37 -23.37
N THR A 108 4.96 -15.45 -23.33
CA THR A 108 5.43 -16.84 -23.48
C THR A 108 4.47 -17.57 -24.43
N ARG A 109 3.20 -17.12 -24.54
CA ARG A 109 2.17 -17.70 -25.39
C ARG A 109 1.41 -16.58 -26.09
N SER A 110 0.60 -15.83 -25.34
CA SER A 110 -0.20 -14.73 -25.87
C SER A 110 0.68 -13.62 -26.45
N GLY A 111 0.03 -12.67 -27.13
CA GLY A 111 0.70 -11.54 -27.76
C GLY A 111 1.38 -11.98 -29.06
N PRO A 112 2.13 -11.09 -29.71
CA PRO A 112 2.80 -11.41 -30.95
C PRO A 112 3.99 -12.33 -30.66
N SER A 113 4.24 -13.29 -31.54
CA SER A 113 5.35 -14.22 -31.41
C SER A 113 6.66 -13.47 -31.71
N SER A 114 7.80 -14.16 -31.62
CA SER A 114 9.11 -13.57 -31.88
C SER A 114 10.03 -14.65 -32.45
N GLY A 115 11.10 -14.24 -33.12
CA GLY A 115 12.04 -15.15 -33.75
C GLY A 115 12.95 -15.89 -32.78
N GLU A 116 13.71 -15.15 -31.96
CA GLU A 116 14.65 -15.75 -31.00
C GLU A 116 14.62 -14.97 -29.68
N ASN A 117 15.58 -15.21 -28.77
CA ASN A 117 15.69 -14.58 -27.46
C ASN A 117 17.15 -14.24 -27.15
N LEU A 118 17.75 -13.48 -28.07
CA LEU A 118 19.14 -13.02 -28.01
C LEU A 118 19.49 -12.33 -26.70
N TYR A 119 20.78 -12.30 -26.40
CA TYR A 119 21.38 -11.71 -25.20
C TYR A 119 21.31 -10.19 -25.27
N PHE A 120 21.64 -9.53 -24.16
CA PHE A 120 21.68 -8.10 -24.03
C PHE A 120 22.93 -7.81 -23.21
N GLN A 121 23.82 -6.95 -23.72
CA GLN A 121 25.05 -6.57 -23.03
C GLN A 121 24.71 -5.40 -22.13
N MET A 1 -0.65 -11.40 7.46
CA MET A 1 0.77 -11.77 7.44
C MET A 1 1.60 -10.98 6.44
N ILE A 2 1.01 -10.33 5.42
CA ILE A 2 1.71 -9.50 4.42
C ILE A 2 3.03 -10.19 3.99
N VAL A 3 2.94 -11.47 3.63
CA VAL A 3 4.11 -12.24 3.25
C VAL A 3 4.56 -11.78 1.87
N ILE A 4 5.61 -10.96 1.86
CA ILE A 4 6.19 -10.43 0.64
C ILE A 4 7.11 -11.50 0.05
N SER A 5 7.89 -12.19 0.90
CA SER A 5 8.85 -13.19 0.48
C SER A 5 9.12 -14.21 1.60
N ARG A 6 9.97 -15.21 1.30
CA ARG A 6 10.39 -16.30 2.18
C ARG A 6 10.71 -15.91 3.62
N HIS A 7 11.34 -14.75 3.82
CA HIS A 7 11.73 -14.25 5.13
C HIS A 7 11.16 -12.85 5.37
N VAL A 8 10.07 -12.47 4.69
CA VAL A 8 9.47 -11.16 4.81
C VAL A 8 7.96 -11.29 4.93
N ALA A 9 7.41 -11.10 6.13
CA ALA A 9 5.99 -11.18 6.44
C ALA A 9 5.71 -10.30 7.67
N ILE A 10 4.85 -9.29 7.51
CA ILE A 10 4.46 -8.39 8.58
C ILE A 10 3.21 -9.01 9.22
N PRO A 11 3.17 -9.27 10.53
CA PRO A 11 2.04 -9.89 11.22
C PRO A 11 0.81 -9.00 11.37
N ASP A 12 0.71 -7.88 10.63
CA ASP A 12 -0.40 -6.90 10.62
C ASP A 12 -0.52 -6.09 11.93
N GLY A 13 0.26 -6.42 12.97
CA GLY A 13 0.23 -5.75 14.27
C GLY A 13 1.21 -4.59 14.32
N GLU A 14 2.25 -4.65 13.48
CA GLU A 14 3.29 -3.65 13.37
C GLU A 14 2.81 -2.38 12.62
N LEU A 15 1.54 -2.36 12.19
CA LEU A 15 0.96 -1.25 11.46
C LEU A 15 0.06 -0.41 12.36
N GLU A 16 0.20 0.90 12.24
CA GLU A 16 -0.54 1.91 12.96
C GLU A 16 -1.77 2.18 12.09
N ILE A 17 -2.93 1.70 12.50
CA ILE A 17 -4.18 1.84 11.76
C ILE A 17 -5.07 2.86 12.47
N THR A 18 -5.62 3.82 11.73
CA THR A 18 -6.50 4.85 12.28
C THR A 18 -7.85 4.93 11.58
N ALA A 19 -8.82 5.50 12.30
CA ALA A 19 -10.17 5.70 11.87
C ALA A 19 -10.33 7.09 11.30
N ILE A 20 -10.74 7.15 10.04
CA ILE A 20 -10.91 8.42 9.33
C ILE A 20 -12.34 8.54 8.83
N ARG A 21 -12.81 9.79 8.79
CA ARG A 21 -14.14 10.18 8.35
C ARG A 21 -13.97 11.36 7.39
N ALA A 22 -15.00 11.66 6.59
CA ALA A 22 -15.01 12.76 5.64
C ALA A 22 -16.24 13.62 5.89
N GLN A 23 -16.24 14.83 5.36
CA GLN A 23 -17.29 15.83 5.45
C GLN A 23 -16.93 16.98 4.50
N GLY A 24 -17.75 18.04 4.46
CA GLY A 24 -17.53 19.19 3.61
C GLY A 24 -17.54 18.81 2.13
N ALA A 25 -17.21 19.78 1.27
CA ALA A 25 -17.14 19.57 -0.17
C ALA A 25 -15.69 19.28 -0.54
N GLY A 26 -15.49 18.60 -1.67
CA GLY A 26 -14.18 18.22 -2.16
C GLY A 26 -13.72 19.11 -3.31
N GLY A 27 -12.45 19.49 -3.28
CA GLY A 27 -11.79 20.33 -4.28
C GLY A 27 -10.34 19.93 -4.51
N GLN A 28 -9.79 18.97 -3.75
CA GLN A 28 -8.42 18.51 -3.88
C GLN A 28 -8.42 16.98 -4.02
N HIS A 29 -8.90 16.24 -3.02
CA HIS A 29 -8.98 14.77 -3.06
C HIS A 29 -10.24 14.33 -2.34
N VAL A 30 -11.06 13.46 -2.96
CA VAL A 30 -12.30 12.96 -2.38
C VAL A 30 -12.61 11.59 -3.00
N ASN A 31 -13.41 10.76 -2.34
CA ASN A 31 -13.76 9.41 -2.83
C ASN A 31 -15.24 9.10 -2.59
N LYS A 32 -16.05 10.09 -2.19
CA LYS A 32 -17.49 9.98 -1.89
C LYS A 32 -17.76 8.94 -0.78
N THR A 33 -16.77 8.58 0.03
CA THR A 33 -16.87 7.60 1.12
C THR A 33 -16.32 8.22 2.39
N SER A 34 -17.07 8.20 3.49
CA SER A 34 -16.63 8.76 4.76
C SER A 34 -16.01 7.68 5.65
N THR A 35 -16.74 6.59 5.94
CA THR A 35 -16.25 5.52 6.79
C THR A 35 -15.08 4.83 6.09
N ALA A 36 -13.86 5.28 6.40
CA ALA A 36 -12.63 4.77 5.82
C ALA A 36 -11.61 4.44 6.90
N ILE A 37 -10.45 3.92 6.49
CA ILE A 37 -9.36 3.56 7.38
C ILE A 37 -8.08 4.15 6.77
N HIS A 38 -7.14 4.45 7.65
CA HIS A 38 -5.83 4.99 7.36
C HIS A 38 -4.83 3.94 7.84
N LEU A 39 -3.96 3.46 6.98
CA LEU A 39 -2.93 2.46 7.31
C LEU A 39 -1.60 3.19 7.24
N ARG A 40 -0.80 3.10 8.30
CA ARG A 40 0.50 3.74 8.40
C ARG A 40 1.50 2.67 8.81
N PHE A 41 2.52 2.45 8.00
CA PHE A 41 3.56 1.47 8.21
C PHE A 41 4.95 2.13 8.25
N ASP A 42 5.62 2.13 9.41
CA ASP A 42 6.94 2.72 9.65
C ASP A 42 8.03 1.76 9.18
N ILE A 43 8.67 2.06 8.05
CA ILE A 43 9.73 1.20 7.54
C ILE A 43 10.91 1.21 8.51
N ARG A 44 11.33 2.38 9.01
CA ARG A 44 12.47 2.51 9.93
C ARG A 44 12.27 1.82 11.27
N ALA A 45 11.06 1.34 11.59
CA ALA A 45 10.74 0.68 12.85
C ALA A 45 10.19 -0.74 12.67
N SER A 46 10.27 -1.31 11.46
CA SER A 46 9.72 -2.62 11.16
C SER A 46 10.71 -3.78 11.10
N SER A 47 10.15 -4.98 11.10
CA SER A 47 10.86 -6.26 10.99
C SER A 47 11.32 -6.51 9.55
N LEU A 48 11.06 -5.60 8.60
CA LEU A 48 11.48 -5.78 7.22
C LEU A 48 13.01 -5.73 7.17
N PRO A 49 13.67 -6.40 6.22
CA PRO A 49 15.12 -6.42 6.13
C PRO A 49 15.74 -5.06 5.79
N GLU A 50 17.06 -4.97 5.94
CA GLU A 50 17.88 -3.79 5.67
C GLU A 50 17.73 -3.38 4.21
N TYR A 51 17.75 -4.36 3.29
CA TYR A 51 17.60 -4.14 1.86
C TYR A 51 16.29 -3.41 1.62
N TYR A 52 15.22 -3.85 2.28
CA TYR A 52 13.91 -3.24 2.13
C TYR A 52 13.88 -1.84 2.76
N LYS A 53 14.74 -1.53 3.75
CA LYS A 53 14.76 -0.19 4.35
C LYS A 53 15.10 0.79 3.23
N GLU A 54 16.29 0.64 2.68
CA GLU A 54 16.78 1.51 1.61
C GLU A 54 15.88 1.47 0.39
N ARG A 55 15.28 0.34 0.06
CA ARG A 55 14.40 0.23 -1.12
C ARG A 55 13.20 1.13 -1.01
N LEU A 56 12.44 0.97 0.07
CA LEU A 56 11.23 1.73 0.31
C LEU A 56 11.55 3.20 0.64
N LEU A 57 12.77 3.50 1.10
CA LEU A 57 13.20 4.87 1.42
C LEU A 57 13.61 5.58 0.13
N ALA A 58 14.23 4.86 -0.81
CA ALA A 58 14.69 5.35 -2.10
C ALA A 58 13.57 5.31 -3.17
N ALA A 59 12.37 4.89 -2.77
CA ALA A 59 11.19 4.80 -3.61
C ALA A 59 10.59 6.19 -3.77
N SER A 60 9.90 6.45 -4.88
CA SER A 60 9.26 7.73 -5.13
C SER A 60 7.77 7.47 -5.37
N HIS A 61 7.02 7.45 -4.27
CA HIS A 61 5.59 7.25 -4.24
C HIS A 61 5.04 8.46 -3.49
N HIS A 62 4.08 9.17 -4.09
CA HIS A 62 3.46 10.34 -3.47
C HIS A 62 2.73 10.00 -2.15
N LEU A 63 2.63 8.71 -1.79
CA LEU A 63 1.99 8.23 -0.58
C LEU A 63 2.97 7.98 0.56
N ILE A 64 4.29 7.91 0.30
CA ILE A 64 5.28 7.63 1.34
C ILE A 64 5.83 8.95 1.89
N SER A 65 6.03 9.01 3.20
CA SER A 65 6.54 10.16 3.93
C SER A 65 8.07 10.14 3.95
N SER A 66 8.68 11.30 4.19
CA SER A 66 10.13 11.53 4.25
C SER A 66 10.79 10.61 5.28
N ASP A 67 10.08 10.27 6.36
CA ASP A 67 10.52 9.41 7.47
C ASP A 67 10.52 7.92 7.07
N GLY A 68 10.18 7.61 5.83
CA GLY A 68 10.10 6.27 5.32
C GLY A 68 8.91 5.60 5.96
N VAL A 69 7.72 6.18 5.80
CA VAL A 69 6.48 5.66 6.36
C VAL A 69 5.52 5.52 5.19
N ILE A 70 5.02 4.31 4.97
CA ILE A 70 4.08 4.00 3.91
C ILE A 70 2.70 4.28 4.49
N VAL A 71 2.00 5.26 3.91
CA VAL A 71 0.66 5.65 4.30
C VAL A 71 -0.30 5.19 3.18
N ILE A 72 -1.47 4.66 3.51
CA ILE A 72 -2.48 4.18 2.56
C ILE A 72 -3.85 4.58 3.13
N LYS A 73 -4.85 4.76 2.26
CA LYS A 73 -6.21 5.12 2.63
C LYS A 73 -7.18 4.28 1.79
N ALA A 74 -7.67 3.17 2.34
CA ALA A 74 -8.62 2.29 1.67
C ALA A 74 -9.99 2.81 2.10
N GLN A 75 -10.85 3.11 1.12
CA GLN A 75 -12.18 3.65 1.39
C GLN A 75 -13.11 3.08 0.33
N GLU A 76 -14.08 2.27 0.71
CA GLU A 76 -15.05 1.66 -0.18
C GLU A 76 -16.23 1.18 0.65
N TYR A 77 -15.97 0.20 1.53
CA TYR A 77 -16.99 -0.41 2.36
C TYR A 77 -17.57 0.58 3.33
N ARG A 78 -18.84 0.38 3.69
CA ARG A 78 -19.49 1.28 4.64
C ARG A 78 -19.02 0.99 6.07
N SER A 79 -18.36 -0.14 6.34
CA SER A 79 -17.90 -0.50 7.68
C SER A 79 -16.41 -0.21 7.86
N GLN A 80 -16.06 0.39 8.99
CA GLN A 80 -14.69 0.76 9.36
C GLN A 80 -13.85 -0.47 9.77
N GLU A 81 -14.33 -1.69 9.49
CA GLU A 81 -13.68 -2.95 9.81
C GLU A 81 -13.34 -3.75 8.54
N LEU A 82 -13.94 -3.41 7.39
CA LEU A 82 -13.69 -4.09 6.12
C LEU A 82 -12.68 -3.30 5.30
N ASN A 83 -12.59 -1.98 5.55
CA ASN A 83 -11.64 -1.13 4.83
C ASN A 83 -10.22 -1.44 5.26
N ARG A 84 -10.03 -1.92 6.49
CA ARG A 84 -8.69 -2.24 6.99
C ARG A 84 -8.05 -3.36 6.19
N GLU A 85 -8.77 -4.47 5.94
CA GLU A 85 -8.21 -5.58 5.18
C GLU A 85 -7.94 -5.20 3.72
N ALA A 86 -8.59 -4.14 3.23
CA ALA A 86 -8.39 -3.71 1.86
C ALA A 86 -7.06 -2.97 1.67
N ALA A 87 -6.52 -2.32 2.71
CA ALA A 87 -5.24 -1.60 2.58
C ALA A 87 -4.05 -2.54 2.68
N LEU A 88 -4.15 -3.67 3.40
CA LEU A 88 -3.02 -4.59 3.50
C LEU A 88 -2.64 -5.05 2.09
N ALA A 89 -3.64 -5.21 1.21
CA ALA A 89 -3.43 -5.61 -0.17
C ALA A 89 -2.55 -4.58 -0.88
N ARG A 90 -2.92 -3.30 -0.76
CA ARG A 90 -2.22 -2.19 -1.37
C ARG A 90 -0.81 -2.12 -0.82
N LEU A 91 -0.63 -2.33 0.48
CA LEU A 91 0.67 -2.32 1.15
C LEU A 91 1.57 -3.38 0.51
N VAL A 92 1.11 -4.62 0.49
CA VAL A 92 1.85 -5.74 -0.10
C VAL A 92 2.23 -5.44 -1.56
N ALA A 93 1.31 -4.83 -2.30
CA ALA A 93 1.45 -4.50 -3.70
C ALA A 93 2.52 -3.45 -3.91
N MET A 94 2.36 -2.27 -3.29
CA MET A 94 3.33 -1.22 -3.44
C MET A 94 4.70 -1.71 -2.97
N ILE A 95 4.79 -2.53 -1.91
CA ILE A 95 6.10 -3.04 -1.47
C ILE A 95 6.67 -3.87 -2.64
N LYS A 96 5.88 -4.76 -3.24
CA LYS A 96 6.31 -5.60 -4.37
C LYS A 96 6.60 -4.78 -5.64
N GLU A 97 6.17 -3.53 -5.71
CA GLU A 97 6.37 -2.62 -6.84
C GLU A 97 7.57 -1.69 -6.59
N LEU A 98 7.99 -1.46 -5.33
CA LEU A 98 9.10 -0.59 -4.96
C LEU A 98 10.37 -1.35 -4.60
N THR A 99 10.25 -2.55 -4.05
CA THR A 99 11.43 -3.33 -3.65
C THR A 99 12.21 -3.92 -4.83
N THR A 100 11.55 -4.05 -5.99
CA THR A 100 12.09 -4.61 -7.20
C THR A 100 11.43 -3.91 -8.39
N GLU A 101 11.97 -4.13 -9.59
CA GLU A 101 11.46 -3.53 -10.81
C GLU A 101 10.89 -4.66 -11.68
N LYS A 102 9.67 -4.48 -12.18
CA LYS A 102 8.94 -5.41 -13.02
C LYS A 102 8.24 -4.68 -14.16
N LYS A 103 7.79 -5.43 -15.16
CA LYS A 103 7.08 -4.95 -16.33
C LYS A 103 5.70 -5.61 -16.30
N ALA A 104 4.65 -4.82 -16.40
CA ALA A 104 3.26 -5.28 -16.37
C ALA A 104 2.42 -4.42 -17.32
N ARG A 105 1.16 -4.80 -17.54
CA ARG A 105 0.24 -4.06 -18.40
C ARG A 105 -0.16 -2.75 -17.73
N ARG A 106 0.61 -1.68 -17.95
CA ARG A 106 0.33 -0.36 -17.38
C ARG A 106 -1.00 0.18 -17.90
N PRO A 107 -1.71 1.04 -17.14
CA PRO A 107 -2.99 1.60 -17.55
C PRO A 107 -2.88 2.67 -18.65
N THR A 108 -1.67 3.20 -18.94
CA THR A 108 -1.36 4.23 -19.94
C THR A 108 -2.03 5.62 -19.74
N ARG A 109 -3.03 5.71 -18.86
CA ARG A 109 -3.77 6.92 -18.54
C ARG A 109 -2.82 8.01 -18.00
N SER A 110 -3.17 9.26 -18.25
CA SER A 110 -2.48 10.48 -17.85
C SER A 110 -3.53 11.46 -17.31
N GLY A 111 -3.16 12.71 -17.01
CA GLY A 111 -4.08 13.72 -16.48
C GLY A 111 -4.54 13.34 -15.06
N PRO A 112 -3.64 13.36 -14.06
CA PRO A 112 -3.95 13.01 -12.68
C PRO A 112 -4.73 14.09 -11.91
N SER A 113 -5.23 15.14 -12.55
CA SER A 113 -5.99 16.21 -11.93
C SER A 113 -7.41 16.17 -12.47
N SER A 114 -8.39 16.55 -11.65
CA SER A 114 -9.79 16.60 -12.06
C SER A 114 -9.96 17.74 -13.09
N GLY A 115 -9.06 18.72 -13.09
CA GLY A 115 -9.05 19.88 -13.97
C GLY A 115 -7.87 19.81 -14.94
N GLU A 116 -7.47 20.98 -15.45
CA GLU A 116 -6.36 21.15 -16.37
C GLU A 116 -5.09 21.43 -15.56
N ASN A 117 -5.14 22.48 -14.74
CA ASN A 117 -4.04 22.92 -13.89
C ASN A 117 -4.40 22.55 -12.45
N LEU A 118 -3.39 22.31 -11.62
CA LEU A 118 -3.56 21.94 -10.21
C LEU A 118 -2.24 22.19 -9.51
N TYR A 119 -2.23 23.08 -8.52
CA TYR A 119 -1.04 23.38 -7.75
C TYR A 119 -0.80 22.24 -6.76
N PHE A 120 0.41 22.13 -6.21
CA PHE A 120 0.76 21.11 -5.24
C PHE A 120 1.60 21.78 -4.17
N GLN A 121 1.18 21.68 -2.92
CA GLN A 121 1.84 22.23 -1.75
C GLN A 121 2.03 21.14 -0.71
N MET A 1 0.06 -12.34 8.41
CA MET A 1 1.52 -12.35 8.29
C MET A 1 2.08 -11.54 7.12
N ILE A 2 1.29 -11.01 6.17
CA ILE A 2 1.80 -10.19 5.05
C ILE A 2 3.13 -10.73 4.47
N VAL A 3 3.19 -12.03 4.21
CA VAL A 3 4.39 -12.67 3.68
C VAL A 3 4.66 -12.17 2.24
N ILE A 4 5.61 -11.25 2.11
CA ILE A 4 6.05 -10.66 0.86
C ILE A 4 7.05 -11.60 0.17
N SER A 5 7.91 -12.27 0.95
CA SER A 5 8.92 -13.19 0.44
C SER A 5 9.25 -14.22 1.53
N ARG A 6 10.08 -15.21 1.18
CA ARG A 6 10.54 -16.29 2.04
C ARG A 6 11.09 -15.78 3.38
N HIS A 7 11.70 -14.59 3.40
CA HIS A 7 12.28 -13.97 4.59
C HIS A 7 11.60 -12.67 5.03
N VAL A 8 10.52 -12.25 4.36
CA VAL A 8 9.79 -11.01 4.66
C VAL A 8 8.31 -11.31 4.90
N ALA A 9 7.83 -11.10 6.13
CA ALA A 9 6.45 -11.30 6.56
C ALA A 9 6.22 -10.45 7.82
N ILE A 10 5.19 -9.61 7.84
CA ILE A 10 4.81 -8.70 8.95
C ILE A 10 3.62 -9.30 9.74
N PRO A 11 3.62 -9.32 11.08
CA PRO A 11 2.53 -9.89 11.88
C PRO A 11 1.20 -9.12 11.85
N ASP A 12 1.07 -8.07 11.04
CA ASP A 12 -0.11 -7.20 10.88
C ASP A 12 -0.30 -6.29 12.10
N GLY A 13 0.39 -6.54 13.22
CA GLY A 13 0.33 -5.77 14.45
C GLY A 13 1.46 -4.76 14.60
N GLU A 14 2.49 -4.86 13.75
CA GLU A 14 3.63 -3.95 13.76
C GLU A 14 3.30 -2.63 13.05
N LEU A 15 2.06 -2.49 12.55
CA LEU A 15 1.57 -1.33 11.83
C LEU A 15 0.74 -0.41 12.71
N GLU A 16 0.45 0.79 12.23
CA GLU A 16 -0.35 1.78 12.94
C GLU A 16 -1.57 2.10 12.05
N ILE A 17 -2.67 1.43 12.35
CA ILE A 17 -3.94 1.55 11.65
C ILE A 17 -4.78 2.58 12.42
N THR A 18 -5.62 3.34 11.72
CA THR A 18 -6.46 4.36 12.33
C THR A 18 -7.76 4.53 11.56
N ALA A 19 -8.77 5.07 12.24
CA ALA A 19 -10.07 5.36 11.69
C ALA A 19 -10.08 6.79 11.18
N ILE A 20 -10.52 6.97 9.94
CA ILE A 20 -10.61 8.27 9.29
C ILE A 20 -12.03 8.50 8.81
N ARG A 21 -12.36 9.77 8.62
CA ARG A 21 -13.67 10.23 8.17
C ARG A 21 -13.51 11.30 7.11
N ALA A 22 -14.61 11.53 6.42
CA ALA A 22 -14.79 12.51 5.38
C ALA A 22 -15.90 13.43 5.90
N GLN A 23 -15.95 14.66 5.41
CA GLN A 23 -16.95 15.66 5.82
C GLN A 23 -17.39 16.52 4.63
N GLY A 24 -17.08 16.08 3.40
CA GLY A 24 -17.46 16.77 2.18
C GLY A 24 -18.92 16.49 1.88
N ALA A 25 -19.50 17.31 1.02
CA ALA A 25 -20.89 17.19 0.59
C ALA A 25 -20.92 16.42 -0.73
N GLY A 26 -22.10 15.92 -1.09
CA GLY A 26 -22.32 15.19 -2.31
C GLY A 26 -22.46 16.20 -3.45
N GLY A 27 -22.19 15.78 -4.67
CA GLY A 27 -22.27 16.58 -5.88
C GLY A 27 -22.69 15.63 -6.99
N GLN A 28 -22.14 15.77 -8.20
CA GLN A 28 -22.51 14.83 -9.25
C GLN A 28 -21.95 13.46 -8.86
N HIS A 29 -20.71 13.42 -8.39
CA HIS A 29 -20.01 12.23 -7.97
C HIS A 29 -19.06 12.58 -6.84
N VAL A 30 -18.44 11.59 -6.18
CA VAL A 30 -17.51 11.75 -5.06
C VAL A 30 -16.37 10.75 -5.20
N ASN A 31 -15.34 10.89 -4.36
CA ASN A 31 -14.17 10.02 -4.35
C ASN A 31 -13.62 9.75 -2.94
N LYS A 32 -14.21 10.35 -1.90
CA LYS A 32 -13.77 10.19 -0.52
C LYS A 32 -15.00 9.89 0.31
N THR A 33 -14.91 8.99 1.30
CA THR A 33 -16.06 8.64 2.12
C THR A 33 -15.71 8.53 3.61
N SER A 34 -16.73 8.59 4.46
CA SER A 34 -16.58 8.47 5.91
C SER A 34 -16.41 6.98 6.23
N THR A 35 -16.12 6.66 7.49
CA THR A 35 -15.96 5.27 7.91
C THR A 35 -14.79 4.55 7.19
N ALA A 36 -13.74 5.30 6.84
CA ALA A 36 -12.56 4.81 6.13
C ALA A 36 -11.44 4.38 7.07
N ILE A 37 -10.37 3.79 6.55
CA ILE A 37 -9.21 3.36 7.35
C ILE A 37 -7.93 3.92 6.74
N HIS A 38 -7.03 4.33 7.65
CA HIS A 38 -5.72 4.90 7.38
C HIS A 38 -4.71 3.90 7.95
N LEU A 39 -3.98 3.24 7.07
CA LEU A 39 -2.97 2.24 7.40
C LEU A 39 -1.61 2.91 7.25
N ARG A 40 -0.76 2.89 8.27
CA ARG A 40 0.57 3.49 8.27
C ARG A 40 1.61 2.45 8.64
N PHE A 41 2.63 2.29 7.81
CA PHE A 41 3.75 1.38 7.96
C PHE A 41 5.07 2.16 7.99
N ASP A 42 5.63 2.40 9.17
CA ASP A 42 6.90 3.10 9.38
C ASP A 42 7.99 2.07 9.14
N ILE A 43 8.61 2.14 7.96
CA ILE A 43 9.68 1.25 7.52
C ILE A 43 10.79 1.20 8.57
N ARG A 44 11.27 2.35 9.07
CA ARG A 44 12.32 2.42 10.09
C ARG A 44 11.92 1.64 11.36
N ALA A 45 10.63 1.50 11.65
CA ALA A 45 10.11 0.82 12.82
C ALA A 45 9.88 -0.68 12.60
N SER A 46 10.14 -1.19 11.40
CA SER A 46 9.89 -2.59 11.09
C SER A 46 11.14 -3.46 11.09
N SER A 47 10.93 -4.78 11.06
CA SER A 47 12.00 -5.79 11.03
C SER A 47 12.45 -6.07 9.60
N LEU A 48 11.99 -5.27 8.62
CA LEU A 48 12.34 -5.44 7.23
C LEU A 48 13.85 -5.52 7.06
N PRO A 49 14.30 -6.31 6.08
CA PRO A 49 15.72 -6.46 5.81
C PRO A 49 16.25 -5.11 5.36
N GLU A 50 17.54 -4.88 5.62
CA GLU A 50 18.22 -3.64 5.26
C GLU A 50 18.01 -3.26 3.78
N TYR A 51 17.93 -4.26 2.90
CA TYR A 51 17.72 -4.08 1.47
C TYR A 51 16.36 -3.41 1.25
N TYR A 52 15.30 -3.94 1.87
CA TYR A 52 13.96 -3.38 1.76
C TYR A 52 13.93 -2.00 2.39
N LYS A 53 14.57 -1.82 3.56
CA LYS A 53 14.60 -0.54 4.25
C LYS A 53 15.06 0.55 3.30
N GLU A 54 16.22 0.36 2.69
CA GLU A 54 16.78 1.32 1.76
C GLU A 54 15.94 1.45 0.49
N ARG A 55 15.34 0.36 -0.01
CA ARG A 55 14.52 0.42 -1.23
C ARG A 55 13.31 1.31 -1.02
N LEU A 56 12.56 1.06 0.05
CA LEU A 56 11.36 1.82 0.37
C LEU A 56 11.72 3.29 0.68
N LEU A 57 12.89 3.56 1.28
CA LEU A 57 13.32 4.92 1.61
C LEU A 57 13.79 5.68 0.36
N ALA A 58 14.33 4.95 -0.61
CA ALA A 58 14.84 5.51 -1.86
C ALA A 58 13.76 5.56 -2.95
N ALA A 59 12.61 4.91 -2.76
CA ALA A 59 11.55 4.89 -3.74
C ALA A 59 10.90 6.27 -3.92
N SER A 60 10.18 6.41 -5.04
CA SER A 60 9.46 7.61 -5.46
C SER A 60 8.01 7.21 -5.68
N HIS A 61 7.18 7.35 -4.64
CA HIS A 61 5.76 7.06 -4.67
C HIS A 61 5.01 8.17 -3.96
N HIS A 62 3.92 8.67 -4.57
CA HIS A 62 3.07 9.72 -4.00
C HIS A 62 2.37 9.30 -2.68
N LEU A 63 2.57 8.05 -2.23
CA LEU A 63 1.99 7.48 -1.01
C LEU A 63 3.04 7.33 0.10
N ILE A 64 4.33 7.44 -0.20
CA ILE A 64 5.40 7.31 0.79
C ILE A 64 5.90 8.72 1.14
N SER A 65 6.42 8.88 2.35
CA SER A 65 6.97 10.13 2.84
C SER A 65 8.47 10.17 2.60
N SER A 66 9.08 11.33 2.81
CA SER A 66 10.52 11.50 2.68
C SER A 66 11.09 11.41 4.09
N ASP A 67 10.65 10.37 4.82
CA ASP A 67 11.05 10.08 6.21
C ASP A 67 11.25 8.58 6.43
N GLY A 68 10.44 7.75 5.78
CA GLY A 68 10.50 6.31 5.90
C GLY A 68 9.20 5.72 6.38
N VAL A 69 8.05 6.20 5.89
CA VAL A 69 6.76 5.68 6.27
C VAL A 69 5.85 5.70 5.05
N ILE A 70 5.08 4.64 4.87
CA ILE A 70 4.14 4.44 3.78
C ILE A 70 2.74 4.57 4.38
N VAL A 71 1.82 5.29 3.74
CA VAL A 71 0.45 5.44 4.22
C VAL A 71 -0.53 5.08 3.10
N ILE A 72 -1.64 4.44 3.47
CA ILE A 72 -2.67 3.99 2.56
C ILE A 72 -4.01 4.39 3.17
N LYS A 73 -4.95 4.79 2.32
CA LYS A 73 -6.29 5.23 2.68
C LYS A 73 -7.22 4.32 1.91
N ALA A 74 -7.72 3.29 2.57
CA ALA A 74 -8.63 2.32 1.98
C ALA A 74 -10.04 2.76 2.34
N GLN A 75 -10.87 3.01 1.34
CA GLN A 75 -12.25 3.43 1.55
C GLN A 75 -13.10 3.07 0.34
N GLU A 76 -14.05 2.17 0.57
CA GLU A 76 -15.01 1.64 -0.38
C GLU A 76 -16.26 1.18 0.40
N TYR A 77 -16.03 0.37 1.45
CA TYR A 77 -17.07 -0.18 2.30
C TYR A 77 -17.70 0.89 3.18
N ARG A 78 -18.88 0.56 3.74
CA ARG A 78 -19.61 1.45 4.62
C ARG A 78 -19.20 1.17 6.06
N SER A 79 -18.54 0.03 6.34
CA SER A 79 -18.09 -0.38 7.67
C SER A 79 -16.58 -0.24 7.79
N GLN A 80 -16.14 0.40 8.88
CA GLN A 80 -14.74 0.68 9.21
C GLN A 80 -13.93 -0.59 9.51
N GLU A 81 -14.58 -1.75 9.51
CA GLU A 81 -14.01 -3.05 9.78
C GLU A 81 -13.62 -3.81 8.51
N LEU A 82 -14.15 -3.40 7.36
CA LEU A 82 -13.84 -4.04 6.07
C LEU A 82 -12.80 -3.24 5.29
N ASN A 83 -12.78 -1.92 5.49
CA ASN A 83 -11.83 -1.04 4.82
C ASN A 83 -10.42 -1.31 5.35
N ARG A 84 -10.30 -1.79 6.60
CA ARG A 84 -9.00 -2.09 7.19
C ARG A 84 -8.29 -3.18 6.41
N GLU A 85 -8.95 -4.30 6.15
CA GLU A 85 -8.30 -5.39 5.43
C GLU A 85 -7.99 -5.00 3.99
N ALA A 86 -8.73 -4.04 3.41
CA ALA A 86 -8.47 -3.63 2.05
C ALA A 86 -7.16 -2.83 1.91
N ALA A 87 -6.67 -2.23 3.00
CA ALA A 87 -5.45 -1.45 2.98
C ALA A 87 -4.20 -2.33 2.93
N LEU A 88 -4.18 -3.42 3.71
CA LEU A 88 -3.04 -4.33 3.76
C LEU A 88 -2.72 -4.92 2.38
N ALA A 89 -3.73 -5.18 1.55
CA ALA A 89 -3.53 -5.73 0.22
C ALA A 89 -2.68 -4.76 -0.60
N ARG A 90 -3.07 -3.48 -0.59
CA ARG A 90 -2.39 -2.41 -1.30
C ARG A 90 -0.94 -2.28 -0.84
N LEU A 91 -0.68 -2.41 0.47
CA LEU A 91 0.68 -2.31 0.99
C LEU A 91 1.55 -3.40 0.37
N VAL A 92 1.08 -4.64 0.36
CA VAL A 92 1.83 -5.76 -0.23
C VAL A 92 2.17 -5.46 -1.69
N ALA A 93 1.20 -4.91 -2.43
CA ALA A 93 1.30 -4.59 -3.84
C ALA A 93 2.37 -3.56 -4.13
N MET A 94 2.27 -2.41 -3.47
CA MET A 94 3.24 -1.34 -3.67
C MET A 94 4.61 -1.86 -3.22
N ILE A 95 4.71 -2.65 -2.14
CA ILE A 95 6.02 -3.17 -1.71
C ILE A 95 6.61 -3.95 -2.89
N LYS A 96 5.84 -4.84 -3.54
CA LYS A 96 6.29 -5.63 -4.69
C LYS A 96 6.59 -4.81 -5.94
N GLU A 97 6.46 -3.49 -5.91
CA GLU A 97 6.73 -2.60 -7.04
C GLU A 97 7.92 -1.69 -6.73
N LEU A 98 8.15 -1.37 -5.45
CA LEU A 98 9.24 -0.51 -5.00
C LEU A 98 10.52 -1.30 -4.69
N THR A 99 10.41 -2.61 -4.42
CA THR A 99 11.55 -3.48 -4.09
C THR A 99 11.97 -4.39 -5.24
N THR A 100 11.06 -4.66 -6.15
CA THR A 100 11.20 -5.51 -7.32
C THR A 100 10.22 -4.99 -8.38
N GLU A 101 9.98 -5.76 -9.43
CA GLU A 101 9.06 -5.38 -10.49
C GLU A 101 8.24 -6.61 -10.85
N LYS A 102 6.92 -6.51 -10.68
CA LYS A 102 5.97 -7.55 -10.99
C LYS A 102 6.10 -7.92 -12.47
N LYS A 103 5.89 -9.19 -12.84
CA LYS A 103 5.98 -9.64 -14.23
C LYS A 103 4.87 -10.64 -14.55
N ALA A 104 4.02 -10.29 -15.51
CA ALA A 104 2.88 -11.06 -15.98
C ALA A 104 3.35 -12.16 -16.95
N ARG A 105 3.89 -13.27 -16.45
CA ARG A 105 4.33 -14.34 -17.35
C ARG A 105 3.06 -15.03 -17.87
N ARG A 106 3.05 -15.45 -19.12
CA ARG A 106 1.93 -16.12 -19.76
C ARG A 106 2.51 -17.17 -20.71
N PRO A 107 1.90 -18.34 -20.89
CA PRO A 107 2.42 -19.38 -21.79
C PRO A 107 2.22 -18.98 -23.26
N THR A 108 2.68 -19.82 -24.20
CA THR A 108 2.55 -19.58 -25.64
C THR A 108 1.89 -20.82 -26.26
N ARG A 109 0.57 -20.76 -26.49
CA ARG A 109 -0.22 -21.84 -27.08
C ARG A 109 -0.85 -21.32 -28.38
N SER A 110 -1.40 -22.21 -29.19
CA SER A 110 -2.05 -21.91 -30.46
C SER A 110 -2.85 -23.15 -30.87
N GLY A 111 -3.53 -23.11 -32.01
CA GLY A 111 -4.33 -24.23 -32.53
C GLY A 111 -5.72 -24.27 -31.87
N PRO A 112 -6.61 -23.31 -32.19
CA PRO A 112 -7.96 -23.27 -31.65
C PRO A 112 -8.71 -24.50 -32.18
N SER A 113 -8.78 -25.54 -31.36
CA SER A 113 -9.44 -26.79 -31.69
C SER A 113 -10.94 -26.70 -31.35
N SER A 114 -11.70 -27.70 -31.80
CA SER A 114 -13.13 -27.78 -31.54
C SER A 114 -13.39 -28.14 -30.07
N GLY A 115 -14.65 -28.15 -29.67
CA GLY A 115 -15.10 -28.47 -28.32
C GLY A 115 -15.99 -29.72 -28.24
N GLU A 116 -16.32 -30.33 -29.38
CA GLU A 116 -17.14 -31.54 -29.55
C GLU A 116 -18.39 -31.60 -28.66
N ASN A 117 -19.02 -30.45 -28.40
CA ASN A 117 -20.21 -30.32 -27.58
C ASN A 117 -21.18 -29.37 -28.27
N LEU A 118 -22.42 -29.81 -28.47
CA LEU A 118 -23.48 -29.03 -29.12
C LEU A 118 -24.02 -28.00 -28.12
N TYR A 119 -23.25 -26.93 -27.91
CA TYR A 119 -23.60 -25.83 -27.01
C TYR A 119 -24.61 -24.86 -27.67
N PHE A 120 -25.14 -25.26 -28.83
CA PHE A 120 -26.09 -24.58 -29.67
C PHE A 120 -26.91 -25.67 -30.36
N GLN A 121 -28.13 -25.35 -30.74
CA GLN A 121 -29.13 -26.16 -31.41
C GLN A 121 -30.15 -25.17 -31.95
N MET A 1 -0.57 -12.03 8.52
CA MET A 1 0.88 -12.28 8.31
C MET A 1 1.53 -11.50 7.18
N ILE A 2 0.81 -10.91 6.21
CA ILE A 2 1.36 -10.12 5.10
C ILE A 2 2.70 -10.67 4.56
N VAL A 3 2.74 -11.95 4.22
CA VAL A 3 3.94 -12.59 3.69
C VAL A 3 4.25 -12.04 2.29
N ILE A 4 5.37 -11.31 2.17
CA ILE A 4 5.86 -10.72 0.94
C ILE A 4 6.87 -11.70 0.29
N SER A 5 7.74 -12.31 1.09
CA SER A 5 8.78 -13.23 0.67
C SER A 5 9.11 -14.19 1.82
N ARG A 6 9.98 -15.16 1.55
CA ARG A 6 10.48 -16.21 2.47
C ARG A 6 10.97 -15.67 3.81
N HIS A 7 11.51 -14.45 3.84
CA HIS A 7 12.06 -13.80 5.04
C HIS A 7 11.28 -12.55 5.42
N VAL A 8 10.14 -12.29 4.76
CA VAL A 8 9.37 -11.08 4.97
C VAL A 8 7.89 -11.39 5.11
N ALA A 9 7.33 -11.19 6.29
CA ALA A 9 5.93 -11.42 6.64
C ALA A 9 5.65 -10.63 7.91
N ILE A 10 4.84 -9.59 7.80
CA ILE A 10 4.46 -8.71 8.89
C ILE A 10 3.28 -9.36 9.64
N PRO A 11 3.37 -9.68 10.93
CA PRO A 11 2.28 -10.26 11.74
C PRO A 11 1.13 -9.25 11.97
N ASP A 12 1.02 -8.24 11.11
CA ASP A 12 0.03 -7.17 11.12
C ASP A 12 0.14 -6.39 12.45
N GLY A 13 1.32 -6.38 13.09
CA GLY A 13 1.55 -5.72 14.36
C GLY A 13 2.33 -4.42 14.19
N GLU A 14 3.35 -4.45 13.33
CA GLU A 14 4.21 -3.30 13.05
C GLU A 14 3.48 -2.15 12.30
N LEU A 15 2.16 -2.23 12.10
CA LEU A 15 1.39 -1.23 11.41
C LEU A 15 0.51 -0.42 12.35
N GLU A 16 0.24 0.83 11.99
CA GLU A 16 -0.59 1.76 12.73
C GLU A 16 -1.84 1.96 11.88
N ILE A 17 -2.91 1.26 12.22
CA ILE A 17 -4.19 1.37 11.54
C ILE A 17 -4.95 2.40 12.38
N THR A 18 -5.74 3.27 11.75
CA THR A 18 -6.50 4.30 12.45
C THR A 18 -7.79 4.62 11.69
N ALA A 19 -8.78 5.18 12.36
CA ALA A 19 -10.03 5.55 11.71
C ALA A 19 -9.95 6.96 11.16
N ILE A 20 -10.72 7.17 10.10
CA ILE A 20 -10.86 8.43 9.39
C ILE A 20 -12.33 8.50 9.00
N ARG A 21 -13.00 9.63 9.26
CA ARG A 21 -14.40 9.82 8.92
C ARG A 21 -14.53 11.15 8.20
N ALA A 22 -15.27 11.16 7.09
CA ALA A 22 -15.49 12.35 6.31
C ALA A 22 -16.54 13.20 7.03
N GLN A 23 -16.46 14.51 6.85
CA GLN A 23 -17.38 15.47 7.49
C GLN A 23 -17.44 16.74 6.65
N GLY A 24 -16.32 17.45 6.48
CA GLY A 24 -16.28 18.67 5.69
C GLY A 24 -16.28 18.29 4.21
N ALA A 25 -16.35 19.29 3.33
CA ALA A 25 -16.34 19.08 1.88
C ALA A 25 -15.05 18.42 1.39
N GLY A 26 -15.06 17.87 0.19
CA GLY A 26 -13.93 17.22 -0.45
C GLY A 26 -13.85 17.63 -1.93
N GLY A 27 -12.65 17.53 -2.50
CA GLY A 27 -12.31 17.85 -3.90
C GLY A 27 -13.17 18.98 -4.46
N GLN A 28 -14.16 18.62 -5.29
CA GLN A 28 -15.09 19.55 -5.89
C GLN A 28 -16.50 19.15 -5.47
N HIS A 29 -16.86 17.88 -5.68
CA HIS A 29 -18.15 17.33 -5.32
C HIS A 29 -17.95 15.83 -5.12
N VAL A 30 -17.95 15.43 -3.86
CA VAL A 30 -17.79 14.06 -3.40
C VAL A 30 -18.56 14.00 -2.07
N ASN A 31 -19.17 12.84 -1.81
CA ASN A 31 -19.98 12.52 -0.63
C ASN A 31 -19.69 11.07 -0.27
N LYS A 32 -20.32 10.53 0.79
CA LYS A 32 -20.19 9.15 1.29
C LYS A 32 -18.79 8.58 1.53
N THR A 33 -17.71 9.32 1.27
CA THR A 33 -16.31 8.94 1.43
C THR A 33 -15.93 8.70 2.92
N SER A 34 -16.90 8.73 3.85
CA SER A 34 -16.73 8.50 5.27
C SER A 34 -16.51 7.00 5.53
N THR A 35 -16.33 6.62 6.81
CA THR A 35 -16.14 5.24 7.24
C THR A 35 -14.90 4.55 6.66
N ALA A 36 -13.84 5.31 6.36
CA ALA A 36 -12.64 4.74 5.79
C ALA A 36 -11.64 4.38 6.89
N ILE A 37 -10.51 3.82 6.50
CA ILE A 37 -9.46 3.46 7.42
C ILE A 37 -8.15 3.96 6.82
N HIS A 38 -7.30 4.44 7.71
CA HIS A 38 -5.97 4.94 7.41
C HIS A 38 -5.04 3.80 7.82
N LEU A 39 -4.15 3.40 6.93
CA LEU A 39 -3.17 2.35 7.12
C LEU A 39 -1.82 3.05 7.04
N ARG A 40 -1.03 3.04 8.12
CA ARG A 40 0.28 3.66 8.17
C ARG A 40 1.32 2.61 8.54
N PHE A 41 2.28 2.36 7.65
CA PHE A 41 3.36 1.41 7.84
C PHE A 41 4.68 2.17 8.00
N ASP A 42 5.25 2.13 9.20
CA ASP A 42 6.51 2.77 9.55
C ASP A 42 7.64 1.81 9.21
N ILE A 43 8.34 2.04 8.11
CA ILE A 43 9.43 1.18 7.69
C ILE A 43 10.51 1.15 8.77
N ARG A 44 10.90 2.30 9.32
CA ARG A 44 11.94 2.38 10.36
C ARG A 44 11.49 1.79 11.70
N ALA A 45 10.23 1.37 11.82
CA ALA A 45 9.68 0.77 13.04
C ALA A 45 9.15 -0.63 12.74
N SER A 46 9.59 -1.24 11.63
CA SER A 46 9.17 -2.57 11.23
C SER A 46 10.26 -3.58 11.60
N SER A 47 10.11 -4.83 11.14
CA SER A 47 11.04 -5.93 11.34
C SER A 47 11.59 -6.34 9.95
N LEU A 48 11.39 -5.51 8.93
CA LEU A 48 11.85 -5.75 7.56
C LEU A 48 13.36 -5.86 7.47
N PRO A 49 13.86 -6.54 6.42
CA PRO A 49 15.29 -6.67 6.22
C PRO A 49 15.88 -5.32 5.83
N GLU A 50 17.15 -5.10 6.15
CA GLU A 50 17.90 -3.88 5.85
C GLU A 50 17.78 -3.53 4.36
N TYR A 51 17.80 -4.54 3.47
CA TYR A 51 17.67 -4.37 2.02
C TYR A 51 16.34 -3.68 1.69
N TYR A 52 15.24 -4.17 2.27
CA TYR A 52 13.93 -3.59 2.04
C TYR A 52 13.85 -2.18 2.61
N LYS A 53 14.58 -1.86 3.70
CA LYS A 53 14.54 -0.51 4.25
C LYS A 53 14.96 0.46 3.17
N GLU A 54 16.13 0.23 2.58
CA GLU A 54 16.69 1.07 1.53
C GLU A 54 15.82 1.07 0.28
N ARG A 55 15.22 -0.08 -0.07
CA ARG A 55 14.39 -0.14 -1.27
C ARG A 55 13.18 0.74 -1.12
N LEU A 56 12.48 0.66 0.02
CA LEU A 56 11.29 1.44 0.30
C LEU A 56 11.62 2.92 0.55
N LEU A 57 12.69 3.20 1.30
CA LEU A 57 13.10 4.58 1.61
C LEU A 57 13.57 5.31 0.36
N ALA A 58 14.36 4.66 -0.50
CA ALA A 58 14.85 5.29 -1.72
C ALA A 58 13.86 5.17 -2.88
N ALA A 59 12.70 4.59 -2.65
CA ALA A 59 11.67 4.44 -3.66
C ALA A 59 11.10 5.81 -4.04
N SER A 60 10.18 5.86 -5.01
CA SER A 60 9.58 7.11 -5.44
C SER A 60 8.06 6.96 -5.50
N HIS A 61 7.38 7.21 -4.38
CA HIS A 61 5.93 7.13 -4.31
C HIS A 61 5.34 8.33 -3.57
N HIS A 62 4.37 8.97 -4.20
CA HIS A 62 3.62 10.12 -3.66
C HIS A 62 2.80 9.72 -2.40
N LEU A 63 2.82 8.44 -2.02
CA LEU A 63 2.14 7.85 -0.86
C LEU A 63 3.11 7.60 0.30
N ILE A 64 4.42 7.75 0.09
CA ILE A 64 5.43 7.53 1.11
C ILE A 64 6.00 8.89 1.54
N SER A 65 6.30 9.01 2.83
CA SER A 65 6.87 10.18 3.48
C SER A 65 8.38 9.97 3.62
N SER A 66 9.18 11.04 3.60
CA SER A 66 10.63 10.95 3.73
C SER A 66 11.09 10.33 5.06
N ASP A 67 10.24 10.29 6.09
CA ASP A 67 10.62 9.70 7.37
C ASP A 67 10.40 8.18 7.35
N GLY A 68 10.30 7.58 6.15
CA GLY A 68 10.09 6.17 5.91
C GLY A 68 8.76 5.67 6.41
N VAL A 69 7.68 6.34 5.99
CA VAL A 69 6.33 5.99 6.41
C VAL A 69 5.45 5.88 5.16
N ILE A 70 4.83 4.72 4.94
CA ILE A 70 3.95 4.46 3.81
C ILE A 70 2.52 4.66 4.32
N VAL A 71 1.67 5.42 3.63
CA VAL A 71 0.27 5.62 4.06
C VAL A 71 -0.69 5.29 2.93
N ILE A 72 -1.78 4.58 3.28
CA ILE A 72 -2.83 4.14 2.36
C ILE A 72 -4.15 4.45 3.06
N LYS A 73 -5.19 4.74 2.27
CA LYS A 73 -6.51 5.06 2.78
C LYS A 73 -7.48 4.28 1.92
N ALA A 74 -7.94 3.13 2.42
CA ALA A 74 -8.85 2.27 1.68
C ALA A 74 -10.29 2.65 1.98
N GLN A 75 -11.11 2.72 0.92
CA GLN A 75 -12.51 3.08 1.01
C GLN A 75 -13.24 2.48 -0.18
N GLU A 76 -14.15 1.57 0.14
CA GLU A 76 -15.01 0.81 -0.77
C GLU A 76 -16.12 0.18 0.07
N TYR A 77 -15.76 -0.51 1.15
CA TYR A 77 -16.68 -1.17 2.06
C TYR A 77 -17.52 -0.12 2.80
N ARG A 78 -18.62 -0.53 3.42
CA ARG A 78 -19.53 0.34 4.15
C ARG A 78 -19.38 0.22 5.67
N SER A 79 -18.38 -0.51 6.16
CA SER A 79 -18.14 -0.70 7.58
C SER A 79 -16.65 -0.61 7.83
N GLN A 80 -16.25 0.29 8.74
CA GLN A 80 -14.92 0.67 9.20
C GLN A 80 -14.07 -0.51 9.76
N GLU A 81 -14.46 -1.75 9.49
CA GLU A 81 -13.82 -2.99 9.92
C GLU A 81 -13.35 -3.83 8.74
N LEU A 82 -13.79 -3.49 7.53
CA LEU A 82 -13.43 -4.17 6.29
C LEU A 82 -12.50 -3.28 5.48
N ASN A 83 -12.61 -1.95 5.66
CA ASN A 83 -11.77 -1.00 4.95
C ASN A 83 -10.31 -1.27 5.35
N ARG A 84 -10.09 -1.81 6.55
CA ARG A 84 -8.75 -2.15 7.04
C ARG A 84 -8.10 -3.23 6.18
N GLU A 85 -8.80 -4.34 5.92
CA GLU A 85 -8.22 -5.42 5.12
C GLU A 85 -8.04 -5.02 3.65
N ALA A 86 -8.82 -4.07 3.14
CA ALA A 86 -8.70 -3.65 1.76
C ALA A 86 -7.40 -2.88 1.50
N ALA A 87 -6.79 -2.30 2.54
CA ALA A 87 -5.54 -1.55 2.41
C ALA A 87 -4.31 -2.45 2.53
N LEU A 88 -4.38 -3.56 3.29
CA LEU A 88 -3.22 -4.44 3.43
C LEU A 88 -2.83 -4.95 2.04
N ALA A 89 -3.81 -5.18 1.17
CA ALA A 89 -3.61 -5.65 -0.18
C ALA A 89 -2.78 -4.61 -0.96
N ARG A 90 -3.17 -3.34 -0.86
CA ARG A 90 -2.50 -2.23 -1.52
C ARG A 90 -1.07 -2.08 -0.99
N LEU A 91 -0.85 -2.26 0.31
CA LEU A 91 0.48 -2.15 0.89
C LEU A 91 1.40 -3.21 0.31
N VAL A 92 0.95 -4.46 0.28
CA VAL A 92 1.74 -5.57 -0.26
C VAL A 92 2.15 -5.26 -1.71
N ALA A 93 1.18 -4.76 -2.49
CA ALA A 93 1.34 -4.45 -3.90
C ALA A 93 2.40 -3.38 -4.12
N MET A 94 2.23 -2.22 -3.50
CA MET A 94 3.20 -1.16 -3.65
C MET A 94 4.56 -1.63 -3.16
N ILE A 95 4.65 -2.42 -2.09
CA ILE A 95 5.93 -2.90 -1.60
C ILE A 95 6.60 -3.72 -2.72
N LYS A 96 5.88 -4.65 -3.36
CA LYS A 96 6.45 -5.46 -4.43
C LYS A 96 6.94 -4.59 -5.57
N GLU A 97 6.25 -3.50 -5.89
CA GLU A 97 6.57 -2.58 -6.97
C GLU A 97 7.82 -1.75 -6.66
N LEU A 98 7.95 -1.30 -5.41
CA LEU A 98 9.04 -0.46 -4.92
C LEU A 98 10.31 -1.26 -4.64
N THR A 99 10.19 -2.56 -4.40
CA THR A 99 11.34 -3.43 -4.15
C THR A 99 11.82 -4.06 -5.47
N THR A 100 11.09 -3.90 -6.58
CA THR A 100 11.43 -4.42 -7.91
C THR A 100 11.69 -3.25 -8.86
N GLU A 101 12.01 -3.60 -10.11
CA GLU A 101 12.30 -2.72 -11.21
C GLU A 101 11.62 -3.31 -12.46
N LYS A 102 11.25 -2.45 -13.41
CA LYS A 102 10.58 -2.80 -14.63
C LYS A 102 11.53 -3.50 -15.60
N LYS A 103 11.41 -4.82 -15.74
CA LYS A 103 12.24 -5.64 -16.63
C LYS A 103 12.08 -5.24 -18.09
N ALA A 104 10.85 -5.18 -18.57
CA ALA A 104 10.51 -4.85 -19.95
C ALA A 104 9.63 -3.61 -20.11
N ARG A 105 9.80 -2.88 -21.20
CA ARG A 105 9.03 -1.69 -21.56
C ARG A 105 8.96 -1.53 -23.07
N ARG A 106 8.00 -0.76 -23.56
CA ARG A 106 7.79 -0.50 -24.99
C ARG A 106 9.04 0.11 -25.64
N PRO A 107 9.19 0.08 -26.99
CA PRO A 107 10.34 0.65 -27.68
C PRO A 107 10.27 2.18 -27.65
N THR A 108 10.84 2.75 -26.60
CA THR A 108 10.95 4.16 -26.32
C THR A 108 11.85 4.80 -27.37
N ARG A 109 11.28 5.61 -28.27
CA ARG A 109 12.06 6.29 -29.31
C ARG A 109 12.81 7.50 -28.75
N SER A 110 12.57 7.86 -27.49
CA SER A 110 13.14 8.99 -26.80
C SER A 110 13.30 8.62 -25.32
N GLY A 111 14.07 9.42 -24.58
CA GLY A 111 14.36 9.24 -23.16
C GLY A 111 15.59 8.35 -23.06
N PRO A 112 16.80 8.87 -23.33
CA PRO A 112 18.03 8.09 -23.28
C PRO A 112 18.48 7.73 -21.86
N SER A 113 19.28 6.67 -21.78
CA SER A 113 19.86 6.14 -20.55
C SER A 113 21.08 6.99 -20.18
N SER A 114 21.75 6.66 -19.08
CA SER A 114 22.94 7.35 -18.61
C SER A 114 23.97 6.27 -18.31
N GLY A 115 24.42 5.59 -19.37
CA GLY A 115 25.39 4.51 -19.30
C GLY A 115 26.79 5.11 -19.36
N GLU A 116 27.02 5.96 -20.35
CA GLU A 116 28.26 6.67 -20.59
C GLU A 116 27.85 8.14 -20.64
N ASN A 117 28.23 8.91 -19.62
CA ASN A 117 27.90 10.32 -19.54
C ASN A 117 28.98 11.02 -18.72
N LEU A 118 29.83 11.81 -19.36
CA LEU A 118 30.90 12.55 -18.69
C LEU A 118 30.28 13.83 -18.13
N TYR A 119 30.41 14.05 -16.81
CA TYR A 119 29.86 15.23 -16.18
C TYR A 119 30.79 16.43 -16.35
N PHE A 120 30.23 17.64 -16.32
CA PHE A 120 30.97 18.87 -16.46
C PHE A 120 31.45 19.31 -15.08
N GLN A 121 32.74 19.10 -14.83
CA GLN A 121 33.42 19.45 -13.58
C GLN A 121 33.39 20.97 -13.49
N MET A 1 -0.45 -11.81 7.92
CA MET A 1 0.98 -12.11 7.72
C MET A 1 1.67 -11.23 6.68
N ILE A 2 0.98 -10.53 5.76
CA ILE A 2 1.58 -9.64 4.74
C ILE A 2 2.89 -10.26 4.18
N VAL A 3 2.84 -11.54 3.82
CA VAL A 3 4.00 -12.26 3.31
C VAL A 3 4.39 -11.71 1.94
N ILE A 4 5.42 -10.86 1.93
CA ILE A 4 5.91 -10.25 0.71
C ILE A 4 6.78 -11.27 -0.02
N SER A 5 7.74 -11.87 0.68
CA SER A 5 8.67 -12.85 0.12
C SER A 5 8.88 -14.01 1.09
N ARG A 6 9.71 -14.99 0.69
CA ARG A 6 10.03 -16.16 1.50
C ARG A 6 10.76 -15.75 2.79
N HIS A 7 11.26 -14.51 2.89
CA HIS A 7 11.99 -14.00 4.03
C HIS A 7 11.38 -12.72 4.59
N VAL A 8 10.16 -12.34 4.16
CA VAL A 8 9.50 -11.12 4.61
C VAL A 8 7.99 -11.38 4.80
N ALA A 9 7.46 -11.07 5.99
CA ALA A 9 6.07 -11.23 6.39
C ALA A 9 5.81 -10.41 7.65
N ILE A 10 4.97 -9.38 7.59
CA ILE A 10 4.64 -8.55 8.76
C ILE A 10 3.51 -9.29 9.50
N PRO A 11 3.57 -9.49 10.82
CA PRO A 11 2.53 -10.20 11.57
C PRO A 11 1.26 -9.35 11.76
N ASP A 12 1.13 -8.23 11.05
CA ASP A 12 0.02 -7.29 11.10
C ASP A 12 0.02 -6.57 12.46
N GLY A 13 1.10 -6.62 13.25
CA GLY A 13 1.16 -5.98 14.56
C GLY A 13 1.93 -4.65 14.55
N GLU A 14 2.79 -4.45 13.56
CA GLU A 14 3.59 -3.22 13.43
C GLU A 14 2.88 -2.12 12.65
N LEU A 15 1.61 -2.29 12.25
CA LEU A 15 0.91 -1.27 11.49
C LEU A 15 0.04 -0.44 12.44
N GLU A 16 -0.28 0.79 12.08
CA GLU A 16 -1.11 1.70 12.89
C GLU A 16 -2.36 2.05 12.09
N ILE A 17 -3.48 1.38 12.35
CA ILE A 17 -4.76 1.57 11.68
C ILE A 17 -5.54 2.69 12.39
N THR A 18 -6.31 3.47 11.63
CA THR A 18 -7.12 4.56 12.19
C THR A 18 -8.42 4.74 11.42
N ALA A 19 -9.52 4.95 12.15
CA ALA A 19 -10.83 5.17 11.59
C ALA A 19 -10.98 6.64 11.21
N ILE A 20 -10.93 6.89 9.92
CA ILE A 20 -11.04 8.22 9.32
C ILE A 20 -12.45 8.50 8.84
N ARG A 21 -12.76 9.79 8.69
CA ARG A 21 -14.06 10.30 8.25
C ARG A 21 -13.88 11.49 7.32
N ALA A 22 -14.95 11.81 6.61
CA ALA A 22 -15.09 12.91 5.67
C ALA A 22 -16.21 13.79 6.23
N GLN A 23 -16.28 15.06 5.83
CA GLN A 23 -17.30 15.99 6.30
C GLN A 23 -17.82 16.84 5.14
N GLY A 24 -19.03 17.35 5.27
CA GLY A 24 -19.71 18.18 4.29
C GLY A 24 -21.16 17.72 4.14
N ALA A 25 -21.97 18.53 3.45
CA ALA A 25 -23.38 18.25 3.19
C ALA A 25 -23.50 17.28 2.01
N GLY A 26 -24.65 16.63 1.87
CA GLY A 26 -24.93 15.67 0.81
C GLY A 26 -26.17 16.10 0.04
N GLY A 27 -26.01 16.69 -1.14
CA GLY A 27 -27.11 17.14 -1.97
C GLY A 27 -27.64 16.00 -2.81
N GLN A 28 -27.33 16.01 -4.10
CA GLN A 28 -27.73 15.01 -5.07
C GLN A 28 -26.47 14.49 -5.76
N HIS A 29 -26.51 13.27 -6.29
CA HIS A 29 -25.40 12.58 -6.95
C HIS A 29 -24.22 12.26 -6.04
N VAL A 30 -24.28 12.61 -4.75
CA VAL A 30 -23.25 12.34 -3.77
C VAL A 30 -23.24 10.83 -3.46
N ASN A 31 -22.27 10.35 -2.68
CA ASN A 31 -22.18 8.93 -2.32
C ASN A 31 -21.46 8.72 -1.00
N LYS A 32 -21.70 7.57 -0.35
CA LYS A 32 -21.08 7.22 0.92
C LYS A 32 -19.57 7.03 0.73
N THR A 33 -18.76 7.56 1.64
CA THR A 33 -17.30 7.45 1.63
C THR A 33 -16.68 7.76 3.00
N SER A 34 -17.43 8.35 3.95
CA SER A 34 -16.92 8.70 5.27
C SER A 34 -16.47 7.51 6.10
N THR A 35 -16.93 6.28 5.86
CA THR A 35 -16.46 5.16 6.67
C THR A 35 -15.24 4.63 5.92
N ALA A 36 -14.06 5.18 6.20
CA ALA A 36 -12.82 4.77 5.55
C ALA A 36 -11.77 4.38 6.60
N ILE A 37 -10.60 3.93 6.16
CA ILE A 37 -9.51 3.53 7.06
C ILE A 37 -8.20 4.11 6.54
N HIS A 38 -7.37 4.51 7.50
CA HIS A 38 -6.05 5.06 7.30
C HIS A 38 -5.07 4.03 7.82
N LEU A 39 -4.32 3.43 6.92
CA LEU A 39 -3.31 2.42 7.20
C LEU A 39 -1.99 3.17 7.22
N ARG A 40 -1.12 2.90 8.19
CA ARG A 40 0.18 3.55 8.32
C ARG A 40 1.18 2.48 8.73
N PHE A 41 2.19 2.28 7.90
CA PHE A 41 3.25 1.32 8.13
C PHE A 41 4.60 2.04 8.09
N ASP A 42 5.36 2.03 9.20
CA ASP A 42 6.67 2.66 9.29
C ASP A 42 7.77 1.64 9.01
N ILE A 43 8.51 1.85 7.93
CA ILE A 43 9.60 1.03 7.46
C ILE A 43 10.74 1.03 8.48
N ARG A 44 11.14 2.19 9.00
CA ARG A 44 12.22 2.29 9.97
C ARG A 44 11.88 1.55 11.25
N ALA A 45 10.61 1.49 11.62
CA ALA A 45 10.13 0.83 12.82
C ALA A 45 9.72 -0.63 12.54
N SER A 46 10.03 -1.16 11.36
CA SER A 46 9.67 -2.51 10.99
C SER A 46 10.87 -3.46 11.05
N SER A 47 10.61 -4.76 11.13
CA SER A 47 11.63 -5.79 11.14
C SER A 47 11.93 -6.21 9.69
N LEU A 48 11.47 -5.44 8.68
CA LEU A 48 11.75 -5.76 7.28
C LEU A 48 13.26 -5.71 7.10
N PRO A 49 13.79 -6.44 6.11
CA PRO A 49 15.23 -6.46 5.87
C PRO A 49 15.78 -5.09 5.49
N GLU A 50 17.09 -5.00 5.60
CA GLU A 50 17.96 -3.86 5.30
C GLU A 50 17.76 -3.44 3.83
N TYR A 51 17.61 -4.40 2.92
CA TYR A 51 17.38 -4.17 1.50
C TYR A 51 16.06 -3.39 1.37
N TYR A 52 15.02 -3.85 2.08
CA TYR A 52 13.72 -3.20 2.05
C TYR A 52 13.80 -1.80 2.69
N LYS A 53 14.76 -1.52 3.58
CA LYS A 53 14.87 -0.19 4.18
C LYS A 53 15.18 0.75 3.03
N GLU A 54 16.33 0.56 2.40
CA GLU A 54 16.78 1.39 1.29
C GLU A 54 15.77 1.42 0.15
N ARG A 55 15.14 0.30 -0.16
CA ARG A 55 14.19 0.22 -1.27
C ARG A 55 12.95 1.06 -1.02
N LEU A 56 12.32 0.90 0.13
CA LEU A 56 11.11 1.65 0.44
C LEU A 56 11.43 3.09 0.84
N LEU A 57 12.66 3.42 1.25
CA LEU A 57 13.04 4.77 1.61
C LEU A 57 13.46 5.53 0.35
N ALA A 58 14.16 4.88 -0.59
CA ALA A 58 14.60 5.50 -1.84
C ALA A 58 13.55 5.33 -2.93
N ALA A 59 12.39 4.75 -2.61
CA ALA A 59 11.27 4.54 -3.51
C ALA A 59 10.72 5.89 -4.01
N SER A 60 9.81 5.86 -4.97
CA SER A 60 9.19 7.06 -5.51
C SER A 60 7.70 6.78 -5.64
N HIS A 61 6.98 7.02 -4.55
CA HIS A 61 5.56 6.87 -4.44
C HIS A 61 5.03 8.10 -3.73
N HIS A 62 4.11 8.84 -4.34
CA HIS A 62 3.49 10.03 -3.76
C HIS A 62 2.75 9.76 -2.44
N LEU A 63 2.65 8.49 -2.02
CA LEU A 63 2.00 8.04 -0.79
C LEU A 63 2.99 7.79 0.35
N ILE A 64 4.30 7.64 0.07
CA ILE A 64 5.31 7.38 1.10
C ILE A 64 6.00 8.66 1.55
N SER A 65 6.19 8.78 2.85
CA SER A 65 6.87 9.88 3.51
C SER A 65 8.36 9.54 3.50
N SER A 66 9.23 10.49 3.18
CA SER A 66 10.68 10.28 3.16
C SER A 66 11.19 9.86 4.55
N ASP A 67 10.39 10.08 5.60
CA ASP A 67 10.68 9.72 6.97
C ASP A 67 10.62 8.21 7.19
N GLY A 68 10.15 7.47 6.17
CA GLY A 68 10.02 6.03 6.15
C GLY A 68 8.64 5.57 6.55
N VAL A 69 7.57 6.28 6.19
CA VAL A 69 6.21 5.90 6.56
C VAL A 69 5.32 5.80 5.31
N ILE A 70 4.78 4.61 5.07
CA ILE A 70 3.88 4.31 3.96
C ILE A 70 2.46 4.49 4.49
N VAL A 71 1.63 5.33 3.88
CA VAL A 71 0.25 5.51 4.33
C VAL A 71 -0.67 5.21 3.14
N ILE A 72 -1.80 4.57 3.41
CA ILE A 72 -2.80 4.17 2.42
C ILE A 72 -4.16 4.49 3.02
N LYS A 73 -5.12 4.91 2.20
CA LYS A 73 -6.45 5.25 2.65
C LYS A 73 -7.44 4.41 1.87
N ALA A 74 -7.90 3.31 2.46
CA ALA A 74 -8.84 2.41 1.84
C ALA A 74 -10.26 2.85 2.17
N GLN A 75 -11.09 2.95 1.13
CA GLN A 75 -12.49 3.34 1.21
C GLN A 75 -13.18 2.59 0.07
N GLU A 76 -14.07 1.69 0.43
CA GLU A 76 -14.86 0.86 -0.45
C GLU A 76 -16.13 0.51 0.30
N TYR A 77 -15.98 -0.28 1.35
CA TYR A 77 -17.06 -0.76 2.19
C TYR A 77 -17.62 0.33 3.08
N ARG A 78 -18.90 0.21 3.41
CA ARG A 78 -19.55 1.16 4.32
C ARG A 78 -19.17 0.84 5.77
N SER A 79 -18.48 -0.27 6.05
CA SER A 79 -18.06 -0.70 7.37
C SER A 79 -16.57 -0.42 7.54
N GLN A 80 -16.20 0.22 8.64
CA GLN A 80 -14.82 0.60 8.93
C GLN A 80 -13.91 -0.64 9.06
N GLU A 81 -14.44 -1.70 9.66
CA GLU A 81 -13.82 -3.00 9.92
C GLU A 81 -13.46 -3.78 8.64
N LEU A 82 -13.99 -3.39 7.49
CA LEU A 82 -13.71 -4.05 6.21
C LEU A 82 -12.73 -3.23 5.37
N ASN A 83 -12.64 -1.93 5.61
CA ASN A 83 -11.69 -1.10 4.85
C ASN A 83 -10.26 -1.33 5.34
N ARG A 84 -10.07 -1.79 6.58
CA ARG A 84 -8.74 -2.03 7.13
C ARG A 84 -8.00 -3.05 6.28
N GLU A 85 -8.64 -4.16 5.95
CA GLU A 85 -8.01 -5.20 5.15
C GLU A 85 -7.80 -4.72 3.71
N ALA A 86 -8.69 -3.89 3.17
CA ALA A 86 -8.55 -3.40 1.80
C ALA A 86 -7.25 -2.59 1.60
N ALA A 87 -6.70 -2.04 2.68
CA ALA A 87 -5.46 -1.28 2.62
C ALA A 87 -4.25 -2.20 2.61
N LEU A 88 -4.30 -3.38 3.25
CA LEU A 88 -3.17 -4.31 3.29
C LEU A 88 -2.87 -4.83 1.88
N ALA A 89 -3.90 -5.05 1.06
CA ALA A 89 -3.74 -5.52 -0.31
C ALA A 89 -2.86 -4.54 -1.09
N ARG A 90 -3.15 -3.24 -0.97
CA ARG A 90 -2.42 -2.17 -1.63
C ARG A 90 -1.00 -2.09 -1.08
N LEU A 91 -0.84 -2.24 0.24
CA LEU A 91 0.46 -2.19 0.90
C LEU A 91 1.39 -3.23 0.31
N VAL A 92 0.93 -4.48 0.24
CA VAL A 92 1.72 -5.58 -0.31
C VAL A 92 2.15 -5.29 -1.75
N ALA A 93 1.25 -4.71 -2.54
CA ALA A 93 1.46 -4.39 -3.94
C ALA A 93 2.58 -3.38 -4.13
N MET A 94 2.41 -2.16 -3.60
CA MET A 94 3.43 -1.13 -3.72
C MET A 94 4.75 -1.63 -3.16
N ILE A 95 4.77 -2.35 -2.02
CA ILE A 95 6.02 -2.87 -1.47
C ILE A 95 6.70 -3.75 -2.53
N LYS A 96 5.97 -4.66 -3.17
CA LYS A 96 6.55 -5.55 -4.17
C LYS A 96 7.09 -4.79 -5.38
N GLU A 97 6.39 -3.75 -5.81
CA GLU A 97 6.76 -2.94 -6.97
C GLU A 97 8.01 -2.11 -6.71
N LEU A 98 8.14 -1.59 -5.50
CA LEU A 98 9.26 -0.75 -5.08
C LEU A 98 10.51 -1.58 -4.78
N THR A 99 10.34 -2.76 -4.19
CA THR A 99 11.48 -3.63 -3.86
C THR A 99 12.04 -4.34 -5.10
N THR A 100 11.24 -4.53 -6.13
CA THR A 100 11.68 -5.19 -7.36
C THR A 100 12.23 -4.12 -8.32
N GLU A 101 12.44 -4.48 -9.58
CA GLU A 101 12.93 -3.56 -10.59
C GLU A 101 12.23 -3.90 -11.90
N LYS A 102 12.13 -2.91 -12.81
CA LYS A 102 11.50 -3.02 -14.12
C LYS A 102 12.17 -4.11 -14.92
N LYS A 103 11.61 -5.31 -14.93
CA LYS A 103 12.14 -6.46 -15.67
C LYS A 103 10.98 -7.41 -15.90
N ALA A 104 11.13 -8.35 -16.83
CA ALA A 104 10.11 -9.33 -17.21
C ALA A 104 8.81 -8.65 -17.67
N ARG A 105 8.88 -7.39 -18.13
CA ARG A 105 7.72 -6.65 -18.61
C ARG A 105 7.40 -7.19 -20.00
N ARG A 106 6.20 -6.92 -20.52
CA ARG A 106 5.71 -7.35 -21.84
C ARG A 106 5.67 -8.88 -21.98
N PRO A 107 4.92 -9.44 -22.94
CA PRO A 107 4.87 -10.88 -23.14
C PRO A 107 6.20 -11.32 -23.78
N THR A 108 6.31 -12.61 -24.10
CA THR A 108 7.49 -13.18 -24.74
C THR A 108 7.02 -13.86 -26.03
N ARG A 109 7.90 -13.93 -27.02
CA ARG A 109 7.60 -14.55 -28.29
C ARG A 109 7.51 -16.06 -28.11
N SER A 110 8.67 -16.71 -27.99
CA SER A 110 8.81 -18.14 -27.83
C SER A 110 9.96 -18.41 -26.83
N GLY A 111 10.11 -19.66 -26.42
CA GLY A 111 11.14 -20.12 -25.50
C GLY A 111 11.15 -21.65 -25.52
N PRO A 112 12.24 -22.31 -25.08
CA PRO A 112 12.33 -23.77 -25.09
C PRO A 112 11.34 -24.46 -24.13
N SER A 113 10.86 -23.81 -23.08
CA SER A 113 9.92 -24.42 -22.14
C SER A 113 8.49 -24.43 -22.69
N SER A 114 8.27 -25.18 -23.78
CA SER A 114 6.96 -25.32 -24.41
C SER A 114 6.02 -25.91 -23.35
N GLY A 115 6.43 -27.03 -22.74
CA GLY A 115 5.68 -27.73 -21.73
C GLY A 115 4.62 -28.63 -22.35
N GLU A 116 4.09 -29.56 -21.56
CA GLU A 116 3.07 -30.52 -21.92
C GLU A 116 2.47 -31.04 -20.60
N ASN A 117 1.29 -31.67 -20.67
CA ASN A 117 0.61 -32.24 -19.52
C ASN A 117 1.16 -33.64 -19.25
N LEU A 118 1.45 -33.94 -17.99
CA LEU A 118 1.96 -35.25 -17.62
C LEU A 118 0.72 -36.15 -17.64
N TYR A 119 0.51 -36.89 -18.73
CA TYR A 119 -0.62 -37.77 -18.87
C TYR A 119 -0.44 -38.93 -17.90
N PHE A 120 -1.52 -39.65 -17.58
CA PHE A 120 -1.48 -40.77 -16.65
C PHE A 120 -2.62 -41.75 -16.95
N GLN A 121 -2.78 -42.73 -16.08
CA GLN A 121 -3.77 -43.79 -16.07
C GLN A 121 -4.22 -43.90 -14.61
N MET A 1 -0.42 -12.00 8.38
CA MET A 1 1.03 -12.28 8.29
C MET A 1 1.74 -11.53 7.14
N ILE A 2 1.03 -10.82 6.24
CA ILE A 2 1.56 -10.03 5.12
C ILE A 2 2.87 -10.61 4.54
N VAL A 3 2.83 -11.89 4.17
CA VAL A 3 3.98 -12.59 3.62
C VAL A 3 4.29 -12.07 2.21
N ILE A 4 5.32 -11.24 2.12
CA ILE A 4 5.84 -10.64 0.90
C ILE A 4 6.78 -11.65 0.23
N SER A 5 7.56 -12.40 1.03
CA SER A 5 8.49 -13.41 0.57
C SER A 5 8.73 -14.43 1.70
N ARG A 6 9.49 -15.48 1.41
CA ARG A 6 9.82 -16.53 2.39
C ARG A 6 10.46 -15.92 3.66
N HIS A 7 11.17 -14.80 3.53
CA HIS A 7 11.88 -14.13 4.62
C HIS A 7 11.24 -12.79 5.03
N VAL A 8 10.11 -12.40 4.44
CA VAL A 8 9.42 -11.15 4.73
C VAL A 8 7.94 -11.45 4.94
N ALA A 9 7.46 -11.36 6.18
CA ALA A 9 6.08 -11.62 6.57
C ALA A 9 5.79 -10.94 7.91
N ILE A 10 5.16 -9.76 7.84
CA ILE A 10 4.80 -8.92 8.97
C ILE A 10 3.80 -9.66 9.84
N PRO A 11 3.97 -9.75 11.16
CA PRO A 11 3.01 -10.45 12.00
C PRO A 11 1.65 -9.75 12.07
N ASP A 12 1.55 -8.53 11.52
CA ASP A 12 0.39 -7.64 11.41
C ASP A 12 0.32 -6.62 12.55
N GLY A 13 1.40 -6.47 13.33
CA GLY A 13 1.49 -5.54 14.45
C GLY A 13 2.42 -4.36 14.17
N GLU A 14 3.24 -4.44 13.13
CA GLU A 14 4.18 -3.38 12.73
C GLU A 14 3.49 -2.23 11.98
N LEU A 15 2.15 -2.18 11.95
CA LEU A 15 1.32 -1.21 11.29
C LEU A 15 0.43 -0.53 12.32
N GLU A 16 -0.06 0.65 11.97
CA GLU A 16 -0.95 1.47 12.77
C GLU A 16 -2.16 1.79 11.89
N ILE A 17 -3.35 1.40 12.34
CA ILE A 17 -4.62 1.61 11.66
C ILE A 17 -5.31 2.78 12.35
N THR A 18 -6.03 3.59 11.59
CA THR A 18 -6.75 4.74 12.11
C THR A 18 -8.06 4.89 11.33
N ALA A 19 -9.09 5.37 12.01
CA ALA A 19 -10.40 5.61 11.45
C ALA A 19 -10.43 7.02 10.92
N ILE A 20 -10.83 7.17 9.66
CA ILE A 20 -10.91 8.46 9.02
C ILE A 20 -12.34 8.71 8.55
N ARG A 21 -12.69 9.99 8.49
CA ARG A 21 -14.00 10.48 8.08
C ARG A 21 -13.80 11.36 6.84
N ALA A 22 -14.89 11.61 6.13
CA ALA A 22 -14.95 12.44 4.93
C ALA A 22 -16.23 13.26 5.10
N GLN A 23 -16.09 14.58 5.07
CA GLN A 23 -17.14 15.57 5.21
C GLN A 23 -16.71 16.78 4.37
N GLY A 24 -17.35 17.93 4.57
CA GLY A 24 -17.03 19.15 3.85
C GLY A 24 -17.48 19.13 2.40
N ALA A 25 -17.41 20.31 1.79
CA ALA A 25 -17.78 20.53 0.42
C ALA A 25 -16.73 19.92 -0.50
N GLY A 26 -17.17 19.38 -1.63
CA GLY A 26 -16.28 18.80 -2.61
C GLY A 26 -15.77 19.94 -3.49
N GLY A 27 -14.48 19.93 -3.81
CA GLY A 27 -13.85 20.93 -4.65
C GLY A 27 -14.29 20.78 -6.11
N GLN A 28 -13.44 21.20 -7.05
CA GLN A 28 -13.73 21.11 -8.48
C GLN A 28 -14.12 19.68 -8.86
N HIS A 29 -13.34 18.69 -8.44
CA HIS A 29 -13.58 17.29 -8.70
C HIS A 29 -12.84 16.49 -7.62
N VAL A 30 -13.55 15.59 -6.95
CA VAL A 30 -13.04 14.73 -5.88
C VAL A 30 -14.17 13.75 -5.50
N ASN A 31 -13.85 12.47 -5.34
CA ASN A 31 -14.81 11.42 -4.98
C ASN A 31 -14.22 10.64 -3.82
N LYS A 32 -15.00 10.39 -2.77
CA LYS A 32 -14.61 9.66 -1.57
C LYS A 32 -15.86 9.33 -0.76
N THR A 33 -15.74 8.58 0.33
CA THR A 33 -16.84 8.24 1.21
C THR A 33 -16.33 8.30 2.66
N SER A 34 -17.23 8.41 3.64
CA SER A 34 -16.89 8.44 5.04
C SER A 34 -16.64 7.02 5.56
N THR A 35 -16.20 6.90 6.82
CA THR A 35 -15.97 5.60 7.45
C THR A 35 -14.84 4.79 6.79
N ALA A 36 -13.83 5.49 6.29
CA ALA A 36 -12.68 4.88 5.63
C ALA A 36 -11.60 4.50 6.63
N ILE A 37 -10.53 3.88 6.17
CA ILE A 37 -9.43 3.49 7.04
C ILE A 37 -8.13 4.01 6.45
N HIS A 38 -7.26 4.42 7.37
CA HIS A 38 -5.94 4.92 7.13
C HIS A 38 -5.02 3.85 7.72
N LEU A 39 -4.09 3.36 6.92
CA LEU A 39 -3.11 2.35 7.30
C LEU A 39 -1.77 3.05 7.21
N ARG A 40 -0.91 2.88 8.22
CA ARG A 40 0.40 3.48 8.26
C ARG A 40 1.38 2.40 8.69
N PHE A 41 2.41 2.16 7.88
CA PHE A 41 3.44 1.16 8.12
C PHE A 41 4.79 1.95 8.07
N ASP A 42 5.34 2.35 9.22
CA ASP A 42 6.61 3.10 9.39
C ASP A 42 7.78 2.16 9.22
N ILE A 43 8.30 2.04 8.00
CA ILE A 43 9.41 1.19 7.58
C ILE A 43 10.52 1.12 8.62
N ARG A 44 11.08 2.26 9.01
CA ARG A 44 12.17 2.31 9.98
C ARG A 44 11.79 1.69 11.32
N ALA A 45 10.51 1.71 11.69
CA ALA A 45 10.02 1.14 12.94
C ALA A 45 9.64 -0.33 12.79
N SER A 46 9.76 -0.96 11.61
CA SER A 46 9.38 -2.36 11.45
C SER A 46 10.57 -3.30 11.45
N SER A 47 10.30 -4.60 11.56
CA SER A 47 11.34 -5.61 11.58
C SER A 47 11.83 -6.00 10.18
N LEU A 48 11.41 -5.30 9.11
CA LEU A 48 11.82 -5.58 7.73
C LEU A 48 13.34 -5.69 7.58
N PRO A 49 13.82 -6.40 6.53
CA PRO A 49 15.25 -6.52 6.30
C PRO A 49 15.78 -5.15 5.87
N GLU A 50 17.03 -4.89 6.21
CA GLU A 50 17.78 -3.68 5.91
C GLU A 50 17.64 -3.33 4.44
N TYR A 51 17.73 -4.31 3.54
CA TYR A 51 17.63 -4.15 2.10
C TYR A 51 16.31 -3.45 1.77
N TYR A 52 15.20 -4.00 2.29
CA TYR A 52 13.90 -3.41 2.04
C TYR A 52 13.83 -2.04 2.68
N LYS A 53 14.43 -1.82 3.86
CA LYS A 53 14.38 -0.49 4.47
C LYS A 53 14.96 0.50 3.48
N GLU A 54 16.15 0.22 2.92
CA GLU A 54 16.79 1.12 1.97
C GLU A 54 15.93 1.32 0.73
N ARG A 55 15.34 0.25 0.18
CA ARG A 55 14.50 0.31 -1.02
C ARG A 55 13.32 1.20 -0.76
N LEU A 56 12.52 0.88 0.26
CA LEU A 56 11.33 1.62 0.62
C LEU A 56 11.63 3.07 1.02
N LEU A 57 12.82 3.35 1.58
CA LEU A 57 13.21 4.70 1.97
C LEU A 57 13.64 5.52 0.77
N ALA A 58 14.30 4.88 -0.20
CA ALA A 58 14.79 5.51 -1.42
C ALA A 58 13.71 5.59 -2.51
N ALA A 59 12.62 4.83 -2.37
CA ALA A 59 11.54 4.77 -3.32
C ALA A 59 10.64 6.00 -3.34
N SER A 60 10.63 6.69 -4.48
CA SER A 60 9.82 7.86 -4.69
C SER A 60 8.40 7.44 -5.03
N HIS A 61 7.55 7.40 -4.01
CA HIS A 61 6.15 7.05 -4.18
C HIS A 61 5.38 8.16 -3.49
N HIS A 62 4.34 8.69 -4.12
CA HIS A 62 3.49 9.75 -3.57
C HIS A 62 2.71 9.29 -2.31
N LEU A 63 2.85 8.02 -1.93
CA LEU A 63 2.24 7.35 -0.79
C LEU A 63 3.28 7.07 0.31
N ILE A 64 4.57 7.30 0.08
CA ILE A 64 5.65 7.06 1.03
C ILE A 64 6.42 8.35 1.30
N SER A 65 6.78 8.58 2.55
CA SER A 65 7.55 9.74 2.99
C SER A 65 9.00 9.32 3.22
N SER A 66 9.94 10.25 3.05
CA SER A 66 11.38 10.02 3.23
C SER A 66 11.71 9.70 4.70
N ASP A 67 10.76 9.95 5.61
CA ASP A 67 10.85 9.72 7.04
C ASP A 67 10.89 8.21 7.32
N GLY A 68 10.51 7.40 6.33
CA GLY A 68 10.48 5.96 6.45
C GLY A 68 9.10 5.48 6.77
N VAL A 69 8.06 5.92 6.06
CA VAL A 69 6.70 5.46 6.33
C VAL A 69 5.85 5.43 5.06
N ILE A 70 5.02 4.39 4.94
CA ILE A 70 4.10 4.13 3.85
C ILE A 70 2.70 4.36 4.41
N VAL A 71 1.85 5.11 3.71
CA VAL A 71 0.48 5.37 4.13
C VAL A 71 -0.47 4.98 3.01
N ILE A 72 -1.63 4.44 3.38
CA ILE A 72 -2.66 3.99 2.45
C ILE A 72 -4.00 4.41 3.04
N LYS A 73 -4.93 4.85 2.21
CA LYS A 73 -6.27 5.28 2.61
C LYS A 73 -7.22 4.44 1.80
N ALA A 74 -7.73 3.37 2.40
CA ALA A 74 -8.63 2.42 1.76
C ALA A 74 -10.06 2.89 2.02
N GLN A 75 -10.85 3.03 0.95
CA GLN A 75 -12.23 3.46 1.02
C GLN A 75 -13.03 2.95 -0.18
N GLU A 76 -13.99 2.08 0.13
CA GLU A 76 -14.94 1.44 -0.77
C GLU A 76 -16.16 0.99 0.04
N TYR A 77 -15.93 0.42 1.22
CA TYR A 77 -17.00 -0.08 2.09
C TYR A 77 -17.54 1.02 3.00
N ARG A 78 -18.76 0.82 3.50
CA ARG A 78 -19.40 1.76 4.41
C ARG A 78 -19.10 1.43 5.87
N SER A 79 -18.45 0.30 6.15
CA SER A 79 -18.10 -0.18 7.47
C SER A 79 -16.60 0.00 7.70
N GLN A 80 -16.21 0.59 8.83
CA GLN A 80 -14.82 0.85 9.17
C GLN A 80 -13.99 -0.43 9.39
N GLU A 81 -14.61 -1.61 9.46
CA GLU A 81 -13.98 -2.91 9.69
C GLU A 81 -13.59 -3.62 8.39
N LEU A 82 -14.12 -3.19 7.25
CA LEU A 82 -13.82 -3.83 5.97
C LEU A 82 -12.74 -3.06 5.22
N ASN A 83 -12.76 -1.73 5.35
CA ASN A 83 -11.79 -0.87 4.67
C ASN A 83 -10.38 -1.14 5.22
N ARG A 84 -10.27 -1.65 6.46
CA ARG A 84 -8.97 -1.94 7.07
C ARG A 84 -8.29 -3.08 6.31
N GLU A 85 -9.01 -4.18 6.06
CA GLU A 85 -8.38 -5.29 5.36
C GLU A 85 -8.09 -5.00 3.90
N ALA A 86 -8.75 -3.99 3.32
CA ALA A 86 -8.52 -3.62 1.94
C ALA A 86 -7.20 -2.85 1.79
N ALA A 87 -6.72 -2.21 2.85
CA ALA A 87 -5.48 -1.43 2.84
C ALA A 87 -4.25 -2.33 2.83
N LEU A 88 -4.26 -3.42 3.62
CA LEU A 88 -3.12 -4.35 3.69
C LEU A 88 -2.80 -4.94 2.32
N ALA A 89 -3.81 -5.17 1.48
CA ALA A 89 -3.59 -5.72 0.14
C ALA A 89 -2.77 -4.75 -0.71
N ARG A 90 -3.12 -3.46 -0.64
CA ARG A 90 -2.45 -2.39 -1.37
C ARG A 90 -1.02 -2.26 -0.89
N LEU A 91 -0.78 -2.43 0.42
CA LEU A 91 0.56 -2.36 1.00
C LEU A 91 1.43 -3.42 0.34
N VAL A 92 0.95 -4.67 0.32
CA VAL A 92 1.67 -5.78 -0.29
C VAL A 92 1.97 -5.49 -1.78
N ALA A 93 1.01 -4.89 -2.48
CA ALA A 93 1.10 -4.57 -3.90
C ALA A 93 2.20 -3.58 -4.22
N MET A 94 2.18 -2.41 -3.59
CA MET A 94 3.21 -1.38 -3.81
C MET A 94 4.58 -1.91 -3.38
N ILE A 95 4.66 -2.71 -2.31
CA ILE A 95 5.95 -3.25 -1.89
C ILE A 95 6.54 -4.06 -3.06
N LYS A 96 5.72 -4.87 -3.73
CA LYS A 96 6.14 -5.71 -4.85
C LYS A 96 6.45 -4.90 -6.13
N GLU A 97 6.55 -3.58 -6.04
CA GLU A 97 6.84 -2.66 -7.13
C GLU A 97 8.07 -1.79 -6.80
N LEU A 98 8.25 -1.46 -5.52
CA LEU A 98 9.35 -0.64 -5.00
C LEU A 98 10.59 -1.46 -4.65
N THR A 99 10.46 -2.72 -4.20
CA THR A 99 11.61 -3.56 -3.83
C THR A 99 11.98 -4.56 -4.93
N THR A 100 11.11 -4.77 -5.91
CA THR A 100 11.24 -5.68 -7.04
C THR A 100 10.33 -5.19 -8.16
N GLU A 101 10.50 -5.72 -9.37
CA GLU A 101 9.70 -5.38 -10.54
C GLU A 101 9.05 -6.68 -11.00
N LYS A 102 8.02 -7.09 -10.28
CA LYS A 102 7.28 -8.32 -10.57
C LYS A 102 6.35 -8.09 -11.77
N LYS A 103 5.92 -9.17 -12.43
CA LYS A 103 5.01 -9.15 -13.57
C LYS A 103 3.89 -10.13 -13.19
N ALA A 104 2.71 -9.93 -13.77
CA ALA A 104 1.52 -10.73 -13.50
C ALA A 104 1.76 -12.23 -13.61
N ARG A 105 1.11 -12.98 -12.72
CA ARG A 105 1.17 -14.44 -12.63
C ARG A 105 -0.24 -15.01 -12.73
N ARG A 106 -1.23 -14.37 -12.10
CA ARG A 106 -2.63 -14.82 -12.17
C ARG A 106 -3.18 -14.59 -13.59
N PRO A 107 -4.26 -15.29 -13.99
CA PRO A 107 -4.87 -15.13 -15.31
C PRO A 107 -5.78 -13.90 -15.33
N THR A 108 -6.42 -13.64 -16.47
CA THR A 108 -7.34 -12.51 -16.66
C THR A 108 -8.81 -12.97 -16.68
N ARG A 109 -9.08 -14.27 -16.56
CA ARG A 109 -10.42 -14.84 -16.58
C ARG A 109 -11.15 -14.50 -15.27
N SER A 110 -11.83 -13.36 -15.17
CA SER A 110 -12.56 -12.98 -13.95
C SER A 110 -13.95 -13.63 -13.88
N GLY A 111 -14.48 -14.11 -15.01
CA GLY A 111 -15.78 -14.76 -15.10
C GLY A 111 -15.71 -15.81 -16.20
N PRO A 112 -14.97 -16.91 -15.99
CA PRO A 112 -14.85 -17.97 -17.00
C PRO A 112 -16.16 -18.72 -17.18
N SER A 113 -16.25 -19.53 -18.23
CA SER A 113 -17.42 -20.33 -18.56
C SER A 113 -16.97 -21.75 -18.88
N SER A 114 -17.94 -22.62 -19.19
CA SER A 114 -17.74 -24.01 -19.54
C SER A 114 -19.00 -24.46 -20.29
N GLY A 115 -18.89 -25.46 -21.16
CA GLY A 115 -20.03 -25.97 -21.92
C GLY A 115 -20.34 -25.14 -23.16
N GLU A 116 -19.48 -24.18 -23.51
CA GLU A 116 -19.66 -23.32 -24.68
C GLU A 116 -19.42 -24.12 -25.98
N ASN A 117 -18.89 -25.34 -25.89
CA ASN A 117 -18.63 -26.24 -27.00
C ASN A 117 -18.63 -27.67 -26.42
N LEU A 118 -19.18 -28.64 -27.16
CA LEU A 118 -19.27 -30.06 -26.78
C LEU A 118 -18.97 -30.96 -27.99
N TYR A 119 -18.17 -30.48 -28.95
CA TYR A 119 -17.82 -31.25 -30.14
C TYR A 119 -16.78 -32.34 -29.77
N PHE A 120 -16.31 -33.10 -30.75
CA PHE A 120 -15.35 -34.16 -30.61
C PHE A 120 -14.17 -33.80 -31.51
N GLN A 121 -13.00 -33.62 -30.93
CA GLN A 121 -11.77 -33.29 -31.60
C GLN A 121 -10.65 -33.99 -30.82
N MET A 1 -0.13 -11.68 8.76
CA MET A 1 1.25 -12.11 8.48
C MET A 1 1.88 -11.38 7.29
N ILE A 2 1.12 -10.80 6.36
CA ILE A 2 1.58 -10.03 5.19
C ILE A 2 2.89 -10.58 4.63
N VAL A 3 2.86 -11.87 4.28
CA VAL A 3 4.00 -12.60 3.74
C VAL A 3 4.32 -12.13 2.33
N ILE A 4 5.26 -11.19 2.22
CA ILE A 4 5.71 -10.64 0.95
C ILE A 4 6.58 -11.72 0.29
N SER A 5 7.57 -12.25 1.04
CA SER A 5 8.49 -13.26 0.58
C SER A 5 9.10 -13.98 1.79
N ARG A 6 10.05 -14.89 1.56
CA ARG A 6 10.71 -15.61 2.65
C ARG A 6 11.39 -14.54 3.51
N HIS A 7 11.31 -14.68 4.83
CA HIS A 7 11.88 -13.77 5.81
C HIS A 7 11.21 -12.37 5.80
N VAL A 8 10.12 -12.18 5.04
CA VAL A 8 9.39 -10.92 4.97
C VAL A 8 7.91 -11.23 5.13
N ALA A 9 7.44 -11.20 6.36
CA ALA A 9 6.08 -11.45 6.76
C ALA A 9 5.85 -10.71 8.08
N ILE A 10 5.17 -9.57 7.98
CA ILE A 10 4.84 -8.65 9.07
C ILE A 10 3.70 -9.24 9.91
N PRO A 11 3.79 -9.25 11.26
CA PRO A 11 2.75 -9.82 12.11
C PRO A 11 1.47 -8.96 12.20
N ASP A 12 1.20 -8.09 11.22
CA ASP A 12 0.03 -7.21 11.08
C ASP A 12 -0.19 -6.18 12.20
N GLY A 13 0.68 -6.17 13.21
CA GLY A 13 0.62 -5.26 14.34
C GLY A 13 1.75 -4.24 14.34
N GLU A 14 2.75 -4.36 13.46
CA GLU A 14 3.85 -3.38 13.40
C GLU A 14 3.35 -2.10 12.69
N LEU A 15 2.17 -2.19 12.08
CA LEU A 15 1.48 -1.15 11.34
C LEU A 15 0.57 -0.43 12.33
N GLU A 16 0.18 0.78 11.99
CA GLU A 16 -0.68 1.64 12.78
C GLU A 16 -1.93 1.85 11.94
N ILE A 17 -3.07 1.38 12.44
CA ILE A 17 -4.35 1.50 11.75
C ILE A 17 -5.23 2.45 12.54
N THR A 18 -5.91 3.35 11.83
CA THR A 18 -6.76 4.37 12.40
C THR A 18 -8.07 4.57 11.63
N ALA A 19 -9.14 4.87 12.36
CA ALA A 19 -10.46 5.12 11.81
C ALA A 19 -10.50 6.55 11.31
N ILE A 20 -11.04 6.75 10.10
CA ILE A 20 -11.14 8.07 9.48
C ILE A 20 -12.52 8.35 8.91
N ARG A 21 -12.78 9.64 8.77
CA ARG A 21 -14.00 10.22 8.26
C ARG A 21 -13.65 11.03 7.01
N ALA A 22 -14.68 11.35 6.23
CA ALA A 22 -14.62 12.13 5.00
C ALA A 22 -15.73 13.16 5.08
N GLN A 23 -15.65 14.16 4.20
CA GLN A 23 -16.62 15.23 4.08
C GLN A 23 -16.95 15.88 5.42
N GLY A 24 -15.92 16.14 6.23
CA GLY A 24 -16.12 16.80 7.52
C GLY A 24 -16.44 18.29 7.29
N ALA A 25 -16.19 18.79 6.07
CA ALA A 25 -16.42 20.13 5.62
C ALA A 25 -17.86 20.38 5.23
N GLY A 26 -18.33 21.58 5.57
CA GLY A 26 -19.67 22.04 5.27
C GLY A 26 -19.76 22.53 3.83
N GLY A 27 -20.98 22.50 3.29
CA GLY A 27 -21.35 22.92 1.95
C GLY A 27 -22.88 22.95 1.91
N GLN A 28 -23.46 23.49 0.83
CA GLN A 28 -24.90 23.60 0.65
C GLN A 28 -25.50 22.18 0.64
N HIS A 29 -24.92 21.29 -0.15
CA HIS A 29 -25.32 19.90 -0.29
C HIS A 29 -24.02 19.10 -0.23
N VAL A 30 -23.91 18.17 0.70
CA VAL A 30 -22.74 17.32 0.90
C VAL A 30 -23.16 15.85 0.80
N ASN A 31 -22.29 14.93 1.22
CA ASN A 31 -22.51 13.49 1.22
C ASN A 31 -22.16 12.99 2.62
N LYS A 32 -22.67 11.82 3.02
CA LYS A 32 -22.43 11.25 4.35
C LYS A 32 -22.03 9.79 4.29
N THR A 33 -20.74 9.55 4.10
CA THR A 33 -20.06 8.26 4.03
C THR A 33 -18.70 8.56 4.65
N SER A 34 -18.53 8.27 5.94
CA SER A 34 -17.32 8.52 6.69
C SER A 34 -17.00 7.34 7.60
N THR A 35 -16.61 6.21 7.01
CA THR A 35 -16.31 5.00 7.75
C THR A 35 -15.10 4.29 7.12
N ALA A 36 -14.07 5.07 6.78
CA ALA A 36 -12.86 4.60 6.13
C ALA A 36 -11.76 4.24 7.12
N ILE A 37 -10.63 3.76 6.59
CA ILE A 37 -9.49 3.38 7.40
C ILE A 37 -8.23 3.99 6.80
N HIS A 38 -7.33 4.35 7.70
CA HIS A 38 -6.03 4.92 7.50
C HIS A 38 -5.08 3.82 7.97
N LEU A 39 -4.09 3.47 7.17
CA LEU A 39 -3.10 2.44 7.44
C LEU A 39 -1.76 3.12 7.24
N ARG A 40 -0.93 3.11 8.28
CA ARG A 40 0.38 3.72 8.29
C ARG A 40 1.37 2.64 8.67
N PHE A 41 2.38 2.40 7.85
CA PHE A 41 3.40 1.40 8.09
C PHE A 41 4.77 2.09 8.10
N ASP A 42 5.34 2.31 9.28
CA ASP A 42 6.64 2.94 9.48
C ASP A 42 7.70 1.88 9.18
N ILE A 43 8.30 1.95 7.99
CA ILE A 43 9.31 1.01 7.52
C ILE A 43 10.46 0.89 8.54
N ARG A 44 11.03 2.02 8.98
CA ARG A 44 12.15 2.01 9.94
C ARG A 44 11.80 1.30 11.24
N ALA A 45 10.54 1.34 11.65
CA ALA A 45 10.07 0.74 12.88
C ALA A 45 9.66 -0.72 12.72
N SER A 46 9.78 -1.29 11.52
CA SER A 46 9.37 -2.66 11.27
C SER A 46 10.54 -3.62 11.19
N SER A 47 10.28 -4.93 11.34
CA SER A 47 11.29 -5.98 11.28
C SER A 47 11.65 -6.38 9.84
N LEU A 48 11.33 -5.53 8.85
CA LEU A 48 11.66 -5.77 7.45
C LEU A 48 13.19 -5.86 7.31
N PRO A 49 13.72 -6.55 6.30
CA PRO A 49 15.15 -6.66 6.12
C PRO A 49 15.76 -5.34 5.64
N GLU A 50 17.03 -5.12 5.95
CA GLU A 50 17.79 -3.93 5.60
C GLU A 50 17.70 -3.63 4.09
N TYR A 51 17.65 -4.66 3.23
CA TYR A 51 17.55 -4.48 1.79
C TYR A 51 16.23 -3.77 1.46
N TYR A 52 15.11 -4.27 2.01
CA TYR A 52 13.79 -3.69 1.79
C TYR A 52 13.77 -2.28 2.38
N LYS A 53 14.37 -2.07 3.57
CA LYS A 53 14.40 -0.76 4.22
C LYS A 53 14.88 0.29 3.22
N GLU A 54 16.01 0.04 2.55
CA GLU A 54 16.56 0.98 1.56
C GLU A 54 15.64 1.20 0.37
N ARG A 55 15.03 0.13 -0.13
CA ARG A 55 14.15 0.20 -1.31
C ARG A 55 12.95 1.05 -1.05
N LEU A 56 12.34 0.86 0.10
CA LEU A 56 11.16 1.56 0.51
C LEU A 56 11.47 2.99 0.90
N LEU A 57 12.70 3.28 1.37
CA LEU A 57 13.10 4.64 1.72
C LEU A 57 13.49 5.39 0.45
N ALA A 58 14.13 4.71 -0.52
CA ALA A 58 14.56 5.28 -1.80
C ALA A 58 13.43 5.21 -2.84
N ALA A 59 12.26 4.73 -2.44
CA ALA A 59 11.08 4.61 -3.29
C ALA A 59 10.60 6.01 -3.62
N SER A 60 9.88 6.14 -4.74
CA SER A 60 9.34 7.43 -5.15
C SER A 60 7.86 7.22 -5.42
N HIS A 61 7.09 7.33 -4.34
CA HIS A 61 5.65 7.18 -4.34
C HIS A 61 5.05 8.29 -3.49
N HIS A 62 4.00 8.98 -3.95
CA HIS A 62 3.37 10.04 -3.15
C HIS A 62 2.71 9.47 -1.88
N LEU A 63 2.41 8.17 -1.87
CA LEU A 63 1.80 7.49 -0.72
C LEU A 63 2.86 7.31 0.36
N ILE A 64 4.14 7.34 0.01
CA ILE A 64 5.27 7.19 0.92
C ILE A 64 5.79 8.59 1.22
N SER A 65 6.49 8.72 2.33
CA SER A 65 7.11 9.94 2.79
C SER A 65 8.57 9.60 3.05
N SER A 66 9.46 10.54 2.75
CA SER A 66 10.91 10.43 2.91
C SER A 66 11.35 10.00 4.30
N ASP A 67 10.51 10.17 5.33
CA ASP A 67 10.84 9.76 6.70
C ASP A 67 11.00 8.24 6.76
N GLY A 68 10.33 7.50 5.87
CA GLY A 68 10.35 6.06 5.77
C GLY A 68 9.02 5.48 6.23
N VAL A 69 7.91 6.05 5.77
CA VAL A 69 6.57 5.62 6.13
C VAL A 69 5.69 5.56 4.89
N ILE A 70 4.87 4.52 4.80
CA ILE A 70 3.92 4.27 3.74
C ILE A 70 2.55 4.57 4.35
N VAL A 71 1.73 5.40 3.70
CA VAL A 71 0.41 5.78 4.16
C VAL A 71 -0.61 5.34 3.09
N ILE A 72 -1.64 4.60 3.49
CA ILE A 72 -2.71 4.09 2.63
C ILE A 72 -4.03 4.42 3.31
N LYS A 73 -5.04 4.78 2.54
CA LYS A 73 -6.36 5.10 3.05
C LYS A 73 -7.33 4.35 2.15
N ALA A 74 -7.80 3.18 2.57
CA ALA A 74 -8.73 2.35 1.79
C ALA A 74 -10.17 2.70 2.19
N GLN A 75 -11.03 2.87 1.18
CA GLN A 75 -12.44 3.19 1.35
C GLN A 75 -13.22 2.54 0.22
N GLU A 76 -14.08 1.59 0.53
CA GLU A 76 -14.94 0.87 -0.40
C GLU A 76 -16.12 0.31 0.37
N TYR A 77 -15.85 -0.25 1.55
CA TYR A 77 -16.86 -0.85 2.41
C TYR A 77 -17.45 0.19 3.34
N ARG A 78 -18.61 -0.11 3.92
CA ARG A 78 -19.26 0.80 4.86
C ARG A 78 -18.84 0.48 6.30
N SER A 79 -18.14 -0.63 6.55
CA SER A 79 -17.72 -0.99 7.89
C SER A 79 -16.26 -0.64 8.09
N GLN A 80 -15.95 0.00 9.22
CA GLN A 80 -14.61 0.41 9.65
C GLN A 80 -13.81 -0.83 10.13
N GLU A 81 -14.16 -2.01 9.62
CA GLU A 81 -13.59 -3.32 9.90
C GLU A 81 -13.16 -4.01 8.61
N LEU A 82 -13.77 -3.69 7.47
CA LEU A 82 -13.43 -4.29 6.18
C LEU A 82 -12.49 -3.39 5.39
N ASN A 83 -12.45 -2.09 5.71
CA ASN A 83 -11.59 -1.15 5.00
C ASN A 83 -10.14 -1.30 5.46
N ARG A 84 -9.91 -1.84 6.66
CA ARG A 84 -8.56 -2.04 7.21
C ARG A 84 -7.83 -3.09 6.37
N GLU A 85 -8.47 -4.23 6.10
CA GLU A 85 -7.84 -5.28 5.32
C GLU A 85 -7.72 -4.84 3.86
N ALA A 86 -8.59 -3.93 3.39
CA ALA A 86 -8.53 -3.46 2.02
C ALA A 86 -7.26 -2.60 1.84
N ALA A 87 -6.70 -2.06 2.93
CA ALA A 87 -5.49 -1.26 2.89
C ALA A 87 -4.25 -2.16 2.89
N LEU A 88 -4.27 -3.28 3.64
CA LEU A 88 -3.11 -4.18 3.67
C LEU A 88 -2.85 -4.74 2.27
N ALA A 89 -3.91 -5.04 1.50
CA ALA A 89 -3.78 -5.55 0.14
C ALA A 89 -2.96 -4.58 -0.71
N ARG A 90 -3.33 -3.29 -0.66
CA ARG A 90 -2.68 -2.20 -1.39
C ARG A 90 -1.22 -2.03 -0.96
N LEU A 91 -0.92 -2.26 0.31
CA LEU A 91 0.43 -2.14 0.87
C LEU A 91 1.35 -3.17 0.23
N VAL A 92 0.94 -4.43 0.23
CA VAL A 92 1.73 -5.52 -0.34
C VAL A 92 2.12 -5.22 -1.81
N ALA A 93 1.19 -4.66 -2.59
CA ALA A 93 1.36 -4.36 -4.01
C ALA A 93 2.51 -3.39 -4.28
N MET A 94 2.42 -2.18 -3.75
CA MET A 94 3.45 -1.15 -3.91
C MET A 94 4.79 -1.66 -3.37
N ILE A 95 4.81 -2.45 -2.29
CA ILE A 95 6.07 -2.98 -1.76
C ILE A 95 6.75 -3.83 -2.82
N LYS A 96 5.97 -4.69 -3.49
CA LYS A 96 6.53 -5.57 -4.52
C LYS A 96 7.08 -4.79 -5.70
N GLU A 97 6.52 -3.63 -6.00
CA GLU A 97 6.95 -2.79 -7.10
C GLU A 97 8.28 -2.13 -6.76
N LEU A 98 8.31 -1.43 -5.63
CA LEU A 98 9.46 -0.68 -5.12
C LEU A 98 10.70 -1.53 -4.85
N THR A 99 10.51 -2.85 -4.82
CA THR A 99 11.59 -3.80 -4.61
C THR A 99 12.00 -4.51 -5.92
N THR A 100 11.18 -4.44 -6.99
CA THR A 100 11.48 -5.07 -8.28
C THR A 100 12.04 -4.05 -9.30
N GLU A 101 12.04 -2.74 -9.00
CA GLU A 101 12.55 -1.66 -9.85
C GLU A 101 14.10 -1.63 -9.93
N LYS A 102 14.70 -2.82 -9.99
CA LYS A 102 16.13 -3.08 -10.08
C LYS A 102 16.67 -2.57 -11.41
N LYS A 103 16.10 -3.01 -12.53
CA LYS A 103 16.49 -2.63 -13.88
C LYS A 103 15.39 -3.11 -14.82
N ALA A 104 15.04 -2.33 -15.84
CA ALA A 104 14.03 -2.76 -16.79
C ALA A 104 14.63 -3.88 -17.66
N ARG A 105 15.89 -3.70 -18.08
CA ARG A 105 16.63 -4.66 -18.89
C ARG A 105 16.97 -5.86 -18.02
N ARG A 106 16.98 -7.08 -18.60
CA ARG A 106 17.30 -8.31 -17.86
C ARG A 106 18.73 -8.75 -18.20
N PRO A 107 19.39 -9.55 -17.33
CA PRO A 107 20.74 -10.04 -17.57
C PRO A 107 20.64 -11.18 -18.60
N THR A 108 20.83 -10.87 -19.89
CA THR A 108 20.75 -11.87 -20.96
C THR A 108 22.14 -12.42 -21.30
N ARG A 109 23.18 -11.58 -21.22
CA ARG A 109 24.57 -11.92 -21.52
C ARG A 109 25.38 -11.72 -20.23
N SER A 110 26.67 -12.03 -20.27
CA SER A 110 27.58 -11.86 -19.16
C SER A 110 27.61 -10.39 -18.73
N GLY A 111 27.93 -10.12 -17.47
CA GLY A 111 28.01 -8.77 -16.95
C GLY A 111 29.08 -8.73 -15.87
N PRO A 112 28.74 -8.93 -14.59
CA PRO A 112 29.71 -8.94 -13.51
C PRO A 112 30.50 -10.25 -13.52
N SER A 113 31.55 -10.33 -12.71
CA SER A 113 32.38 -11.53 -12.60
C SER A 113 31.57 -12.69 -11.99
N SER A 114 32.13 -13.89 -12.02
CA SER A 114 31.55 -15.11 -11.47
C SER A 114 32.68 -15.75 -10.67
N GLY A 115 32.45 -16.03 -9.38
CA GLY A 115 33.45 -16.63 -8.51
C GLY A 115 33.59 -18.13 -8.75
N GLU A 116 34.02 -18.50 -9.96
CA GLU A 116 34.27 -19.86 -10.46
C GLU A 116 33.21 -20.90 -10.04
N ASN A 117 31.95 -20.45 -9.92
CA ASN A 117 30.85 -21.31 -9.53
C ASN A 117 30.61 -22.39 -10.59
N LEU A 118 30.44 -23.62 -10.12
CA LEU A 118 30.19 -24.80 -10.94
C LEU A 118 28.72 -25.20 -10.80
N TYR A 119 28.27 -26.10 -11.66
CA TYR A 119 26.91 -26.61 -11.71
C TYR A 119 26.97 -28.13 -11.87
N PHE A 120 25.82 -28.79 -11.74
CA PHE A 120 25.65 -30.22 -11.86
C PHE A 120 24.46 -30.42 -12.79
N GLN A 121 24.65 -31.22 -13.84
CA GLN A 121 23.62 -31.55 -14.82
C GLN A 121 22.96 -32.83 -14.31
N MET A 1 -0.40 -11.72 7.77
CA MET A 1 1.04 -12.06 7.65
C MET A 1 1.81 -11.28 6.58
N ILE A 2 1.19 -10.51 5.66
CA ILE A 2 1.86 -9.70 4.63
C ILE A 2 3.14 -10.37 4.11
N VAL A 3 3.03 -11.62 3.68
CA VAL A 3 4.16 -12.40 3.19
C VAL A 3 4.59 -11.87 1.83
N ILE A 4 5.70 -11.13 1.81
CA ILE A 4 6.25 -10.55 0.60
C ILE A 4 7.22 -11.55 -0.08
N SER A 5 8.03 -12.28 0.69
CA SER A 5 9.02 -13.22 0.16
C SER A 5 9.21 -14.44 1.06
N ARG A 6 10.23 -15.26 0.74
CA ARG A 6 10.59 -16.46 1.51
C ARG A 6 11.02 -16.13 2.94
N HIS A 7 11.36 -14.88 3.23
CA HIS A 7 11.81 -14.45 4.56
C HIS A 7 11.10 -13.20 5.08
N VAL A 8 10.28 -12.52 4.27
CA VAL A 8 9.58 -11.31 4.67
C VAL A 8 8.09 -11.56 4.80
N ALA A 9 7.55 -11.38 6.01
CA ALA A 9 6.14 -11.55 6.35
C ALA A 9 5.88 -10.82 7.67
N ILE A 10 5.23 -9.65 7.61
CA ILE A 10 4.89 -8.84 8.79
C ILE A 10 3.69 -9.49 9.50
N PRO A 11 3.64 -9.61 10.84
CA PRO A 11 2.50 -10.22 11.53
C PRO A 11 1.20 -9.39 11.42
N ASP A 12 1.22 -8.23 10.75
CA ASP A 12 0.11 -7.28 10.51
C ASP A 12 -0.25 -6.44 11.73
N GLY A 13 0.20 -6.85 12.92
CA GLY A 13 -0.07 -6.16 14.17
C GLY A 13 1.00 -5.12 14.49
N GLU A 14 2.13 -5.18 13.77
CA GLU A 14 3.24 -4.26 13.94
C GLU A 14 3.03 -2.92 13.24
N LEU A 15 1.93 -2.75 12.53
CA LEU A 15 1.61 -1.52 11.80
C LEU A 15 0.80 -0.61 12.71
N GLU A 16 0.59 0.63 12.28
CA GLU A 16 -0.15 1.64 13.01
C GLU A 16 -1.38 2.00 12.16
N ILE A 17 -2.57 1.53 12.52
CA ILE A 17 -3.79 1.81 11.77
C ILE A 17 -4.61 2.84 12.56
N THR A 18 -5.39 3.67 11.89
CA THR A 18 -6.23 4.70 12.48
C THR A 18 -7.56 4.83 11.74
N ALA A 19 -8.57 5.38 12.42
CA ALA A 19 -9.89 5.59 11.87
C ALA A 19 -9.98 7.05 11.43
N ILE A 20 -10.49 7.26 10.22
CA ILE A 20 -10.66 8.57 9.62
C ILE A 20 -12.09 8.76 9.14
N ARG A 21 -12.51 10.02 9.09
CA ARG A 21 -13.84 10.42 8.68
C ARG A 21 -13.72 11.65 7.80
N ALA A 22 -14.30 11.58 6.61
CA ALA A 22 -14.29 12.72 5.70
C ALA A 22 -15.40 13.62 6.24
N GLN A 23 -15.05 14.70 6.94
CA GLN A 23 -16.03 15.62 7.52
C GLN A 23 -15.40 16.96 7.87
N GLY A 24 -16.24 17.93 8.18
CA GLY A 24 -15.91 19.30 8.55
C GLY A 24 -16.27 20.25 7.42
N ALA A 25 -15.29 21.07 7.03
CA ALA A 25 -15.42 22.08 6.00
C ALA A 25 -15.92 21.49 4.68
N GLY A 26 -16.73 22.29 4.00
CA GLY A 26 -17.38 22.03 2.73
C GLY A 26 -16.74 22.80 1.58
N GLY A 27 -16.95 22.31 0.36
CA GLY A 27 -16.46 22.93 -0.87
C GLY A 27 -15.53 22.04 -1.69
N GLN A 28 -14.79 21.13 -1.06
CA GLN A 28 -13.89 20.23 -1.77
C GLN A 28 -14.68 19.02 -2.29
N HIS A 29 -14.00 18.02 -2.86
CA HIS A 29 -14.64 16.84 -3.40
C HIS A 29 -15.15 15.90 -2.28
N VAL A 30 -16.27 16.28 -1.67
CA VAL A 30 -16.99 15.60 -0.59
C VAL A 30 -17.67 14.29 -1.04
N ASN A 31 -17.48 13.88 -2.30
CA ASN A 31 -18.04 12.69 -2.93
C ASN A 31 -17.31 11.40 -2.51
N LYS A 32 -16.94 11.22 -1.23
CA LYS A 32 -16.23 10.01 -0.78
C LYS A 32 -16.83 9.46 0.50
N THR A 33 -16.75 8.14 0.64
CA THR A 33 -17.24 7.37 1.78
C THR A 33 -16.51 7.81 3.05
N SER A 34 -17.19 8.55 3.93
CA SER A 34 -16.64 9.07 5.17
C SER A 34 -15.98 8.01 6.06
N THR A 35 -16.70 6.95 6.45
CA THR A 35 -16.18 5.89 7.30
C THR A 35 -15.03 5.18 6.57
N ALA A 36 -13.77 5.57 6.86
CA ALA A 36 -12.61 5.00 6.21
C ALA A 36 -11.51 4.65 7.21
N ILE A 37 -10.39 4.10 6.70
CA ILE A 37 -9.26 3.68 7.50
C ILE A 37 -7.98 4.27 6.93
N HIS A 38 -7.07 4.57 7.82
CA HIS A 38 -5.77 5.14 7.58
C HIS A 38 -4.78 4.05 8.01
N LEU A 39 -3.86 3.65 7.14
CA LEU A 39 -2.87 2.62 7.43
C LEU A 39 -1.51 3.28 7.35
N ARG A 40 -0.71 3.12 8.40
CA ARG A 40 0.62 3.69 8.51
C ARG A 40 1.58 2.54 8.75
N PHE A 41 2.56 2.43 7.86
CA PHE A 41 3.60 1.42 7.97
C PHE A 41 4.93 2.13 7.92
N ASP A 42 5.50 2.37 9.10
CA ASP A 42 6.78 3.03 9.29
C ASP A 42 7.88 2.00 9.07
N ILE A 43 8.44 2.02 7.87
CA ILE A 43 9.50 1.14 7.44
C ILE A 43 10.68 1.30 8.41
N ARG A 44 11.04 2.54 8.76
CA ARG A 44 12.14 2.82 9.67
C ARG A 44 11.91 2.15 11.02
N ALA A 45 10.66 1.95 11.43
CA ALA A 45 10.24 1.32 12.68
C ALA A 45 9.84 -0.14 12.50
N SER A 46 10.13 -0.77 11.36
CA SER A 46 9.75 -2.16 11.11
C SER A 46 10.95 -3.09 11.27
N SER A 47 10.69 -4.38 11.31
CA SER A 47 11.72 -5.41 11.44
C SER A 47 12.12 -5.97 10.07
N LEU A 48 11.72 -5.30 8.97
CA LEU A 48 12.04 -5.70 7.61
C LEU A 48 13.55 -5.79 7.41
N PRO A 49 14.02 -6.57 6.42
CA PRO A 49 15.44 -6.68 6.15
C PRO A 49 15.97 -5.33 5.69
N GLU A 50 17.24 -5.05 5.98
CA GLU A 50 17.92 -3.81 5.63
C GLU A 50 17.79 -3.47 4.13
N TYR A 51 17.79 -4.46 3.24
CA TYR A 51 17.66 -4.24 1.81
C TYR A 51 16.27 -3.67 1.52
N TYR A 52 15.22 -4.15 2.21
CA TYR A 52 13.88 -3.63 2.01
C TYR A 52 13.84 -2.23 2.60
N LYS A 53 14.50 -1.97 3.74
CA LYS A 53 14.51 -0.66 4.35
C LYS A 53 14.97 0.37 3.32
N GLU A 54 16.10 0.12 2.67
CA GLU A 54 16.61 1.03 1.65
C GLU A 54 15.66 1.15 0.47
N ARG A 55 15.11 0.03 0.01
CA ARG A 55 14.21 0.01 -1.14
C ARG A 55 12.98 0.85 -0.93
N LEU A 56 12.33 0.70 0.22
CA LEU A 56 11.12 1.45 0.52
C LEU A 56 11.46 2.90 0.89
N LEU A 57 12.69 3.23 1.29
CA LEU A 57 13.07 4.60 1.61
C LEU A 57 13.39 5.37 0.32
N ALA A 58 14.11 4.73 -0.60
CA ALA A 58 14.52 5.28 -1.89
C ALA A 58 13.37 5.30 -2.90
N ALA A 59 12.28 4.61 -2.57
CA ALA A 59 11.06 4.49 -3.37
C ALA A 59 10.54 5.86 -3.78
N SER A 60 10.02 5.95 -5.00
CA SER A 60 9.46 7.20 -5.51
C SER A 60 7.95 7.03 -5.53
N HIS A 61 7.29 7.31 -4.40
CA HIS A 61 5.84 7.23 -4.29
C HIS A 61 5.27 8.43 -3.54
N HIS A 62 4.17 9.00 -4.04
CA HIS A 62 3.47 10.14 -3.40
C HIS A 62 2.75 9.70 -2.11
N LEU A 63 2.94 8.44 -1.67
CA LEU A 63 2.37 7.81 -0.49
C LEU A 63 3.44 7.47 0.55
N ILE A 64 4.74 7.63 0.27
CA ILE A 64 5.81 7.35 1.21
C ILE A 64 6.54 8.66 1.48
N SER A 65 6.92 8.88 2.74
CA SER A 65 7.61 10.09 3.16
C SER A 65 9.11 9.81 3.34
N SER A 66 9.90 10.88 3.40
CA SER A 66 11.34 10.86 3.59
C SER A 66 11.67 10.19 4.95
N ASP A 67 10.74 10.25 5.91
CA ASP A 67 10.89 9.66 7.24
C ASP A 67 10.83 8.13 7.16
N GLY A 68 10.48 7.57 5.98
CA GLY A 68 10.39 6.14 5.72
C GLY A 68 9.13 5.55 6.28
N VAL A 69 7.98 6.11 5.92
CA VAL A 69 6.69 5.62 6.39
C VAL A 69 5.68 5.74 5.25
N ILE A 70 5.02 4.62 4.96
CA ILE A 70 4.02 4.45 3.93
C ILE A 70 2.67 4.83 4.56
N VAL A 71 1.87 5.61 3.85
CA VAL A 71 0.56 6.08 4.27
C VAL A 71 -0.42 5.71 3.16
N ILE A 72 -1.39 4.87 3.50
CA ILE A 72 -2.43 4.37 2.60
C ILE A 72 -3.78 4.73 3.20
N LYS A 73 -4.74 5.09 2.36
CA LYS A 73 -6.09 5.46 2.76
C LYS A 73 -7.03 4.63 1.90
N ALA A 74 -7.48 3.51 2.47
CA ALA A 74 -8.37 2.54 1.84
C ALA A 74 -9.79 2.91 2.24
N GLN A 75 -10.68 3.04 1.26
CA GLN A 75 -12.07 3.37 1.50
C GLN A 75 -12.89 2.80 0.34
N GLU A 76 -13.77 1.84 0.66
CA GLU A 76 -14.66 1.16 -0.28
C GLU A 76 -15.89 0.65 0.48
N TYR A 77 -15.71 0.13 1.70
CA TYR A 77 -16.78 -0.43 2.52
C TYR A 77 -17.43 0.59 3.43
N ARG A 78 -18.70 0.31 3.79
CA ARG A 78 -19.54 1.11 4.66
C ARG A 78 -19.15 1.03 6.14
N SER A 79 -18.28 0.09 6.54
CA SER A 79 -17.85 -0.10 7.92
C SER A 79 -16.48 0.53 8.12
N GLN A 80 -15.87 0.34 9.30
CA GLN A 80 -14.55 0.84 9.66
C GLN A 80 -13.69 -0.37 10.11
N GLU A 81 -13.95 -1.54 9.53
CA GLU A 81 -13.27 -2.80 9.83
C GLU A 81 -12.94 -3.62 8.59
N LEU A 82 -13.49 -3.27 7.43
CA LEU A 82 -13.26 -3.95 6.16
C LEU A 82 -12.29 -3.13 5.30
N ASN A 83 -12.12 -1.84 5.60
CA ASN A 83 -11.23 -0.96 4.86
C ASN A 83 -9.81 -1.20 5.37
N ARG A 84 -9.63 -1.80 6.57
CA ARG A 84 -8.31 -2.08 7.11
C ARG A 84 -7.62 -3.16 6.27
N GLU A 85 -8.31 -4.27 5.99
CA GLU A 85 -7.74 -5.35 5.19
C GLU A 85 -7.54 -4.90 3.74
N ALA A 86 -8.29 -3.90 3.28
CA ALA A 86 -8.13 -3.41 1.92
C ALA A 86 -6.80 -2.64 1.83
N ALA A 87 -6.40 -2.00 2.93
CA ALA A 87 -5.15 -1.26 2.99
C ALA A 87 -3.99 -2.25 2.92
N LEU A 88 -4.10 -3.44 3.54
CA LEU A 88 -3.04 -4.45 3.50
C LEU A 88 -2.84 -4.88 2.04
N ALA A 89 -3.92 -5.06 1.27
CA ALA A 89 -3.85 -5.45 -0.13
C ALA A 89 -3.05 -4.43 -0.94
N ARG A 90 -3.20 -3.14 -0.63
CA ARG A 90 -2.50 -2.06 -1.31
C ARG A 90 -1.04 -2.02 -0.86
N LEU A 91 -0.80 -2.22 0.44
CA LEU A 91 0.51 -2.20 1.05
C LEU A 91 1.43 -3.24 0.42
N VAL A 92 0.98 -4.50 0.42
CA VAL A 92 1.76 -5.60 -0.16
C VAL A 92 2.13 -5.32 -1.62
N ALA A 93 1.19 -4.77 -2.39
CA ALA A 93 1.35 -4.47 -3.79
C ALA A 93 2.46 -3.46 -4.04
N MET A 94 2.33 -2.26 -3.49
CA MET A 94 3.32 -1.21 -3.65
C MET A 94 4.66 -1.67 -3.11
N ILE A 95 4.70 -2.42 -2.00
CA ILE A 95 5.97 -2.90 -1.46
C ILE A 95 6.65 -3.74 -2.56
N LYS A 96 5.91 -4.67 -3.19
CA LYS A 96 6.48 -5.52 -4.24
C LYS A 96 6.89 -4.71 -5.46
N GLU A 97 6.22 -3.61 -5.79
CA GLU A 97 6.56 -2.81 -6.95
C GLU A 97 7.88 -2.06 -6.72
N LEU A 98 8.04 -1.49 -5.52
CA LEU A 98 9.19 -0.70 -5.09
C LEU A 98 10.45 -1.53 -4.85
N THR A 99 10.30 -2.78 -4.41
CA THR A 99 11.47 -3.64 -4.18
C THR A 99 12.01 -4.25 -5.48
N THR A 100 11.30 -4.15 -6.60
CA THR A 100 11.70 -4.72 -7.88
C THR A 100 12.03 -3.63 -8.92
N GLU A 101 12.36 -4.05 -10.14
CA GLU A 101 12.73 -3.20 -11.28
C GLU A 101 11.79 -3.43 -12.47
N LYS A 102 11.77 -2.47 -13.41
CA LYS A 102 10.98 -2.52 -14.63
C LYS A 102 11.34 -3.80 -15.40
N LYS A 103 10.45 -4.24 -16.29
CA LYS A 103 10.69 -5.44 -17.06
C LYS A 103 11.85 -5.25 -18.04
N ALA A 104 12.53 -6.35 -18.36
CA ALA A 104 13.66 -6.45 -19.27
C ALA A 104 13.50 -7.74 -20.07
N ARG A 105 13.05 -7.64 -21.32
CA ARG A 105 12.84 -8.77 -22.23
C ARG A 105 13.79 -8.63 -23.43
N ARG A 106 14.98 -8.11 -23.18
CA ARG A 106 16.07 -7.86 -24.12
C ARG A 106 17.36 -8.17 -23.34
N PRO A 107 18.45 -8.54 -24.02
CA PRO A 107 19.71 -8.84 -23.35
C PRO A 107 20.25 -7.55 -22.75
N THR A 108 20.29 -7.48 -21.42
CA THR A 108 20.79 -6.32 -20.69
C THR A 108 22.29 -6.16 -20.97
N ARG A 109 22.82 -4.96 -20.71
CA ARG A 109 24.22 -4.63 -20.94
C ARG A 109 25.09 -5.22 -19.82
N SER A 110 25.44 -6.48 -19.94
CA SER A 110 26.27 -7.17 -18.95
C SER A 110 27.71 -6.62 -18.93
N GLY A 111 28.43 -6.93 -17.85
CA GLY A 111 29.81 -6.53 -17.64
C GLY A 111 29.99 -5.02 -17.49
N PRO A 112 31.24 -4.57 -17.26
CA PRO A 112 31.55 -3.15 -17.10
C PRO A 112 31.44 -2.43 -18.44
N SER A 113 31.53 -1.10 -18.42
CA SER A 113 31.45 -0.25 -19.60
C SER A 113 32.76 0.56 -19.76
N SER A 114 33.87 0.00 -19.26
CA SER A 114 35.21 0.54 -19.29
C SER A 114 36.15 -0.59 -18.82
N GLY A 115 37.46 -0.32 -18.77
CA GLY A 115 38.48 -1.27 -18.34
C GLY A 115 39.46 -1.65 -19.44
N GLU A 116 39.23 -1.20 -20.68
CA GLU A 116 40.06 -1.47 -21.86
C GLU A 116 41.55 -1.23 -21.59
N ASN A 117 41.87 -0.09 -21.00
CA ASN A 117 43.25 0.28 -20.64
C ASN A 117 43.54 -0.36 -19.29
N LEU A 118 43.68 -1.69 -19.30
CA LEU A 118 43.96 -2.48 -18.12
C LEU A 118 45.43 -2.29 -17.74
N TYR A 119 45.66 -1.52 -16.68
CA TYR A 119 46.97 -1.20 -16.13
C TYR A 119 47.01 -1.68 -14.67
N PHE A 120 48.14 -1.46 -14.00
CA PHE A 120 48.38 -1.83 -12.62
C PHE A 120 48.80 -0.56 -11.89
N GLN A 121 48.00 -0.11 -10.95
CA GLN A 121 48.17 1.06 -10.12
C GLN A 121 47.41 0.77 -8.83
#